data_2I4O
#
_entry.id   2I4O
#
_cell.length_a   114.200
_cell.length_b   211.210
_cell.length_c   148.210
_cell.angle_alpha   90.00
_cell.angle_beta   90.00
_cell.angle_gamma   90.00
#
_symmetry.space_group_name_H-M   'C 2 2 21'
#
loop_
_entity.id
_entity.type
_entity.pdbx_description
1 polymer 'Proline-tRNA ligase'
2 non-polymer 'MAGNESIUM ION'
3 non-polymer "ADENOSINE-5'-TRIPHOSPHATE"
4 water water
#
_entity_poly.entity_id   1
_entity_poly.type   'polypeptide(L)'
_entity_poly.pdbx_seq_one_letter_code
;MGSSHHHHHHSSGLVPRGSHMRLSRFFLPILKENPKEAEIVSHRLMLRAGMLRQEAAGIYAWLPLGHRVLKKIEQIVREE
QNRAGAIELLMPTLQLADLWRESGRYDAYGPEMLRIADRHKRELLYGPTNEEMITEIFRAYIKSYKSLPLNLYHIQWKFR
DEQRPRFGVMRGREFLMKDAYSFDVDEAGARKSYNKMFVAYLRTFARMGLKAIPMRAETGPIGGDLSHEFIVLAETGESG
VYIDRDVLNLPVPDENVDYDGDLTPIIKQWTSVYAATEDVHEPARYESEVPEANRLNTRGIEVGQIFYFGTKYSDSMKAN
VTGPDGTDAPIHGGSYGVGVSRLLGAIIEACHDDNGIIWPEAVAPFRVTILNLKQGDAATDAACDQLYRELSAKGVDVLY
DDTDQRAGAKFATADLIGIPWQIHVGPRGLAEGKVELKRRSDGARENLALADVVARLT
;
_entity_poly.pdbx_strand_id   A,B,C
#
# COMPACT_ATOMS: atom_id res chain seq x y z
N GLY A 18 -3.86 -8.58 30.80
CA GLY A 18 -3.46 -10.01 31.00
C GLY A 18 -3.91 -10.91 29.85
N SER A 19 -2.98 -11.20 28.92
CA SER A 19 -3.29 -11.96 27.70
C SER A 19 -3.42 -13.44 27.96
N HIS A 20 -4.66 -13.89 28.07
CA HIS A 20 -5.00 -15.20 28.59
C HIS A 20 -5.50 -16.11 27.48
N MET A 21 -5.28 -17.42 27.65
CA MET A 21 -5.67 -18.40 26.65
C MET A 21 -6.02 -19.74 27.31
N ARG A 22 -6.95 -20.47 26.70
CA ARG A 22 -7.28 -21.85 27.06
C ARG A 22 -6.69 -22.71 25.97
N LEU A 23 -5.91 -23.74 26.34
CA LEU A 23 -5.28 -24.61 25.35
C LEU A 23 -6.24 -25.31 24.37
N SER A 24 -7.51 -25.49 24.74
CA SER A 24 -8.50 -26.08 23.81
C SER A 24 -8.82 -25.16 22.63
N ARG A 25 -8.49 -23.87 22.76
CA ARG A 25 -8.82 -22.85 21.77
C ARG A 25 -7.54 -22.14 21.30
N PHE A 26 -6.46 -22.89 21.23
CA PHE A 26 -5.12 -22.36 20.92
C PHE A 26 -4.61 -23.17 19.76
N PHE A 27 -3.44 -22.83 19.24
CA PHE A 27 -2.81 -23.61 18.20
C PHE A 27 -1.40 -23.87 18.65
N LEU A 28 -1.17 -25.07 19.16
CA LEU A 28 0.12 -25.46 19.68
C LEU A 28 0.43 -26.89 19.26
N PRO A 29 1.02 -27.06 18.06
CA PRO A 29 1.30 -28.39 17.56
C PRO A 29 2.60 -29.02 18.14
N ILE A 30 2.46 -29.69 19.28
CA ILE A 30 3.59 -30.32 19.97
C ILE A 30 4.05 -31.52 19.15
N LEU A 31 5.36 -31.77 19.15
CA LEU A 31 5.92 -32.90 18.42
C LEU A 31 6.57 -33.91 19.34
N LYS A 32 6.12 -35.15 19.22
CA LYS A 32 6.62 -36.30 19.99
C LYS A 32 8.12 -36.53 19.76
N GLU A 33 8.51 -36.64 18.50
CA GLU A 33 9.87 -37.06 18.15
C GLU A 33 10.77 -35.90 17.76
N ASN A 34 11.93 -35.83 18.44
CA ASN A 34 13.07 -35.01 18.04
C ASN A 34 13.21 -34.93 16.53
N PRO A 35 12.97 -33.74 15.95
CA PRO A 35 13.03 -33.64 14.51
C PRO A 35 14.45 -33.89 14.06
N LYS A 36 14.58 -34.49 12.89
CA LYS A 36 15.85 -34.97 12.35
C LYS A 36 16.67 -33.81 11.83
N GLU A 37 15.99 -32.75 11.41
CA GLU A 37 16.62 -31.60 10.74
C GLU A 37 17.40 -30.72 11.70
N ALA A 38 17.01 -30.80 12.97
CA ALA A 38 17.54 -29.97 14.04
C ALA A 38 18.83 -30.54 14.52
N GLU A 39 19.88 -29.71 14.48
CA GLU A 39 21.24 -30.12 14.87
C GLU A 39 21.59 -29.67 16.27
N ILE A 40 20.92 -28.62 16.75
CA ILE A 40 21.21 -28.07 18.07
C ILE A 40 19.93 -28.07 18.90
N VAL A 41 20.08 -28.04 20.23
CA VAL A 41 18.94 -28.03 21.16
C VAL A 41 17.85 -27.02 20.88
N SER A 42 18.25 -25.76 20.68
CA SER A 42 17.29 -24.66 20.57
C SER A 42 16.36 -24.79 19.34
N HIS A 43 16.89 -25.25 18.22
CA HIS A 43 16.11 -25.50 17.00
C HIS A 43 15.17 -26.70 17.17
N ARG A 44 15.67 -27.76 17.80
CA ARG A 44 14.91 -28.95 18.13
C ARG A 44 13.71 -28.63 19.02
N LEU A 45 13.94 -27.84 20.08
CA LEU A 45 12.87 -27.52 21.03
C LEU A 45 11.86 -26.52 20.49
N MET A 46 12.32 -25.59 19.64
CA MET A 46 11.41 -24.65 18.98
C MET A 46 10.42 -25.39 18.10
N LEU A 47 10.94 -26.38 17.37
CA LEU A 47 10.10 -27.24 16.57
C LEU A 47 9.17 -28.09 17.44
N ARG A 48 9.73 -28.80 18.43
CA ARG A 48 8.94 -29.71 19.30
C ARG A 48 7.84 -28.98 20.03
N ALA A 49 8.15 -27.79 20.53
CA ALA A 49 7.28 -26.98 21.37
C ALA A 49 6.20 -26.18 20.57
N GLY A 50 6.10 -26.43 19.26
CA GLY A 50 5.05 -25.79 18.46
C GLY A 50 5.22 -24.29 18.32
N MET A 51 6.47 -23.86 18.16
CA MET A 51 6.82 -22.44 18.08
C MET A 51 7.15 -21.99 16.65
N LEU A 52 7.62 -22.95 15.85
CA LEU A 52 8.27 -22.63 14.61
C LEU A 52 7.87 -23.62 13.53
N ARG A 53 7.82 -23.16 12.28
CA ARG A 53 7.63 -24.05 11.13
C ARG A 53 8.36 -23.49 9.91
N GLN A 54 9.26 -24.29 9.33
CA GLN A 54 10.03 -23.91 8.14
C GLN A 54 9.14 -23.85 6.91
N GLU A 55 9.35 -22.83 6.09
CA GLU A 55 8.55 -22.72 4.86
C GLU A 55 9.47 -22.74 3.64
N ALA A 56 10.72 -22.37 3.88
CA ALA A 56 11.82 -22.53 2.96
C ALA A 56 13.11 -22.56 3.81
N ALA A 57 14.25 -22.76 3.19
CA ALA A 57 15.50 -22.74 3.95
C ALA A 57 15.67 -21.33 4.45
N GLY A 58 15.81 -21.18 5.77
CA GLY A 58 16.11 -19.93 6.43
C GLY A 58 14.91 -19.00 6.53
N ILE A 59 13.71 -19.50 6.19
CA ILE A 59 12.46 -18.73 6.19
C ILE A 59 11.35 -19.49 6.93
N TYR A 60 10.76 -18.86 7.94
CA TYR A 60 9.96 -19.55 8.95
C TYR A 60 8.66 -18.84 9.18
N ALA A 61 7.59 -19.62 9.38
CA ALA A 61 6.39 -19.12 10.02
C ALA A 61 6.59 -19.15 11.55
N TRP A 62 6.16 -18.08 12.23
CA TRP A 62 6.17 -18.06 13.68
C TRP A 62 4.76 -18.48 14.14
N LEU A 63 4.69 -19.68 14.72
CA LEU A 63 3.44 -20.24 15.24
C LEU A 63 3.08 -19.52 16.54
N PRO A 64 1.82 -19.67 17.00
CA PRO A 64 1.35 -18.76 18.06
C PRO A 64 2.27 -18.62 19.26
N LEU A 65 2.83 -19.70 19.80
CA LEU A 65 3.67 -19.58 21.00
C LEU A 65 5.02 -18.98 20.66
N GLY A 66 5.57 -19.30 19.51
CA GLY A 66 6.83 -18.67 19.02
C GLY A 66 6.75 -17.16 18.78
N HIS A 67 5.64 -16.73 18.19
CA HIS A 67 5.35 -15.33 17.98
C HIS A 67 5.23 -14.48 19.24
N ARG A 68 4.59 -15.03 20.27
CA ARG A 68 4.44 -14.37 21.56
C ARG A 68 5.76 -14.09 22.24
N VAL A 69 6.70 -15.02 22.17
CA VAL A 69 8.07 -14.80 22.67
C VAL A 69 8.81 -13.69 21.91
N LEU A 70 8.74 -13.77 20.56
CA LEU A 70 9.30 -12.78 19.62
C LEU A 70 8.81 -11.38 19.91
N LYS A 71 7.52 -11.26 20.22
CA LYS A 71 6.96 -9.98 20.62
C LYS A 71 7.46 -9.47 21.98
N LYS A 72 7.71 -10.37 22.93
CA LYS A 72 8.24 -9.96 24.26
C LYS A 72 9.63 -9.43 24.10
N ILE A 73 10.48 -10.17 23.39
CA ILE A 73 11.84 -9.75 23.06
C ILE A 73 11.81 -8.38 22.38
N GLU A 74 10.94 -8.25 21.38
CA GLU A 74 10.78 -7.01 20.64
C GLU A 74 10.49 -5.81 21.54
N GLN A 75 9.52 -5.95 22.42
CA GLN A 75 9.18 -4.89 23.35
C GLN A 75 10.29 -4.51 24.33
N ILE A 76 10.99 -5.50 24.90
CA ILE A 76 12.16 -5.23 25.73
C ILE A 76 13.18 -4.40 24.95
N VAL A 77 13.48 -4.81 23.72
CA VAL A 77 14.46 -4.13 22.85
C VAL A 77 14.06 -2.67 22.65
N ARG A 78 12.83 -2.47 22.18
CA ARG A 78 12.25 -1.15 22.05
C ARG A 78 12.35 -0.27 23.31
N GLU A 79 11.87 -0.78 24.46
CA GLU A 79 11.86 -0.02 25.73
C GLU A 79 13.22 0.51 26.10
N GLU A 80 14.24 -0.29 25.81
CA GLU A 80 15.60 0.06 26.17
C GLU A 80 16.25 1.05 25.21
N GLN A 81 15.96 0.92 23.90
CA GLN A 81 16.31 1.94 22.87
C GLN A 81 15.73 3.29 23.20
N ASN A 82 14.44 3.31 23.52
CA ASN A 82 13.74 4.51 23.92
C ASN A 82 14.30 5.17 25.18
N ARG A 83 14.58 4.38 26.22
CA ARG A 83 15.20 4.88 27.43
C ARG A 83 16.52 5.62 27.14
N ALA A 84 17.29 5.12 26.17
CA ALA A 84 18.57 5.73 25.76
C ALA A 84 18.40 6.91 24.80
N GLY A 85 17.17 7.17 24.40
CA GLY A 85 16.87 8.35 23.59
C GLY A 85 16.76 8.15 22.10
N ALA A 86 16.73 6.89 21.64
CA ALA A 86 16.64 6.61 20.21
C ALA A 86 15.18 6.72 19.83
N ILE A 87 14.92 6.95 18.54
CA ILE A 87 13.58 7.35 18.06
C ILE A 87 13.12 6.41 16.97
N GLU A 88 11.98 5.74 17.18
CA GLU A 88 11.57 4.64 16.32
C GLU A 88 10.87 5.12 15.07
N LEU A 89 11.26 4.59 13.93
CA LEU A 89 10.49 4.75 12.68
C LEU A 89 10.37 3.36 12.06
N LEU A 90 9.97 3.29 10.80
CA LEU A 90 10.00 2.02 10.06
C LEU A 90 10.37 2.23 8.60
N MET A 91 11.49 1.68 8.19
CA MET A 91 11.87 1.68 6.81
C MET A 91 11.29 0.45 6.11
N PRO A 92 11.00 0.58 4.80
CA PRO A 92 10.46 -0.55 4.08
C PRO A 92 11.52 -1.63 3.84
N THR A 93 11.04 -2.84 3.60
CA THR A 93 11.91 -4.00 3.33
C THR A 93 12.58 -3.92 1.95
N LEU A 94 11.89 -3.33 0.97
CA LEU A 94 12.44 -3.17 -0.39
C LEU A 94 13.02 -1.79 -0.60
N GLN A 95 14.20 -1.74 -1.20
CA GLN A 95 14.95 -0.52 -1.44
C GLN A 95 15.34 -0.46 -2.89
N LEU A 96 15.54 0.74 -3.42
CA LEU A 96 16.06 0.91 -4.78
C LEU A 96 17.55 0.63 -4.87
N ALA A 97 17.94 -0.14 -5.87
CA ALA A 97 19.34 -0.28 -6.29
C ALA A 97 20.03 1.05 -6.59
N ASP A 98 19.33 2.04 -7.16
CA ASP A 98 19.89 3.42 -7.31
C ASP A 98 20.48 3.91 -5.99
N LEU A 99 19.77 3.62 -4.90
CA LEU A 99 20.13 4.09 -3.57
C LEU A 99 21.50 3.56 -3.10
N TRP A 100 21.69 2.27 -3.31
CA TRP A 100 22.91 1.57 -2.94
C TRP A 100 24.07 1.81 -3.91
N ARG A 101 23.77 2.22 -5.14
CA ARG A 101 24.79 2.68 -6.08
C ARG A 101 25.46 3.98 -5.62
N GLU A 102 24.70 4.85 -4.95
CA GLU A 102 25.25 6.06 -4.31
C GLU A 102 26.37 5.74 -3.33
N SER A 103 26.19 4.70 -2.53
CA SER A 103 27.17 4.40 -1.50
C SER A 103 28.29 3.57 -2.07
N GLY A 104 28.05 2.96 -3.23
CA GLY A 104 29.01 2.02 -3.83
C GLY A 104 28.76 0.61 -3.37
N ARG A 105 27.86 0.45 -2.41
CA ARG A 105 27.65 -0.85 -1.78
C ARG A 105 26.80 -1.84 -2.57
N TYR A 106 26.12 -1.38 -3.62
CA TYR A 106 25.26 -2.27 -4.45
C TYR A 106 26.02 -3.46 -5.01
N ASP A 107 27.23 -3.19 -5.52
CA ASP A 107 28.08 -4.22 -6.14
C ASP A 107 29.18 -4.75 -5.20
N ALA A 108 29.54 -3.99 -4.17
CA ALA A 108 30.40 -4.48 -3.09
C ALA A 108 29.76 -5.46 -2.08
N TYR A 109 28.51 -5.21 -1.62
CA TYR A 109 27.86 -6.05 -0.58
C TYR A 109 27.96 -7.58 -0.79
N GLY A 110 27.87 -8.02 -2.04
CA GLY A 110 28.07 -9.41 -2.40
C GLY A 110 26.76 -10.20 -2.45
N PRO A 111 26.86 -11.54 -2.61
CA PRO A 111 25.73 -12.41 -2.95
C PRO A 111 24.69 -12.64 -1.85
N GLU A 112 24.92 -12.18 -0.62
CA GLU A 112 23.84 -12.09 0.36
C GLU A 112 22.71 -11.13 -0.02
N MET A 113 23.04 -10.08 -0.78
CA MET A 113 21.98 -9.20 -1.29
C MET A 113 21.03 -9.91 -2.25
N LEU A 114 19.74 -9.92 -1.90
CA LEU A 114 18.68 -10.46 -2.74
C LEU A 114 18.17 -9.37 -3.68
N ARG A 115 18.49 -9.48 -4.97
CA ARG A 115 18.07 -8.51 -5.96
C ARG A 115 16.74 -8.90 -6.58
N ILE A 116 15.91 -7.88 -6.80
CA ILE A 116 14.56 -8.02 -7.34
C ILE A 116 14.32 -6.99 -8.49
N ALA A 117 13.63 -7.43 -9.54
CA ALA A 117 13.17 -6.57 -10.63
C ALA A 117 11.66 -6.54 -10.61
N ASP A 118 11.10 -5.33 -10.59
CA ASP A 118 9.67 -5.18 -10.55
C ASP A 118 9.07 -5.30 -11.95
N ARG A 119 7.77 -5.07 -12.08
CA ARG A 119 7.06 -5.19 -13.38
C ARG A 119 7.44 -4.13 -14.42
N HIS A 120 7.93 -2.99 -13.98
CA HIS A 120 8.38 -1.96 -14.89
C HIS A 120 9.89 -2.04 -15.05
N LYS A 121 10.45 -3.21 -14.74
CA LYS A 121 11.88 -3.55 -14.91
C LYS A 121 12.80 -2.79 -13.99
N ARG A 122 12.22 -2.07 -13.04
CA ARG A 122 12.99 -1.30 -12.11
C ARG A 122 13.67 -2.17 -11.05
N GLU A 123 14.82 -1.70 -10.56
CA GLU A 123 15.71 -2.55 -9.77
C GLU A 123 15.61 -2.28 -8.27
N LEU A 124 15.14 -3.28 -7.54
CA LEU A 124 14.98 -3.21 -6.09
C LEU A 124 15.83 -4.30 -5.44
N LEU A 125 15.81 -4.32 -4.11
CA LEU A 125 16.40 -5.39 -3.33
C LEU A 125 15.67 -5.45 -1.99
N TYR A 126 15.66 -6.64 -1.40
CA TYR A 126 15.18 -6.84 -0.04
C TYR A 126 16.39 -6.46 0.80
N GLY A 127 16.28 -5.37 1.55
CA GLY A 127 17.40 -4.82 2.29
C GLY A 127 18.00 -5.74 3.35
N PRO A 128 19.32 -5.85 3.36
CA PRO A 128 20.07 -6.65 4.33
C PRO A 128 20.53 -5.88 5.54
N THR A 129 20.30 -4.55 5.49
CA THR A 129 20.75 -3.53 6.46
C THR A 129 20.29 -2.19 5.87
N ASN A 130 20.19 -1.12 6.66
CA ASN A 130 19.58 0.14 6.16
C ASN A 130 20.40 1.44 6.28
N GLU A 131 21.73 1.41 6.18
CA GLU A 131 22.51 2.65 6.37
C GLU A 131 22.28 3.70 5.29
N GLU A 132 22.20 3.27 4.04
CA GLU A 132 21.92 4.18 2.92
C GLU A 132 20.52 4.79 3.02
N MET A 133 19.52 3.93 3.26
CA MET A 133 18.17 4.42 3.42
C MET A 133 18.00 5.46 4.52
N ILE A 134 18.65 5.28 5.68
CA ILE A 134 18.51 6.16 6.87
C ILE A 134 19.30 7.46 6.69
N THR A 135 20.42 7.40 5.96
CA THR A 135 21.19 8.59 5.57
C THR A 135 20.38 9.43 4.54
N GLU A 136 19.61 8.76 3.67
CA GLU A 136 18.69 9.40 2.71
C GLU A 136 17.51 10.08 3.39
N ILE A 137 16.99 9.49 4.47
CA ILE A 137 15.91 10.12 5.21
C ILE A 137 16.47 11.38 5.91
N PHE A 138 17.50 11.18 6.73
CA PHE A 138 18.22 12.27 7.40
C PHE A 138 18.54 13.43 6.47
N ARG A 139 19.34 13.20 5.41
CA ARG A 139 19.71 14.26 4.45
C ARG A 139 18.53 15.05 3.83
N ALA A 140 17.35 14.47 3.83
CA ALA A 140 16.24 15.19 3.25
C ALA A 140 15.81 16.28 4.21
N TYR A 141 16.17 16.15 5.49
CA TYR A 141 15.53 16.97 6.51
C TYR A 141 16.44 17.69 7.47
N ILE A 142 17.59 17.10 7.81
CA ILE A 142 18.45 17.66 8.87
C ILE A 142 19.61 18.41 8.26
N LYS A 143 19.69 19.70 8.59
CA LYS A 143 20.65 20.58 7.96
C LYS A 143 21.60 21.27 8.95
N SER A 144 21.25 21.26 10.23
CA SER A 144 22.02 21.96 11.27
C SER A 144 22.37 21.08 12.46
N TYR A 145 23.50 21.40 13.09
CA TYR A 145 24.08 20.57 14.14
C TYR A 145 23.22 20.60 15.40
N LYS A 146 22.26 21.52 15.45
CA LYS A 146 21.42 21.70 16.61
C LYS A 146 20.35 20.63 16.64
N SER A 147 20.23 19.88 15.55
CA SER A 147 19.33 18.73 15.45
C SER A 147 20.00 17.47 16.00
N LEU A 148 21.25 17.61 16.45
CA LEU A 148 22.11 16.45 16.78
C LEU A 148 22.59 16.49 18.23
N PRO A 149 22.87 15.32 18.84
CA PRO A 149 22.82 13.95 18.31
C PRO A 149 21.39 13.44 18.08
N LEU A 150 21.26 12.56 17.11
CA LEU A 150 19.98 11.97 16.75
C LEU A 150 20.23 10.49 16.47
N ASN A 151 19.41 9.65 17.10
CA ASN A 151 19.44 8.24 16.82
C ASN A 151 18.10 7.82 16.28
N LEU A 152 18.09 7.28 15.07
CA LEU A 152 16.86 6.70 14.56
C LEU A 152 17.05 5.19 14.37
N TYR A 153 16.02 4.43 14.71
CA TYR A 153 16.08 2.97 14.72
C TYR A 153 14.81 2.37 14.20
N HIS A 154 14.87 1.12 13.76
CA HIS A 154 13.66 0.32 13.60
C HIS A 154 13.89 -1.16 13.84
N ILE A 155 12.76 -1.83 14.05
CA ILE A 155 12.67 -3.27 14.17
C ILE A 155 12.01 -3.74 12.87
N GLN A 156 12.80 -4.27 11.94
CA GLN A 156 12.30 -4.67 10.62
C GLN A 156 12.93 -5.99 10.10
N TRP A 157 12.13 -6.76 9.35
CA TRP A 157 12.56 -7.96 8.63
C TRP A 157 13.61 -7.69 7.56
N LYS A 158 14.68 -8.49 7.58
CA LYS A 158 15.87 -8.33 6.75
C LYS A 158 15.93 -9.60 5.91
N PHE A 159 16.62 -9.51 4.77
CA PHE A 159 16.98 -10.71 4.08
C PHE A 159 18.47 -10.64 3.80
N ARG A 160 19.14 -11.77 4.09
CA ARG A 160 20.52 -12.00 3.72
C ARG A 160 20.55 -13.43 3.25
N ASP A 161 21.02 -13.61 2.01
CA ASP A 161 20.95 -14.89 1.33
C ASP A 161 22.17 -15.64 1.80
N GLU A 162 22.15 -16.00 3.09
CA GLU A 162 23.22 -16.71 3.77
C GLU A 162 23.67 -17.91 2.94
N GLN A 163 24.99 -18.13 2.87
CA GLN A 163 25.52 -19.22 2.04
C GLN A 163 24.94 -20.55 2.50
N ARG A 164 24.99 -20.80 3.80
CA ARG A 164 24.39 -22.02 4.37
C ARG A 164 23.50 -21.67 5.53
N PRO A 165 22.20 -21.47 5.25
CA PRO A 165 21.29 -21.21 6.38
C PRO A 165 21.28 -22.45 7.28
N ARG A 166 21.35 -22.23 8.58
CA ARG A 166 21.61 -23.29 9.53
C ARG A 166 21.10 -22.87 10.88
N PHE A 167 20.99 -23.86 11.77
CA PHE A 167 20.71 -23.64 13.20
C PHE A 167 19.36 -22.98 13.49
N GLY A 168 18.41 -23.21 12.60
CA GLY A 168 17.06 -22.67 12.74
C GLY A 168 17.03 -21.16 12.62
N VAL A 169 16.46 -20.50 13.62
CA VAL A 169 16.36 -19.03 13.68
C VAL A 169 17.72 -18.34 13.95
N MET A 170 18.77 -19.12 14.22
CA MET A 170 20.04 -18.57 14.67
C MET A 170 20.84 -18.03 13.51
N ARG A 171 20.71 -18.72 12.37
CA ARG A 171 21.18 -18.23 11.10
C ARG A 171 20.10 -18.41 10.04
N GLY A 172 19.17 -17.45 9.98
CA GLY A 172 18.11 -17.52 8.98
C GLY A 172 18.50 -16.73 7.76
N ARG A 173 17.64 -16.72 6.76
CA ARG A 173 17.70 -15.75 5.65
C ARG A 173 16.71 -14.59 5.88
N GLU A 174 15.48 -14.91 6.20
CA GLU A 174 14.52 -13.90 6.59
C GLU A 174 14.57 -13.89 8.10
N PHE A 175 15.09 -12.78 8.65
CA PHE A 175 15.33 -12.59 10.06
C PHE A 175 14.96 -11.18 10.56
N LEU A 176 14.64 -11.05 11.83
CA LEU A 176 14.28 -9.78 12.46
C LEU A 176 15.48 -9.18 13.18
N MET A 177 15.68 -7.89 12.94
CA MET A 177 16.73 -7.14 13.52
C MET A 177 16.14 -5.83 14.04
N LYS A 178 16.62 -5.37 15.19
CA LYS A 178 16.46 -3.97 15.56
C LYS A 178 17.75 -3.31 15.08
N ASP A 179 17.66 -2.42 14.10
CA ASP A 179 18.82 -1.61 13.76
C ASP A 179 18.61 -0.10 13.99
N ALA A 180 19.55 0.47 14.74
CA ALA A 180 19.60 1.89 15.07
C ALA A 180 20.79 2.51 14.41
N TYR A 181 20.68 3.80 14.12
CA TYR A 181 21.68 4.53 13.37
C TYR A 181 21.78 5.90 13.96
N SER A 182 22.95 6.26 14.46
CA SER A 182 23.10 7.58 15.06
C SER A 182 23.80 8.59 14.18
N PHE A 183 23.48 9.86 14.42
CA PHE A 183 24.07 10.97 13.67
C PHE A 183 24.65 12.01 14.60
N ASP A 184 25.88 12.41 14.30
CA ASP A 184 26.61 13.31 15.16
C ASP A 184 27.46 14.27 14.34
N VAL A 185 27.96 15.32 14.99
CA VAL A 185 28.65 16.40 14.29
C VAL A 185 30.08 15.98 13.98
N ASP A 186 30.71 15.28 14.92
CA ASP A 186 32.11 14.91 14.83
C ASP A 186 32.38 13.57 15.51
N GLU A 187 33.65 13.15 15.56
CA GLU A 187 33.98 11.85 16.15
C GLU A 187 33.68 11.82 17.64
N ALA A 188 33.97 12.92 18.32
CA ALA A 188 33.75 13.05 19.77
C ALA A 188 32.31 12.78 20.11
N GLY A 189 31.42 13.37 19.32
CA GLY A 189 29.99 13.31 19.56
C GLY A 189 29.44 11.93 19.26
N ALA A 190 30.05 11.26 18.28
CA ALA A 190 29.66 9.91 17.89
C ALA A 190 29.99 8.91 19.00
N ARG A 191 31.14 9.09 19.65
CA ARG A 191 31.53 8.22 20.77
C ARG A 191 30.47 8.26 21.89
N LYS A 192 29.94 9.45 22.18
CA LYS A 192 28.85 9.61 23.16
C LYS A 192 27.60 8.81 22.78
N SER A 193 27.25 8.87 21.49
CA SER A 193 26.12 8.12 20.94
C SER A 193 26.37 6.62 21.04
N TYR A 194 27.58 6.22 20.71
CA TYR A 194 28.09 4.86 20.90
C TYR A 194 27.95 4.37 22.35
N ASN A 195 28.44 5.15 23.33
CA ASN A 195 28.29 4.82 24.76
C ASN A 195 26.86 4.55 25.27
N LYS A 196 25.88 5.33 24.78
CA LYS A 196 24.47 5.14 25.13
C LYS A 196 23.94 3.79 24.66
N MET A 197 24.37 3.37 23.49
CA MET A 197 23.93 2.12 22.95
C MET A 197 24.64 0.98 23.68
N PHE A 198 25.91 1.16 23.99
CA PHE A 198 26.66 0.20 24.84
C PHE A 198 25.90 -0.11 26.13
N VAL A 199 25.56 0.94 26.88
CA VAL A 199 24.77 0.81 28.11
C VAL A 199 23.37 0.23 27.87
N ALA A 200 22.68 0.72 26.84
CA ALA A 200 21.36 0.17 26.49
C ALA A 200 21.41 -1.31 26.14
N TYR A 201 22.48 -1.75 25.52
CA TYR A 201 22.61 -3.18 25.17
C TYR A 201 22.87 -4.06 26.38
N LEU A 202 23.63 -3.52 27.34
CA LEU A 202 23.87 -4.22 28.60
C LEU A 202 22.53 -4.42 29.29
N ARG A 203 21.72 -3.37 29.32
CA ARG A 203 20.43 -3.45 29.97
C ARG A 203 19.44 -4.36 29.21
N THR A 204 19.50 -4.31 27.88
CA THR A 204 18.60 -5.08 27.00
C THR A 204 18.74 -6.55 27.25
N PHE A 205 19.95 -7.06 27.01
CA PHE A 205 20.29 -8.45 27.24
C PHE A 205 20.22 -8.89 28.72
N ALA A 206 20.44 -8.01 29.68
CA ALA A 206 20.25 -8.44 31.07
C ALA A 206 18.80 -8.81 31.31
N ARG A 207 17.86 -8.01 30.79
CA ARG A 207 16.42 -8.22 31.00
C ARG A 207 15.90 -9.49 30.34
N MET A 208 16.74 -10.09 29.51
CA MET A 208 16.38 -11.34 28.86
C MET A 208 16.97 -12.55 29.57
N GLY A 209 17.57 -12.32 30.73
CA GLY A 209 18.16 -13.38 31.53
C GLY A 209 19.40 -13.91 30.87
N LEU A 210 20.23 -13.01 30.39
CA LEU A 210 21.39 -13.37 29.60
C LEU A 210 22.58 -12.59 30.08
N LYS A 211 23.75 -13.20 29.92
CA LYS A 211 25.00 -12.49 30.06
C LYS A 211 25.69 -12.34 28.70
N ALA A 212 25.20 -11.39 27.89
CA ALA A 212 25.81 -11.03 26.61
C ALA A 212 26.98 -10.11 26.88
N ILE A 213 28.20 -10.51 26.55
CA ILE A 213 29.38 -9.77 26.99
C ILE A 213 29.93 -8.86 25.91
N PRO A 214 30.09 -7.55 26.18
CA PRO A 214 30.73 -6.67 25.21
C PRO A 214 32.19 -7.00 24.88
N MET A 215 32.42 -7.63 23.74
CA MET A 215 33.77 -7.99 23.31
C MET A 215 34.26 -7.00 22.27
N ARG A 216 35.56 -6.71 22.27
CA ARG A 216 36.14 -5.87 21.22
C ARG A 216 36.09 -6.71 19.99
N ALA A 217 35.59 -6.12 18.91
CA ALA A 217 35.33 -6.83 17.68
C ALA A 217 36.11 -6.23 16.52
N GLU A 218 35.96 -6.83 15.34
CA GLU A 218 36.61 -6.33 14.12
C GLU A 218 36.16 -4.89 13.80
N THR A 219 37.13 -4.03 13.53
CA THR A 219 36.86 -2.63 13.18
C THR A 219 36.94 -2.44 11.66
N GLY A 220 36.33 -1.35 11.19
CA GLY A 220 36.44 -0.99 9.79
C GLY A 220 37.88 -0.84 9.33
N PRO A 221 38.09 -0.63 8.00
CA PRO A 221 39.43 -0.40 7.44
C PRO A 221 40.21 0.71 8.14
N ILE A 222 39.53 1.71 8.72
CA ILE A 222 40.25 2.82 9.38
C ILE A 222 40.46 2.66 10.92
N GLY A 223 40.48 1.40 11.40
CA GLY A 223 40.93 1.05 12.77
C GLY A 223 40.10 1.55 13.94
N GLY A 224 40.76 1.83 15.08
CA GLY A 224 40.10 2.44 16.25
C GLY A 224 39.56 1.49 17.31
N ASP A 225 38.83 2.04 18.28
CA ASP A 225 38.31 1.23 19.41
C ASP A 225 36.77 1.21 19.52
N LEU A 226 36.09 1.42 18.39
CA LEU A 226 34.65 1.59 18.39
C LEU A 226 33.94 0.49 17.63
N SER A 227 34.20 -0.75 18.03
CA SER A 227 33.44 -1.91 17.57
C SER A 227 33.35 -2.92 18.70
N HIS A 228 32.13 -3.29 19.06
CA HIS A 228 31.91 -4.31 20.10
C HIS A 228 30.83 -5.27 19.69
N GLU A 229 31.13 -6.55 19.81
CA GLU A 229 30.11 -7.58 19.61
C GLU A 229 29.62 -7.99 20.97
N PHE A 230 28.32 -8.14 21.12
CA PHE A 230 27.74 -8.66 22.36
C PHE A 230 27.44 -10.14 22.16
N ILE A 231 28.07 -10.95 22.99
CA ILE A 231 28.18 -12.40 22.78
C ILE A 231 27.79 -13.16 24.05
N VAL A 232 26.84 -14.08 23.89
CA VAL A 232 26.34 -14.98 24.93
C VAL A 232 27.10 -16.30 24.78
N LEU A 233 28.00 -16.60 25.73
CA LEU A 233 28.84 -17.79 25.61
C LEU A 233 28.04 -19.07 25.44
N ALA A 234 28.59 -19.97 24.62
CA ALA A 234 28.04 -21.30 24.38
C ALA A 234 29.16 -22.10 23.75
N GLU A 235 29.32 -23.36 24.15
CA GLU A 235 30.42 -24.19 23.63
C GLU A 235 30.36 -24.30 22.12
N THR A 236 29.12 -24.24 21.62
CA THR A 236 28.73 -24.64 20.26
C THR A 236 28.74 -23.47 19.24
N GLY A 237 28.75 -22.23 19.76
CA GLY A 237 28.61 -21.02 18.96
C GLY A 237 29.61 -20.83 17.83
N GLU A 238 29.31 -19.90 16.94
CA GLU A 238 30.17 -19.66 15.79
C GLU A 238 31.33 -18.67 16.09
N SER A 239 31.15 -17.82 17.09
CA SER A 239 32.18 -16.86 17.47
C SER A 239 33.21 -17.45 18.45
N GLY A 240 34.49 -17.28 18.14
CA GLY A 240 35.58 -17.65 19.04
C GLY A 240 35.98 -16.50 19.93
N VAL A 241 35.93 -16.70 21.23
CA VAL A 241 36.07 -15.61 22.18
C VAL A 241 37.12 -15.90 23.25
N TYR A 242 37.83 -14.84 23.65
CA TYR A 242 38.84 -14.90 24.68
C TYR A 242 38.47 -13.91 25.77
N ILE A 243 38.28 -14.38 27.00
CA ILE A 243 37.84 -13.51 28.09
C ILE A 243 38.59 -13.68 29.41
N ASP A 244 38.62 -12.60 30.18
CA ASP A 244 38.81 -12.65 31.61
C ASP A 244 37.46 -12.98 32.24
N ARG A 245 37.37 -14.15 32.89
CA ARG A 245 36.17 -14.60 33.62
C ARG A 245 35.52 -13.59 34.57
N ASP A 246 36.28 -12.59 35.01
CA ASP A 246 35.74 -11.53 35.89
C ASP A 246 34.67 -10.69 35.22
N VAL A 247 34.71 -10.66 33.88
CA VAL A 247 33.72 -9.93 33.09
C VAL A 247 32.28 -10.41 33.31
N LEU A 248 32.11 -11.69 33.62
CA LEU A 248 30.80 -12.30 33.86
C LEU A 248 30.11 -11.81 35.12
N ASN A 249 30.82 -11.04 35.95
CA ASN A 249 30.29 -10.60 37.25
C ASN A 249 30.08 -9.12 37.46
N LEU A 250 30.45 -8.33 36.44
CA LEU A 250 30.24 -6.89 36.41
C LEU A 250 28.76 -6.48 36.50
N PRO A 251 28.48 -5.34 37.15
CA PRO A 251 27.09 -4.90 37.32
C PRO A 251 26.51 -4.17 36.11
N VAL A 252 25.22 -4.40 35.87
CA VAL A 252 24.48 -3.85 34.75
C VAL A 252 23.63 -2.65 35.24
N PRO A 253 23.87 -1.43 34.69
CA PRO A 253 23.23 -0.21 35.22
C PRO A 253 21.73 -0.36 35.32
N ASP A 254 21.15 0.11 36.42
CA ASP A 254 19.70 0.06 36.64
C ASP A 254 18.99 0.99 35.67
N GLU A 255 17.67 1.08 35.72
CA GLU A 255 16.98 1.87 34.69
C GLU A 255 16.96 3.39 34.92
N ASN A 256 17.55 3.83 36.03
CA ASN A 256 17.62 5.27 36.32
C ASN A 256 18.93 5.87 35.85
N VAL A 257 19.70 5.10 35.10
CA VAL A 257 20.94 5.58 34.51
C VAL A 257 20.68 6.85 33.69
N ASP A 258 21.51 7.86 33.90
CA ASP A 258 21.35 9.15 33.24
C ASP A 258 22.14 9.21 31.92
N TYR A 259 21.41 9.14 30.82
CA TYR A 259 21.95 9.10 29.48
C TYR A 259 22.49 10.44 28.96
N ASP A 260 21.96 11.54 29.52
CA ASP A 260 22.38 12.88 29.14
C ASP A 260 23.73 13.24 29.81
N GLY A 261 24.18 12.41 30.75
CA GLY A 261 25.42 12.65 31.49
C GLY A 261 26.59 11.77 31.08
N ASP A 262 27.65 11.75 31.90
CA ASP A 262 28.88 11.02 31.56
C ASP A 262 28.78 9.52 31.82
N LEU A 263 28.80 8.75 30.73
CA LEU A 263 28.68 7.30 30.77
C LEU A 263 30.04 6.59 30.80
N THR A 264 31.11 7.33 30.56
CA THR A 264 32.48 6.78 30.53
C THR A 264 32.82 5.81 31.67
N PRO A 265 32.52 6.18 32.95
CA PRO A 265 32.87 5.31 34.07
C PRO A 265 32.10 3.97 34.09
N ILE A 266 30.90 3.98 33.51
CA ILE A 266 30.15 2.74 33.26
C ILE A 266 30.82 1.90 32.16
N ILE A 267 31.14 2.53 31.03
CA ILE A 267 31.85 1.88 29.92
C ILE A 267 33.24 1.38 30.37
N LYS A 268 33.99 2.21 31.11
CA LYS A 268 35.37 1.86 31.56
C LYS A 268 35.43 0.65 32.49
N GLN A 269 34.35 0.41 33.22
CA GLN A 269 34.25 -0.76 34.09
C GLN A 269 34.09 -2.06 33.26
N TRP A 270 33.46 -1.93 32.09
CA TRP A 270 33.20 -3.07 31.20
C TRP A 270 34.32 -3.33 30.22
N THR A 271 35.06 -2.27 29.91
CA THR A 271 36.19 -2.35 28.97
C THR A 271 37.53 -2.66 29.66
N SER A 272 37.60 -2.54 31.00
CA SER A 272 38.85 -2.72 31.73
C SER A 272 39.27 -4.19 31.88
N VAL A 273 38.29 -5.08 32.03
CA VAL A 273 38.50 -6.52 31.95
C VAL A 273 38.65 -6.91 30.49
N TYR A 274 39.61 -7.78 30.18
CA TYR A 274 39.88 -8.22 28.81
C TYR A 274 38.70 -9.02 28.31
N ALA A 275 38.38 -8.83 27.03
CA ALA A 275 37.30 -9.54 26.33
C ALA A 275 37.41 -9.19 24.85
N ALA A 276 37.69 -10.21 24.03
CA ALA A 276 37.98 -10.02 22.63
C ALA A 276 37.59 -11.24 21.81
N THR A 277 37.16 -10.99 20.59
CA THR A 277 36.80 -12.04 19.65
C THR A 277 38.09 -12.46 18.94
N GLU A 278 38.08 -13.67 18.37
CA GLU A 278 39.23 -14.26 17.68
C GLU A 278 39.93 -13.30 16.72
N ASP A 279 39.16 -12.36 16.16
CA ASP A 279 39.63 -11.45 15.12
C ASP A 279 40.44 -10.24 15.60
N VAL A 280 40.30 -9.88 16.88
CA VAL A 280 41.09 -8.79 17.46
C VAL A 280 41.90 -9.24 18.69
N HIS A 281 41.80 -10.53 19.02
CA HIS A 281 42.52 -11.12 20.16
C HIS A 281 44.02 -11.02 19.99
N GLU A 282 44.71 -10.41 20.97
CA GLU A 282 46.17 -10.48 20.99
C GLU A 282 46.70 -11.25 22.21
N PRO A 283 47.21 -12.48 21.97
CA PRO A 283 47.66 -13.40 23.03
C PRO A 283 48.63 -12.80 24.05
N ALA A 284 49.60 -12.02 23.56
CA ALA A 284 50.60 -11.32 24.37
C ALA A 284 49.97 -10.35 25.39
N ARG A 285 49.05 -9.53 24.91
CA ARG A 285 48.28 -8.61 25.73
C ARG A 285 47.35 -9.32 26.74
N TYR A 286 46.84 -10.47 26.34
CA TYR A 286 45.97 -11.34 27.15
C TYR A 286 46.78 -12.01 28.27
N GLU A 287 47.98 -12.46 27.92
CA GLU A 287 48.91 -13.07 28.85
C GLU A 287 49.32 -12.05 29.91
N SER A 288 49.63 -10.84 29.46
CA SER A 288 49.97 -9.73 30.34
C SER A 288 48.84 -9.30 31.26
N GLU A 289 47.63 -9.16 30.72
CA GLU A 289 46.51 -8.51 31.44
C GLU A 289 45.66 -9.42 32.32
N VAL A 290 45.53 -10.68 31.91
CA VAL A 290 44.59 -11.62 32.54
C VAL A 290 45.35 -12.70 33.31
N PRO A 291 45.10 -12.81 34.63
CA PRO A 291 45.76 -13.86 35.43
C PRO A 291 45.41 -15.25 34.92
N GLU A 292 46.41 -16.13 34.82
CA GLU A 292 46.26 -17.52 34.35
C GLU A 292 44.90 -18.22 34.66
N ALA A 293 44.44 -18.09 35.91
CA ALA A 293 43.19 -18.72 36.39
C ALA A 293 41.91 -18.09 35.83
N ASN A 294 42.03 -16.85 35.38
CA ASN A 294 40.91 -16.10 34.85
C ASN A 294 40.68 -16.34 33.36
N ARG A 295 41.71 -16.80 32.65
CA ARG A 295 41.68 -16.97 31.19
C ARG A 295 40.67 -18.01 30.70
N LEU A 296 39.90 -17.63 29.67
CA LEU A 296 38.87 -18.51 29.13
C LEU A 296 38.65 -18.32 27.63
N ASN A 297 38.85 -19.40 26.91
CA ASN A 297 38.77 -19.46 25.47
C ASN A 297 37.65 -20.42 25.13
N THR A 298 36.55 -19.89 24.59
CA THR A 298 35.33 -20.65 24.38
C THR A 298 34.62 -20.05 23.15
N ARG A 299 33.37 -20.46 22.90
CA ARG A 299 32.54 -19.89 21.83
C ARG A 299 31.39 -19.10 22.44
N GLY A 300 30.58 -18.49 21.57
CA GLY A 300 29.38 -17.81 21.95
C GLY A 300 28.64 -17.38 20.72
N ILE A 301 27.40 -16.91 20.93
CA ILE A 301 26.47 -16.42 19.91
C ILE A 301 26.47 -14.89 19.92
N GLU A 302 26.79 -14.27 18.78
CA GLU A 302 26.67 -12.82 18.70
C GLU A 302 25.22 -12.46 18.62
N VAL A 303 24.75 -11.72 19.60
CA VAL A 303 23.35 -11.31 19.68
C VAL A 303 23.18 -9.81 19.38
N GLY A 304 24.29 -9.09 19.29
CA GLY A 304 24.25 -7.67 18.99
C GLY A 304 25.61 -7.15 18.55
N GLN A 305 25.60 -6.02 17.87
CA GLN A 305 26.84 -5.33 17.55
C GLN A 305 26.66 -3.81 17.55
N ILE A 306 27.60 -3.10 18.17
CA ILE A 306 27.66 -1.63 18.11
C ILE A 306 28.90 -1.21 17.31
N PHE A 307 28.76 -0.20 16.47
CA PHE A 307 29.77 0.08 15.44
C PHE A 307 29.77 1.51 14.96
N TYR A 308 30.95 2.14 15.00
CA TYR A 308 31.14 3.47 14.46
C TYR A 308 31.74 3.41 13.03
N PHE A 309 31.09 4.08 12.08
CA PHE A 309 31.62 4.20 10.71
C PHE A 309 31.96 5.63 10.28
N GLY A 310 31.92 6.57 11.21
CA GLY A 310 32.30 7.95 10.90
C GLY A 310 31.54 8.53 9.72
N THR A 311 32.29 8.89 8.66
CA THR A 311 31.72 9.61 7.51
C THR A 311 31.40 8.72 6.31
N LYS A 312 31.65 7.43 6.45
CA LYS A 312 31.47 6.43 5.37
C LYS A 312 30.30 6.68 4.39
N TYR A 313 29.12 7.04 4.91
CA TYR A 313 27.90 7.23 4.08
C TYR A 313 27.61 8.69 3.81
N SER A 314 27.90 9.51 4.80
CA SER A 314 27.76 10.96 4.69
C SER A 314 28.65 11.55 3.58
N ASP A 315 29.84 10.96 3.37
CA ASP A 315 30.76 11.35 2.32
C ASP A 315 30.16 11.07 0.93
N SER A 316 29.92 9.79 0.63
CA SER A 316 29.42 9.38 -0.69
C SER A 316 28.03 9.93 -1.01
N MET A 317 27.25 10.14 0.04
CA MET A 317 25.87 10.56 -0.09
C MET A 317 25.69 12.00 0.32
N LYS A 318 26.80 12.71 0.51
CA LYS A 318 26.78 14.17 0.72
C LYS A 318 25.69 14.57 1.72
N ALA A 319 25.82 14.06 2.95
CA ALA A 319 24.87 14.33 4.02
C ALA A 319 25.61 15.08 5.11
N ASN A 320 25.60 16.41 4.97
CA ASN A 320 26.34 17.34 5.81
C ASN A 320 25.41 18.10 6.72
N VAL A 321 25.96 18.61 7.83
CA VAL A 321 25.27 19.67 8.57
C VAL A 321 26.15 20.92 8.70
N THR A 322 25.49 22.03 8.98
CA THR A 322 26.17 23.25 9.39
C THR A 322 26.52 23.16 10.89
N GLY A 323 27.83 23.23 11.17
CA GLY A 323 28.36 23.04 12.53
C GLY A 323 28.28 24.30 13.36
N PRO A 324 28.80 24.25 14.62
CA PRO A 324 28.87 25.43 15.52
C PRO A 324 29.90 26.49 15.07
N ASP A 325 31.02 26.05 14.51
CA ASP A 325 32.03 26.97 13.94
C ASP A 325 31.54 27.78 12.73
N GLY A 326 30.28 27.55 12.32
CA GLY A 326 29.67 28.28 11.22
C GLY A 326 29.57 27.56 9.87
N THR A 327 30.36 26.51 9.67
CA THR A 327 30.52 25.84 8.33
C THR A 327 29.97 24.39 8.13
N ASP A 328 29.74 24.01 6.87
CA ASP A 328 29.28 22.67 6.45
C ASP A 328 30.30 21.54 6.61
N ALA A 329 29.84 20.39 7.15
CA ALA A 329 30.67 19.19 7.25
C ALA A 329 29.80 17.93 7.38
N PRO A 330 30.27 16.80 6.81
CA PRO A 330 29.54 15.53 6.85
C PRO A 330 29.41 14.99 8.26
N ILE A 331 28.25 14.40 8.55
CA ILE A 331 27.97 13.85 9.86
C ILE A 331 28.80 12.58 10.16
N HIS A 332 28.95 12.28 11.43
CA HIS A 332 29.58 11.03 11.86
C HIS A 332 28.49 10.08 12.35
N GLY A 333 28.52 8.83 11.88
CA GLY A 333 27.49 7.85 12.21
C GLY A 333 28.00 6.60 12.88
N GLY A 334 27.07 5.89 13.51
CA GLY A 334 27.29 4.55 14.05
C GLY A 334 26.06 3.71 13.82
N SER A 335 26.24 2.40 13.74
CA SER A 335 25.09 1.51 13.59
C SER A 335 25.09 0.54 14.75
N TYR A 336 23.91 0.17 15.22
CA TYR A 336 23.73 -0.66 16.40
C TYR A 336 22.63 -1.66 16.10
N GLY A 337 23.00 -2.95 16.03
CA GLY A 337 22.07 -4.01 15.68
C GLY A 337 21.81 -5.06 16.75
N VAL A 338 20.53 -5.38 16.99
CA VAL A 338 20.18 -6.49 17.88
C VAL A 338 19.45 -7.55 17.08
N GLY A 339 19.94 -8.79 17.14
CA GLY A 339 19.29 -9.91 16.50
C GLY A 339 18.04 -10.32 17.27
N VAL A 340 16.90 -9.72 16.98
CA VAL A 340 15.67 -10.00 17.69
C VAL A 340 15.23 -11.47 17.55
N SER A 341 15.12 -11.97 16.33
CA SER A 341 14.80 -13.39 16.10
C SER A 341 15.93 -14.40 16.45
N ARG A 342 17.20 -14.07 16.19
CA ARG A 342 18.33 -14.89 16.66
C ARG A 342 18.24 -15.11 18.16
N LEU A 343 17.71 -14.10 18.88
CA LEU A 343 17.63 -14.11 20.36
C LEU A 343 16.78 -15.21 20.96
N LEU A 344 15.83 -15.74 20.20
CA LEU A 344 15.06 -16.89 20.69
C LEU A 344 15.88 -18.19 20.72
N GLY A 345 16.81 -18.34 19.78
CA GLY A 345 17.72 -19.47 19.78
C GLY A 345 18.70 -19.34 20.90
N ALA A 346 19.28 -18.15 21.10
CA ALA A 346 20.27 -17.89 22.15
C ALA A 346 19.71 -18.11 23.55
N ILE A 347 18.49 -17.65 23.77
CA ILE A 347 17.86 -17.78 25.06
C ILE A 347 17.63 -19.25 25.38
N ILE A 348 17.12 -20.03 24.43
CA ILE A 348 16.89 -21.47 24.66
C ILE A 348 18.20 -22.25 24.90
N GLU A 349 19.25 -21.98 24.13
CA GLU A 349 20.56 -22.61 24.37
C GLU A 349 20.98 -22.43 25.83
N ALA A 350 20.89 -21.21 26.33
CA ALA A 350 21.35 -20.88 27.67
C ALA A 350 20.33 -21.29 28.74
N CYS A 351 19.06 -21.40 28.36
CA CYS A 351 17.95 -21.62 29.29
C CYS A 351 17.07 -22.82 28.97
N HIS A 352 17.60 -24.02 29.19
CA HIS A 352 16.87 -25.27 28.98
C HIS A 352 17.42 -26.35 29.91
N ASP A 353 16.66 -27.42 30.07
CA ASP A 353 17.19 -28.66 30.61
C ASP A 353 16.69 -29.86 29.78
N ASP A 354 16.80 -31.04 30.36
CA ASP A 354 16.44 -32.28 29.71
C ASP A 354 14.96 -32.37 29.49
N ASN A 355 14.17 -31.62 30.25
CA ASN A 355 12.70 -31.66 30.11
C ASN A 355 12.10 -30.66 29.09
N GLY A 356 12.94 -29.74 28.61
CA GLY A 356 12.56 -28.72 27.62
C GLY A 356 13.11 -27.32 27.89
N ILE A 357 12.29 -26.31 27.58
CA ILE A 357 12.73 -24.92 27.63
C ILE A 357 12.48 -24.40 29.03
N ILE A 358 13.32 -23.49 29.51
CA ILE A 358 13.06 -22.77 30.74
C ILE A 358 13.08 -21.25 30.44
N TRP A 359 11.91 -20.68 30.14
CA TRP A 359 11.85 -19.27 29.75
C TRP A 359 12.18 -18.34 30.91
N PRO A 360 13.11 -17.39 30.73
CA PRO A 360 13.14 -16.30 31.71
C PRO A 360 11.79 -15.62 31.63
N GLU A 361 11.27 -15.10 32.74
CA GLU A 361 9.87 -14.74 32.75
C GLU A 361 9.53 -13.47 31.97
N ALA A 362 10.54 -12.67 31.63
CA ALA A 362 10.33 -11.44 30.84
C ALA A 362 10.03 -11.74 29.34
N VAL A 363 10.51 -12.88 28.85
CA VAL A 363 10.38 -13.30 27.46
C VAL A 363 9.45 -14.51 27.30
N ALA A 364 8.90 -14.99 28.42
CA ALA A 364 8.04 -16.20 28.44
C ALA A 364 6.68 -15.94 27.81
N PRO A 365 6.20 -16.88 27.01
CA PRO A 365 4.95 -16.72 26.26
C PRO A 365 3.70 -16.65 27.11
N PHE A 366 3.78 -17.21 28.32
CA PHE A 366 2.75 -17.17 29.35
C PHE A 366 3.47 -17.15 30.70
N ARG A 367 2.84 -16.62 31.74
CA ARG A 367 3.55 -16.59 33.02
C ARG A 367 3.23 -17.83 33.83
N VAL A 368 1.95 -18.17 33.90
CA VAL A 368 1.55 -19.38 34.60
C VAL A 368 0.69 -20.25 33.69
N THR A 369 0.87 -21.55 33.79
CA THR A 369 -0.06 -22.50 33.15
C THR A 369 -0.88 -23.27 34.21
N ILE A 370 -2.20 -23.32 34.02
CA ILE A 370 -3.04 -24.12 34.89
C ILE A 370 -3.14 -25.51 34.26
N LEU A 371 -2.79 -26.53 35.05
CA LEU A 371 -2.93 -27.91 34.63
C LEU A 371 -4.06 -28.57 35.42
N ASN A 372 -5.16 -28.85 34.74
CA ASN A 372 -6.31 -29.57 35.29
C ASN A 372 -6.05 -31.08 35.17
N LEU A 373 -5.94 -31.75 36.31
CA LEU A 373 -5.46 -33.13 36.36
C LEU A 373 -6.55 -34.20 36.30
N LYS A 374 -7.82 -33.77 36.31
CA LYS A 374 -8.95 -34.62 35.94
C LYS A 374 -9.93 -33.83 35.05
N GLN A 375 -9.72 -33.84 33.73
CA GLN A 375 -10.57 -33.03 32.82
C GLN A 375 -12.00 -33.56 32.70
N GLY A 376 -12.97 -32.70 32.98
CA GLY A 376 -14.38 -33.11 32.96
C GLY A 376 -14.94 -33.36 34.36
N ASP A 377 -14.06 -33.65 35.32
CA ASP A 377 -14.41 -33.65 36.74
C ASP A 377 -15.03 -32.31 37.04
N ALA A 378 -16.33 -32.36 37.35
CA ALA A 378 -17.14 -31.18 37.65
C ALA A 378 -16.46 -30.25 38.65
N ALA A 379 -15.91 -30.84 39.71
CA ALA A 379 -15.29 -30.08 40.79
C ALA A 379 -13.99 -29.35 40.42
N THR A 380 -13.11 -29.98 39.62
CA THR A 380 -11.81 -29.35 39.32
C THR A 380 -11.85 -28.40 38.12
N ASP A 381 -12.73 -28.69 37.15
CA ASP A 381 -13.09 -27.72 36.12
C ASP A 381 -13.49 -26.39 36.74
N ALA A 382 -14.49 -26.43 37.63
CA ALA A 382 -14.96 -25.26 38.39
C ALA A 382 -13.85 -24.41 39.04
N ALA A 383 -12.89 -25.07 39.68
CA ALA A 383 -11.79 -24.38 40.36
C ALA A 383 -10.78 -23.79 39.37
N CYS A 384 -10.55 -24.52 38.28
CA CYS A 384 -9.67 -24.04 37.21
C CYS A 384 -10.19 -22.74 36.57
N ASP A 385 -11.46 -22.73 36.18
CA ASP A 385 -12.11 -21.53 35.63
C ASP A 385 -12.00 -20.36 36.59
N GLN A 386 -12.48 -20.57 37.81
CA GLN A 386 -12.31 -19.62 38.91
C GLN A 386 -10.90 -19.01 38.82
N LEU A 387 -9.87 -19.87 38.83
CA LEU A 387 -8.44 -19.47 38.80
C LEU A 387 -8.00 -18.77 37.53
N TYR A 388 -8.40 -19.32 36.39
CA TYR A 388 -8.15 -18.76 35.07
C TYR A 388 -8.65 -17.31 35.01
N ARG A 389 -9.96 -17.13 35.18
CA ARG A 389 -10.62 -15.82 35.14
C ARG A 389 -10.05 -14.78 36.14
N GLU A 390 -9.70 -15.23 37.35
CA GLU A 390 -9.15 -14.36 38.38
C GLU A 390 -7.70 -13.93 38.14
N LEU A 391 -6.91 -14.82 37.52
CA LEU A 391 -5.51 -14.51 37.12
C LEU A 391 -5.46 -13.62 35.87
N SER A 392 -6.43 -13.80 34.98
CA SER A 392 -6.69 -12.86 33.89
C SER A 392 -6.86 -11.45 34.45
N ALA A 393 -7.94 -11.29 35.23
CA ALA A 393 -8.36 -9.99 35.78
C ALA A 393 -7.24 -9.23 36.51
N LYS A 394 -6.29 -9.94 37.09
CA LYS A 394 -5.23 -9.32 37.87
C LYS A 394 -3.92 -9.11 37.08
N GLY A 395 -3.96 -9.31 35.76
CA GLY A 395 -2.84 -8.94 34.89
C GLY A 395 -1.98 -10.05 34.26
N VAL A 396 -2.17 -11.29 34.68
CA VAL A 396 -1.21 -12.36 34.41
C VAL A 396 -1.49 -13.10 33.11
N ASP A 397 -0.45 -13.22 32.28
CA ASP A 397 -0.51 -14.09 31.10
C ASP A 397 -0.69 -15.52 31.62
N VAL A 398 -1.85 -16.10 31.33
CA VAL A 398 -2.23 -17.39 31.86
C VAL A 398 -2.70 -18.33 30.77
N LEU A 399 -2.15 -19.54 30.78
CA LEU A 399 -2.62 -20.61 29.91
C LEU A 399 -3.38 -21.61 30.80
N TYR A 400 -4.61 -21.92 30.43
CA TYR A 400 -5.33 -23.00 31.08
C TYR A 400 -5.35 -24.20 30.15
N ASP A 401 -4.51 -25.19 30.47
CA ASP A 401 -4.58 -26.47 29.79
C ASP A 401 -5.85 -27.21 30.20
N ASP A 402 -6.91 -26.93 29.46
CA ASP A 402 -8.19 -27.60 29.59
C ASP A 402 -8.38 -28.77 28.60
N THR A 403 -7.29 -29.40 28.18
CA THR A 403 -7.40 -30.45 27.17
C THR A 403 -7.75 -31.78 27.82
N ASP A 404 -8.23 -32.71 26.99
CA ASP A 404 -8.65 -34.06 27.35
C ASP A 404 -7.42 -34.99 27.38
N GLN A 405 -6.30 -34.48 27.90
CA GLN A 405 -5.07 -35.26 28.10
C GLN A 405 -5.08 -35.80 29.53
N ARG A 406 -4.24 -36.81 29.77
CA ARG A 406 -4.00 -37.33 31.12
C ARG A 406 -2.85 -36.55 31.74
N ALA A 407 -2.73 -36.60 33.07
CA ALA A 407 -1.80 -35.76 33.83
C ALA A 407 -0.36 -35.83 33.35
N GLY A 408 0.13 -37.05 33.10
CA GLY A 408 1.52 -37.28 32.69
C GLY A 408 1.91 -36.54 31.42
N ALA A 409 0.90 -36.23 30.61
CA ALA A 409 1.07 -35.57 29.32
C ALA A 409 1.08 -34.04 29.49
N LYS A 410 0.20 -33.55 30.36
CA LYS A 410 0.14 -32.16 30.73
C LYS A 410 1.40 -31.67 31.41
N PHE A 411 2.04 -32.51 32.22
CA PHE A 411 3.32 -32.14 32.83
C PHE A 411 4.40 -32.08 31.76
N ALA A 412 4.37 -33.05 30.83
CA ALA A 412 5.38 -33.12 29.80
C ALA A 412 5.32 -31.90 28.88
N THR A 413 4.13 -31.53 28.43
CA THR A 413 3.97 -30.34 27.59
C THR A 413 4.36 -29.05 28.32
N ALA A 414 3.82 -28.85 29.52
CA ALA A 414 4.17 -27.72 30.40
C ALA A 414 5.67 -27.56 30.56
N ASP A 415 6.35 -28.66 30.90
CA ASP A 415 7.81 -28.64 31.02
C ASP A 415 8.47 -28.23 29.71
N LEU A 416 8.03 -28.88 28.63
CA LEU A 416 8.59 -28.65 27.29
C LEU A 416 8.46 -27.19 26.78
N ILE A 417 7.29 -26.58 26.95
CA ILE A 417 7.05 -25.23 26.39
C ILE A 417 7.65 -24.09 27.23
N GLY A 418 8.09 -24.42 28.46
CA GLY A 418 8.94 -23.54 29.24
C GLY A 418 8.30 -22.53 30.17
N ILE A 419 6.97 -22.60 30.32
CA ILE A 419 6.22 -21.67 31.18
C ILE A 419 6.83 -21.64 32.60
N PRO A 420 7.20 -20.42 33.09
CA PRO A 420 7.84 -20.17 34.41
C PRO A 420 7.20 -20.82 35.66
N TRP A 421 5.85 -20.85 35.74
CA TRP A 421 5.07 -21.40 36.85
C TRP A 421 3.95 -22.31 36.36
N GLN A 422 3.70 -23.40 37.09
CA GLN A 422 2.54 -24.25 36.80
C GLN A 422 1.70 -24.45 38.06
N ILE A 423 0.38 -24.43 37.90
CA ILE A 423 -0.54 -24.72 38.98
C ILE A 423 -1.17 -26.08 38.73
N HIS A 424 -0.85 -27.06 39.59
CA HIS A 424 -1.40 -28.43 39.44
C HIS A 424 -2.73 -28.55 40.21
N VAL A 425 -3.78 -28.94 39.52
CA VAL A 425 -5.13 -28.96 40.11
C VAL A 425 -5.80 -30.34 39.85
N GLY A 426 -5.94 -31.12 40.91
CA GLY A 426 -6.59 -32.44 40.83
C GLY A 426 -7.59 -32.65 41.94
N PRO A 427 -8.49 -33.64 41.79
CA PRO A 427 -9.51 -34.01 42.78
C PRO A 427 -9.00 -34.17 44.23
N ARG A 428 -7.82 -34.81 44.40
CA ARG A 428 -7.23 -35.03 45.74
C ARG A 428 -7.13 -33.72 46.51
N GLY A 429 -6.33 -32.81 45.97
CA GLY A 429 -5.95 -31.57 46.67
C GLY A 429 -7.10 -30.63 46.94
N LEU A 430 -8.04 -30.57 45.99
CA LEU A 430 -9.25 -29.74 46.08
C LEU A 430 -10.26 -30.25 47.12
N ALA A 431 -10.19 -31.54 47.43
CA ALA A 431 -10.96 -32.11 48.54
C ALA A 431 -10.44 -31.57 49.89
N GLU A 432 -9.16 -31.20 49.91
CA GLU A 432 -8.52 -30.50 51.04
C GLU A 432 -8.46 -28.99 50.81
N GLY A 433 -9.06 -28.53 49.70
CA GLY A 433 -8.98 -27.11 49.31
C GLY A 433 -7.56 -26.60 49.11
N LYS A 434 -6.73 -27.44 48.49
CA LYS A 434 -5.31 -27.13 48.22
C LYS A 434 -4.98 -27.32 46.73
N VAL A 435 -3.86 -26.75 46.30
CA VAL A 435 -3.29 -26.93 44.96
C VAL A 435 -1.79 -26.86 45.07
N GLU A 436 -1.09 -27.21 43.99
CA GLU A 436 0.36 -27.06 43.92
C GLU A 436 0.78 -25.92 43.01
N LEU A 437 1.89 -25.30 43.37
CA LEU A 437 2.52 -24.29 42.57
C LEU A 437 3.88 -24.87 42.31
N LYS A 438 4.23 -25.09 41.04
CA LYS A 438 5.55 -25.59 40.67
C LYS A 438 6.29 -24.51 39.89
N ARG A 439 7.56 -24.35 40.24
CA ARG A 439 8.48 -23.51 39.49
C ARG A 439 9.20 -24.39 38.47
N ARG A 440 9.07 -24.05 37.20
CA ARG A 440 9.80 -24.72 36.11
C ARG A 440 11.33 -24.70 36.27
N SER A 441 11.89 -23.58 36.72
CA SER A 441 13.35 -23.40 36.66
C SER A 441 14.12 -24.42 37.53
N ASP A 442 13.71 -24.57 38.78
CA ASP A 442 14.42 -25.46 39.71
C ASP A 442 13.58 -26.66 40.20
N GLY A 443 12.30 -26.68 39.84
CA GLY A 443 11.46 -27.79 40.22
C GLY A 443 10.90 -27.58 41.61
N ALA A 444 11.24 -26.44 42.21
CA ALA A 444 10.62 -26.02 43.46
C ALA A 444 9.14 -26.26 43.35
N ARG A 445 8.55 -26.78 44.41
CA ARG A 445 7.10 -26.86 44.51
C ARG A 445 6.65 -26.65 45.95
N GLU A 446 5.41 -26.21 46.08
CA GLU A 446 4.81 -25.78 47.32
C GLU A 446 3.39 -26.31 47.24
N ASN A 447 2.83 -26.77 48.36
CA ASN A 447 1.43 -27.21 48.40
C ASN A 447 0.73 -26.20 49.26
N LEU A 448 -0.34 -25.59 48.74
CA LEU A 448 -1.01 -24.46 49.41
C LEU A 448 -2.49 -24.35 49.10
N ALA A 449 -3.18 -23.52 49.88
CA ALA A 449 -4.62 -23.34 49.72
C ALA A 449 -4.90 -22.74 48.36
N LEU A 450 -5.91 -23.28 47.71
CA LEU A 450 -6.42 -22.69 46.48
C LEU A 450 -6.58 -21.18 46.69
N ALA A 451 -7.40 -20.80 47.66
CA ALA A 451 -7.67 -19.41 48.04
C ALA A 451 -6.43 -18.51 48.23
N ASP A 452 -5.22 -19.08 48.06
CA ASP A 452 -3.96 -18.38 48.36
C ASP A 452 -2.97 -18.30 47.19
N VAL A 453 -3.18 -19.12 46.16
CA VAL A 453 -2.20 -19.25 45.08
C VAL A 453 -2.08 -17.98 44.21
N VAL A 454 -3.23 -17.35 43.96
CA VAL A 454 -3.29 -16.10 43.20
C VAL A 454 -2.41 -15.00 43.83
N ALA A 455 -2.52 -14.80 45.15
CA ALA A 455 -1.77 -13.74 45.85
C ALA A 455 -0.25 -13.79 45.67
N ARG A 456 0.31 -14.99 45.58
CA ARG A 456 1.75 -15.18 45.40
C ARG A 456 2.13 -14.71 44.01
N LEU A 457 1.26 -15.02 43.05
CA LEU A 457 1.48 -14.73 41.64
C LEU A 457 1.15 -13.29 41.29
N THR A 458 0.28 -12.65 42.08
CA THR A 458 -0.23 -11.31 41.80
C THR A 458 0.63 -10.21 42.43
N GLY B 18 2.46 5.16 30.08
CA GLY B 18 2.22 6.50 29.47
C GLY B 18 3.40 7.12 28.72
N SER B 19 3.42 6.87 27.39
CA SER B 19 4.50 7.30 26.47
C SER B 19 4.64 8.81 26.32
N HIS B 20 5.85 9.32 26.24
CA HIS B 20 6.07 10.76 26.34
C HIS B 20 7.28 11.23 25.54
N MET B 21 7.21 12.47 25.05
CA MET B 21 8.26 13.03 24.22
C MET B 21 8.38 14.56 24.38
N ARG B 22 9.60 15.06 24.21
CA ARG B 22 9.89 16.46 24.09
C ARG B 22 10.22 16.70 22.64
N LEU B 23 9.48 17.56 21.95
CA LEU B 23 9.70 17.78 20.50
C LEU B 23 11.15 17.98 20.07
N SER B 24 11.93 18.69 20.86
CA SER B 24 13.36 18.92 20.59
C SER B 24 14.18 17.62 20.69
N ARG B 25 13.59 16.60 21.28
CA ARG B 25 14.23 15.29 21.38
C ARG B 25 13.56 14.30 20.42
N PHE B 26 12.90 14.82 19.40
CA PHE B 26 12.06 14.01 18.51
C PHE B 26 12.48 14.29 17.07
N PHE B 27 11.89 13.55 16.13
CA PHE B 27 12.16 13.77 14.72
C PHE B 27 10.80 13.87 14.03
N LEU B 28 10.45 15.07 13.62
CA LEU B 28 9.12 15.37 13.09
C LEU B 28 9.30 16.43 12.01
N PRO B 29 9.72 16.02 10.82
CA PRO B 29 10.07 17.01 9.82
C PRO B 29 8.84 17.60 9.13
N ILE B 30 8.30 18.69 9.68
CA ILE B 30 7.11 19.38 9.15
C ILE B 30 7.44 20.14 7.86
N LEU B 31 6.56 19.98 6.86
CA LEU B 31 6.71 20.62 5.55
C LEU B 31 5.86 21.87 5.46
N LYS B 32 6.47 22.97 4.99
CA LYS B 32 5.80 24.27 4.89
C LYS B 32 4.75 24.31 3.77
N GLU B 33 5.14 23.91 2.57
CA GLU B 33 4.19 23.93 1.43
C GLU B 33 3.44 22.60 1.22
N ASN B 34 2.33 22.65 0.47
CA ASN B 34 1.63 21.44 0.03
C ASN B 34 2.45 20.78 -1.08
N PRO B 35 2.81 19.49 -0.88
CA PRO B 35 3.67 18.80 -1.84
C PRO B 35 2.89 18.44 -3.11
N LYS B 36 3.45 18.80 -4.25
CA LYS B 36 2.72 18.83 -5.48
C LYS B 36 2.35 17.44 -5.98
N GLU B 37 3.18 16.45 -5.61
CA GLU B 37 2.91 15.04 -5.87
C GLU B 37 1.70 14.48 -5.15
N ALA B 38 1.25 15.11 -4.05
CA ALA B 38 0.01 14.72 -3.34
C ALA B 38 -1.32 15.25 -3.94
N GLU B 39 -2.15 14.34 -4.41
CA GLU B 39 -3.41 14.65 -5.10
C GLU B 39 -4.66 14.68 -4.20
N ILE B 40 -4.55 14.21 -2.96
CA ILE B 40 -5.68 14.15 -2.03
C ILE B 40 -5.22 14.58 -0.66
N VAL B 41 -6.20 14.89 0.21
CA VAL B 41 -5.96 15.41 1.56
C VAL B 41 -5.09 14.51 2.40
N SER B 42 -5.53 13.28 2.65
CA SER B 42 -4.80 12.33 3.51
C SER B 42 -3.28 12.22 3.17
N HIS B 43 -2.99 12.14 1.88
CA HIS B 43 -1.66 11.96 1.38
C HIS B 43 -0.85 13.20 1.67
N ARG B 44 -1.42 14.34 1.28
CA ARG B 44 -0.92 15.68 1.50
C ARG B 44 -0.62 15.96 2.99
N LEU B 45 -1.54 15.59 3.88
CA LEU B 45 -1.34 15.85 5.30
C LEU B 45 -0.28 14.92 5.92
N MET B 46 -0.24 13.67 5.48
CA MET B 46 0.77 12.74 5.94
C MET B 46 2.21 13.15 5.59
N LEU B 47 2.41 13.72 4.41
CA LEU B 47 3.73 14.21 4.06
C LEU B 47 4.09 15.46 4.89
N ARG B 48 3.13 16.37 4.99
CA ARG B 48 3.35 17.64 5.66
C ARG B 48 3.42 17.52 7.20
N ALA B 49 2.73 16.55 7.79
CA ALA B 49 2.85 16.31 9.24
C ALA B 49 4.07 15.45 9.62
N GLY B 50 4.97 15.21 8.68
CA GLY B 50 6.18 14.40 8.95
C GLY B 50 5.90 12.97 9.39
N MET B 51 4.90 12.35 8.75
CA MET B 51 4.44 10.98 9.06
C MET B 51 5.00 9.92 8.10
N LEU B 52 5.40 10.36 6.90
CA LEU B 52 5.63 9.49 5.75
C LEU B 52 6.75 10.05 4.88
N ARG B 53 7.57 9.14 4.33
CA ARG B 53 8.51 9.47 3.25
C ARG B 53 8.41 8.46 2.10
N GLN B 54 8.27 8.92 0.87
CA GLN B 54 8.30 7.98 -0.24
C GLN B 54 9.71 7.50 -0.54
N GLU B 55 9.90 6.19 -0.59
CA GLU B 55 11.21 5.68 -1.01
C GLU B 55 11.22 5.10 -2.45
N ALA B 56 10.10 4.54 -2.92
CA ALA B 56 9.96 4.15 -4.33
C ALA B 56 8.51 4.40 -4.66
N ALA B 57 8.09 4.22 -5.91
CA ALA B 57 6.66 4.30 -6.20
C ALA B 57 5.94 3.29 -5.32
N GLY B 58 4.89 3.71 -4.63
CA GLY B 58 4.12 2.79 -3.76
C GLY B 58 4.83 2.14 -2.57
N ILE B 59 6.01 2.64 -2.17
CA ILE B 59 6.83 2.03 -1.08
C ILE B 59 7.36 3.15 -0.17
N TYR B 60 6.96 3.13 1.11
CA TYR B 60 7.11 4.26 2.04
C TYR B 60 7.89 3.94 3.32
N ALA B 61 8.55 4.95 3.87
CA ALA B 61 9.07 4.87 5.21
C ALA B 61 8.08 5.61 6.09
N TRP B 62 7.90 5.10 7.30
CA TRP B 62 7.00 5.62 8.31
C TRP B 62 7.88 6.33 9.30
N LEU B 63 7.77 7.66 9.30
CA LEU B 63 8.60 8.49 10.16
C LEU B 63 7.95 8.42 11.52
N PRO B 64 8.67 8.80 12.59
CA PRO B 64 8.15 8.56 13.98
C PRO B 64 6.61 8.73 14.19
N LEU B 65 6.07 9.90 13.93
CA LEU B 65 4.65 10.17 14.08
C LEU B 65 3.78 9.25 13.22
N GLY B 66 4.23 8.98 11.99
CA GLY B 66 3.59 7.97 11.14
C GLY B 66 3.59 6.64 11.83
N HIS B 67 4.75 6.20 12.29
CA HIS B 67 4.80 4.93 13.01
C HIS B 67 3.85 4.83 14.24
N ARG B 68 3.79 5.86 15.08
CA ARG B 68 2.97 5.73 16.30
C ARG B 68 1.51 5.40 16.04
N VAL B 69 0.93 6.02 15.02
CA VAL B 69 -0.48 5.84 14.67
C VAL B 69 -0.65 4.48 13.99
N LEU B 70 0.34 4.09 13.21
CA LEU B 70 0.30 2.75 12.60
C LEU B 70 0.19 1.65 13.68
N LYS B 71 1.11 1.71 14.67
CA LYS B 71 1.05 0.86 15.86
C LYS B 71 -0.27 0.95 16.69
N LYS B 72 -0.86 2.14 16.84
CA LYS B 72 -2.16 2.26 17.52
C LYS B 72 -3.24 1.46 16.81
N ILE B 73 -3.27 1.60 15.48
CA ILE B 73 -4.22 0.90 14.59
C ILE B 73 -4.08 -0.65 14.63
N GLU B 74 -2.86 -1.15 14.45
CA GLU B 74 -2.50 -2.57 14.69
C GLU B 74 -3.10 -3.18 15.95
N GLN B 75 -2.81 -2.54 17.09
CA GLN B 75 -3.30 -2.99 18.38
C GLN B 75 -4.83 -3.23 18.44
N ILE B 76 -5.63 -2.17 18.25
CA ILE B 76 -7.07 -2.26 18.04
C ILE B 76 -7.49 -3.46 17.14
N VAL B 77 -6.78 -3.66 16.01
CA VAL B 77 -7.09 -4.78 15.09
C VAL B 77 -6.78 -6.13 15.75
N ARG B 78 -5.61 -6.23 16.37
CA ARG B 78 -5.21 -7.41 17.14
C ARG B 78 -6.23 -7.72 18.24
N GLU B 79 -6.57 -6.72 19.05
CA GLU B 79 -7.52 -6.91 20.13
C GLU B 79 -8.88 -7.44 19.72
N GLU B 80 -9.41 -6.98 18.58
CA GLU B 80 -10.76 -7.35 18.13
C GLU B 80 -10.77 -8.68 17.42
N GLN B 81 -9.62 -9.02 16.84
CA GLN B 81 -9.35 -10.39 16.38
C GLN B 81 -9.28 -11.35 17.56
N ASN B 82 -8.53 -11.01 18.60
CA ASN B 82 -8.45 -11.88 19.77
C ASN B 82 -9.78 -12.01 20.51
N ARG B 83 -10.59 -10.97 20.53
CA ARG B 83 -11.90 -11.03 21.14
C ARG B 83 -12.83 -12.03 20.46
N ALA B 84 -12.71 -12.11 19.13
CA ALA B 84 -13.50 -13.01 18.24
C ALA B 84 -13.00 -14.47 18.18
N GLY B 85 -11.95 -14.77 18.93
CA GLY B 85 -11.36 -16.10 18.91
C GLY B 85 -10.17 -16.32 17.99
N ALA B 86 -9.79 -15.34 17.17
CA ALA B 86 -8.66 -15.55 16.23
C ALA B 86 -7.37 -15.74 17.00
N ILE B 87 -6.48 -16.59 16.47
CA ILE B 87 -5.16 -16.83 17.08
C ILE B 87 -4.05 -16.28 16.21
N GLU B 88 -3.21 -15.42 16.77
CA GLU B 88 -2.16 -14.74 16.02
C GLU B 88 -0.90 -15.57 15.83
N LEU B 89 -0.43 -15.65 14.58
CA LEU B 89 0.90 -16.14 14.23
C LEU B 89 1.69 -15.12 13.34
N LEU B 90 2.71 -15.57 12.63
CA LEU B 90 3.37 -14.74 11.61
C LEU B 90 3.88 -15.60 10.50
N MET B 91 3.45 -15.36 9.27
CA MET B 91 4.01 -16.04 8.12
C MET B 91 5.08 -15.18 7.50
N PRO B 92 6.11 -15.80 6.88
CA PRO B 92 7.13 -14.92 6.32
C PRO B 92 6.59 -14.15 5.09
N THR B 93 7.29 -13.08 4.70
CA THR B 93 6.94 -12.25 3.55
C THR B 93 7.36 -12.96 2.28
N LEU B 94 8.41 -13.78 2.35
CA LEU B 94 8.85 -14.57 1.18
C LEU B 94 8.30 -16.00 1.17
N GLN B 95 7.65 -16.34 0.06
CA GLN B 95 6.95 -17.60 -0.11
C GLN B 95 7.52 -18.32 -1.33
N LEU B 96 7.51 -19.65 -1.35
CA LEU B 96 8.01 -20.40 -2.52
C LEU B 96 6.93 -20.48 -3.56
N ALA B 97 7.34 -20.46 -4.82
CA ALA B 97 6.46 -20.60 -5.98
C ALA B 97 5.76 -21.96 -6.07
N ASP B 98 6.49 -23.02 -5.72
CA ASP B 98 5.96 -24.40 -5.71
C ASP B 98 4.68 -24.56 -4.89
N LEU B 99 4.57 -23.81 -3.80
CA LEU B 99 3.39 -23.77 -2.96
C LEU B 99 2.16 -23.20 -3.71
N TRP B 100 2.47 -22.31 -4.65
CA TRP B 100 1.49 -21.54 -5.40
C TRP B 100 1.13 -22.29 -6.66
N ARG B 101 2.10 -23.02 -7.20
CA ARG B 101 1.84 -24.08 -8.19
C ARG B 101 0.88 -25.19 -7.73
N GLU B 102 0.87 -25.53 -6.42
CA GLU B 102 -0.11 -26.47 -5.86
C GLU B 102 -1.58 -26.02 -6.04
N SER B 103 -1.82 -24.73 -5.89
CA SER B 103 -3.18 -24.15 -6.01
C SER B 103 -3.64 -23.74 -7.43
N GLY B 104 -2.70 -23.59 -8.36
CA GLY B 104 -3.00 -23.09 -9.70
C GLY B 104 -2.53 -21.66 -9.86
N ARG B 105 -2.54 -20.90 -8.75
CA ARG B 105 -2.37 -19.44 -8.72
C ARG B 105 -0.99 -18.86 -9.05
N TYR B 106 0.07 -19.65 -9.14
CA TYR B 106 1.40 -19.09 -9.51
C TYR B 106 1.34 -18.35 -10.84
N ASP B 107 0.63 -18.94 -11.81
CA ASP B 107 0.42 -18.34 -13.13
C ASP B 107 -0.92 -17.59 -13.34
N ALA B 108 -1.92 -17.89 -12.53
CA ALA B 108 -3.22 -17.24 -12.67
C ALA B 108 -3.32 -15.93 -11.89
N TYR B 109 -2.48 -15.76 -10.88
CA TYR B 109 -2.49 -14.52 -10.08
C TYR B 109 -2.29 -13.23 -10.90
N GLY B 110 -1.25 -13.18 -11.74
CA GLY B 110 -0.98 -12.02 -12.58
C GLY B 110 0.23 -11.14 -12.21
N PRO B 111 0.46 -10.03 -12.97
CA PRO B 111 1.65 -9.16 -12.81
C PRO B 111 1.79 -8.50 -11.45
N GLU B 112 0.74 -8.53 -10.64
CA GLU B 112 0.82 -8.00 -9.29
C GLU B 112 1.75 -8.80 -8.38
N MET B 113 2.03 -10.04 -8.75
CA MET B 113 2.97 -10.86 -8.04
C MET B 113 4.41 -10.45 -8.32
N LEU B 114 5.15 -10.15 -7.24
CA LEU B 114 6.55 -9.86 -7.38
C LEU B 114 7.33 -11.17 -7.20
N ARG B 115 7.93 -11.66 -8.28
CA ARG B 115 8.63 -12.92 -8.29
C ARG B 115 10.09 -12.63 -8.06
N ILE B 116 10.76 -13.55 -7.35
CA ILE B 116 12.14 -13.39 -6.96
C ILE B 116 12.88 -14.71 -7.18
N ALA B 117 14.14 -14.58 -7.61
CA ALA B 117 15.09 -15.69 -7.70
C ALA B 117 16.18 -15.51 -6.68
N ASP B 118 16.42 -16.55 -5.88
CA ASP B 118 17.54 -16.48 -4.90
C ASP B 118 18.91 -16.79 -5.55
N ARG B 119 19.99 -16.79 -4.76
CA ARG B 119 21.34 -17.01 -5.28
C ARG B 119 21.52 -18.38 -5.90
N HIS B 120 20.61 -19.30 -5.57
CA HIS B 120 20.68 -20.66 -6.05
C HIS B 120 19.65 -20.90 -7.14
N LYS B 121 19.10 -19.79 -7.65
CA LYS B 121 18.03 -19.77 -8.64
C LYS B 121 16.72 -20.46 -8.20
N ARG B 122 16.52 -20.66 -6.90
CA ARG B 122 15.23 -21.17 -6.38
C ARG B 122 14.13 -20.10 -6.57
N GLU B 123 12.91 -20.53 -6.87
CA GLU B 123 11.87 -19.56 -7.20
C GLU B 123 11.07 -19.12 -5.97
N LEU B 124 11.11 -17.81 -5.66
CA LEU B 124 10.41 -17.21 -4.50
C LEU B 124 9.48 -16.11 -4.99
N LEU B 125 8.75 -15.51 -4.08
CA LEU B 125 7.82 -14.43 -4.42
C LEU B 125 7.49 -13.73 -3.13
N TYR B 126 7.33 -12.39 -3.16
CA TYR B 126 6.93 -11.62 -1.98
C TYR B 126 5.45 -11.83 -1.87
N GLY B 127 5.02 -12.36 -0.75
CA GLY B 127 3.63 -12.73 -0.58
C GLY B 127 2.64 -11.59 -0.80
N PRO B 128 1.72 -11.74 -1.75
CA PRO B 128 0.64 -10.72 -1.88
C PRO B 128 -0.59 -11.02 -0.98
N THR B 129 -0.60 -12.22 -0.41
CA THR B 129 -1.68 -12.77 0.38
C THR B 129 -1.21 -14.19 0.81
N ASN B 130 -1.94 -14.86 1.70
CA ASN B 130 -1.40 -16.08 2.27
C ASN B 130 -2.31 -17.30 2.30
N GLU B 131 -3.28 -17.40 1.38
CA GLU B 131 -4.19 -18.53 1.38
C GLU B 131 -3.47 -19.88 1.33
N GLU B 132 -2.59 -20.09 0.36
CA GLU B 132 -1.82 -21.32 0.24
C GLU B 132 -0.97 -21.61 1.51
N MET B 133 -0.28 -20.58 2.03
CA MET B 133 0.68 -20.83 3.12
C MET B 133 0.00 -21.20 4.43
N ILE B 134 -1.14 -20.60 4.73
CA ILE B 134 -1.91 -20.94 5.91
C ILE B 134 -2.57 -22.33 5.80
N THR B 135 -3.06 -22.69 4.62
CA THR B 135 -3.58 -24.04 4.37
C THR B 135 -2.47 -25.11 4.48
N GLU B 136 -1.24 -24.75 4.12
CA GLU B 136 -0.09 -25.62 4.18
C GLU B 136 0.35 -25.87 5.60
N ILE B 137 0.28 -24.83 6.44
CA ILE B 137 0.63 -24.90 7.86
C ILE B 137 -0.43 -25.74 8.58
N PHE B 138 -1.69 -25.49 8.26
CA PHE B 138 -2.82 -26.22 8.83
C PHE B 138 -2.78 -27.72 8.57
N ARG B 139 -2.60 -28.12 7.30
CA ARG B 139 -2.72 -29.51 6.87
C ARG B 139 -1.60 -30.37 7.44
N ALA B 140 -0.52 -29.74 7.86
CA ALA B 140 0.58 -30.40 8.50
C ALA B 140 0.20 -30.94 9.88
N TYR B 141 -0.72 -30.27 10.57
CA TYR B 141 -0.96 -30.49 11.99
C TYR B 141 -2.38 -30.81 12.39
N ILE B 142 -3.35 -30.52 11.51
CA ILE B 142 -4.76 -30.65 11.89
C ILE B 142 -5.46 -31.69 11.03
N LYS B 143 -6.03 -32.66 11.75
CA LYS B 143 -6.46 -33.90 11.16
C LYS B 143 -7.88 -34.25 11.61
N SER B 144 -8.39 -33.56 12.64
CA SER B 144 -9.70 -33.85 13.21
C SER B 144 -10.69 -32.66 13.26
N TYR B 145 -11.99 -32.97 13.12
CA TYR B 145 -13.07 -31.99 13.21
C TYR B 145 -13.16 -31.30 14.57
N LYS B 146 -12.59 -31.92 15.59
CA LYS B 146 -12.70 -31.38 16.95
C LYS B 146 -11.62 -30.36 17.28
N SER B 147 -10.75 -30.12 16.31
CA SER B 147 -9.90 -28.94 16.29
C SER B 147 -10.63 -27.66 15.81
N LEU B 148 -11.76 -27.83 15.11
CA LEU B 148 -12.44 -26.76 14.39
C LEU B 148 -13.72 -26.31 15.12
N PRO B 149 -14.14 -25.03 14.95
CA PRO B 149 -13.51 -23.96 14.15
C PRO B 149 -12.13 -23.53 14.64
N LEU B 150 -11.30 -23.14 13.69
CA LEU B 150 -10.01 -22.52 13.95
C LEU B 150 -9.80 -21.34 13.01
N ASN B 151 -9.20 -20.30 13.54
CA ASN B 151 -8.92 -19.09 12.80
C ASN B 151 -7.54 -18.62 13.21
N LEU B 152 -6.66 -18.59 12.21
CA LEU B 152 -5.31 -18.10 12.39
C LEU B 152 -5.08 -16.84 11.57
N TYR B 153 -4.37 -15.88 12.15
CA TYR B 153 -4.11 -14.62 11.48
C TYR B 153 -2.70 -14.15 11.70
N HIS B 154 -2.26 -13.26 10.81
CA HIS B 154 -1.09 -12.43 11.08
C HIS B 154 -1.32 -10.99 10.60
N ILE B 155 -0.51 -10.07 11.12
CA ILE B 155 -0.41 -8.70 10.65
C ILE B 155 1.00 -8.59 10.02
N GLN B 156 1.07 -8.60 8.69
CA GLN B 156 2.33 -8.74 7.92
C GLN B 156 2.33 -7.92 6.63
N TRP B 157 3.53 -7.55 6.21
CA TRP B 157 3.69 -6.67 5.10
C TRP B 157 3.42 -7.44 3.85
N LYS B 158 2.57 -6.83 2.99
CA LYS B 158 2.23 -7.38 1.69
C LYS B 158 3.04 -6.73 0.52
N PHE B 159 3.16 -7.43 -0.61
CA PHE B 159 3.59 -6.77 -1.85
C PHE B 159 2.67 -7.09 -3.02
N ARG B 160 2.03 -6.03 -3.50
CA ARG B 160 1.29 -6.07 -4.76
C ARG B 160 1.88 -5.07 -5.69
N ASP B 161 2.36 -5.58 -6.82
CA ASP B 161 2.95 -4.77 -7.87
C ASP B 161 1.81 -4.09 -8.67
N GLU B 162 1.04 -3.31 -7.93
CA GLU B 162 0.02 -2.39 -8.42
C GLU B 162 0.49 -1.64 -9.65
N GLN B 163 -0.26 -1.69 -10.75
CA GLN B 163 0.25 -1.14 -12.01
C GLN B 163 0.58 0.35 -11.89
N ARG B 164 -0.36 1.12 -11.36
CA ARG B 164 -0.14 2.53 -11.12
C ARG B 164 -0.41 2.85 -9.65
N PRO B 165 0.65 2.76 -8.80
CA PRO B 165 0.58 3.16 -7.41
C PRO B 165 0.19 4.63 -7.34
N ARG B 166 -0.65 4.96 -6.37
CA ARG B 166 -1.31 6.25 -6.34
C ARG B 166 -1.94 6.47 -4.98
N PHE B 167 -2.05 7.73 -4.59
CA PHE B 167 -2.81 8.18 -3.40
C PHE B 167 -2.14 7.82 -2.07
N GLY B 168 -0.81 7.73 -2.09
CA GLY B 168 -0.03 7.39 -0.92
C GLY B 168 -0.34 6.00 -0.40
N VAL B 169 -0.70 5.94 0.88
CA VAL B 169 -0.96 4.66 1.55
C VAL B 169 -2.23 3.96 1.05
N MET B 170 -3.09 4.73 0.39
CA MET B 170 -4.35 4.28 -0.14
C MET B 170 -4.16 3.17 -1.20
N ARG B 171 -3.16 3.34 -2.04
CA ARG B 171 -2.81 2.36 -3.06
C ARG B 171 -1.32 2.27 -3.22
N GLY B 172 -0.69 1.56 -2.28
CA GLY B 172 0.73 1.38 -2.31
C GLY B 172 1.04 0.02 -2.86
N ARG B 173 2.33 -0.28 -2.89
CA ARG B 173 2.83 -1.57 -3.30
C ARG B 173 3.22 -2.36 -2.06
N GLU B 174 4.10 -1.80 -1.21
CA GLU B 174 4.38 -2.40 0.09
C GLU B 174 3.37 -1.88 1.11
N PHE B 175 2.43 -2.74 1.51
CA PHE B 175 1.38 -2.35 2.48
C PHE B 175 1.15 -3.35 3.63
N LEU B 176 0.57 -2.87 4.73
CA LEU B 176 0.25 -3.73 5.87
C LEU B 176 -1.21 -4.19 5.84
N MET B 177 -1.39 -5.51 5.96
CA MET B 177 -2.71 -6.08 6.06
C MET B 177 -2.71 -6.99 7.27
N LYS B 178 -3.71 -6.86 8.12
CA LYS B 178 -4.07 -7.97 9.00
C LYS B 178 -4.90 -8.86 8.10
N ASP B 179 -4.40 -10.10 7.84
CA ASP B 179 -5.19 -11.17 7.19
C ASP B 179 -5.35 -12.44 8.06
N ALA B 180 -6.60 -12.85 8.23
CA ALA B 180 -7.03 -13.95 9.07
C ALA B 180 -7.76 -14.98 8.23
N TYR B 181 -7.53 -16.26 8.50
CA TYR B 181 -8.16 -17.35 7.74
C TYR B 181 -8.70 -18.40 8.71
N SER B 182 -9.96 -18.74 8.51
CA SER B 182 -10.73 -19.64 9.36
C SER B 182 -10.86 -21.03 8.71
N PHE B 183 -10.79 -22.05 9.56
CA PHE B 183 -10.98 -23.42 9.11
C PHE B 183 -12.14 -24.09 9.83
N ASP B 184 -13.02 -24.71 9.04
CA ASP B 184 -14.27 -25.32 9.50
C ASP B 184 -14.55 -26.64 8.77
N VAL B 185 -15.39 -27.49 9.39
CA VAL B 185 -15.77 -28.80 8.84
C VAL B 185 -16.59 -28.69 7.55
N ASP B 186 -17.41 -27.65 7.46
CA ASP B 186 -18.45 -27.54 6.43
C ASP B 186 -18.92 -26.10 6.29
N GLU B 187 -19.73 -25.85 5.26
CA GLU B 187 -20.25 -24.52 5.03
C GLU B 187 -20.96 -23.91 6.26
N ALA B 188 -21.91 -24.65 6.84
CA ALA B 188 -22.69 -24.21 8.01
C ALA B 188 -21.80 -23.63 9.11
N GLY B 189 -20.69 -24.31 9.40
CA GLY B 189 -19.73 -23.89 10.38
C GLY B 189 -18.92 -22.71 9.90
N ALA B 190 -18.44 -22.77 8.65
CA ALA B 190 -17.65 -21.70 8.04
C ALA B 190 -18.42 -20.40 8.11
N ARG B 191 -19.75 -20.52 8.04
CA ARG B 191 -20.64 -19.40 8.14
C ARG B 191 -20.60 -18.85 9.55
N LYS B 192 -20.51 -19.70 10.54
CA LYS B 192 -20.37 -19.22 11.93
C LYS B 192 -19.08 -18.40 12.11
N SER B 193 -18.00 -18.88 11.48
CA SER B 193 -16.70 -18.24 11.50
C SER B 193 -16.75 -16.87 10.81
N TYR B 194 -17.49 -16.78 9.71
CA TYR B 194 -17.74 -15.56 8.98
C TYR B 194 -18.38 -14.46 9.83
N ASN B 195 -19.53 -14.79 10.45
CA ASN B 195 -20.27 -13.96 11.40
C ASN B 195 -19.45 -13.43 12.59
N LYS B 196 -18.48 -14.21 13.04
CA LYS B 196 -17.62 -13.71 14.13
C LYS B 196 -16.81 -12.50 13.64
N MET B 197 -16.29 -12.64 12.43
CA MET B 197 -15.43 -11.65 11.81
C MET B 197 -16.20 -10.40 11.39
N PHE B 198 -17.37 -10.60 10.77
CA PHE B 198 -18.36 -9.54 10.59
C PHE B 198 -18.44 -8.61 11.83
N VAL B 199 -18.82 -9.18 12.98
CA VAL B 199 -18.96 -8.42 14.23
C VAL B 199 -17.64 -7.80 14.69
N ALA B 200 -16.54 -8.57 14.60
CA ALA B 200 -15.20 -8.10 14.95
C ALA B 200 -14.79 -6.86 14.14
N TYR B 201 -15.10 -6.91 12.84
CA TYR B 201 -14.83 -5.79 11.92
C TYR B 201 -15.70 -4.58 12.21
N LEU B 202 -17.02 -4.75 12.35
CA LEU B 202 -17.85 -3.61 12.85
C LEU B 202 -17.24 -2.89 14.07
N ARG B 203 -16.78 -3.66 15.07
CA ARG B 203 -16.14 -3.11 16.26
C ARG B 203 -14.76 -2.47 16.00
N THR B 204 -14.02 -3.04 15.02
CA THR B 204 -12.64 -2.65 14.72
C THR B 204 -12.68 -1.24 14.23
N PHE B 205 -13.53 -1.02 13.24
CA PHE B 205 -13.68 0.28 12.59
C PHE B 205 -14.34 1.35 13.47
N ALA B 206 -15.45 1.01 14.13
CA ALA B 206 -16.03 1.88 15.16
C ALA B 206 -14.96 2.42 16.09
N ARG B 207 -14.12 1.55 16.61
CA ARG B 207 -13.05 1.97 17.52
C ARG B 207 -12.07 2.98 16.90
N MET B 208 -12.06 3.09 15.58
CA MET B 208 -11.16 4.05 14.94
C MET B 208 -11.83 5.39 14.58
N GLY B 209 -13.04 5.60 15.09
CA GLY B 209 -13.82 6.80 14.76
C GLY B 209 -14.51 6.74 13.39
N LEU B 210 -14.64 5.54 12.82
CA LEU B 210 -15.14 5.36 11.45
C LEU B 210 -16.45 4.60 11.31
N LYS B 211 -17.27 5.07 10.40
CA LYS B 211 -18.42 4.31 9.90
C LYS B 211 -18.06 3.57 8.60
N ALA B 212 -17.37 2.43 8.77
CA ALA B 212 -17.06 1.50 7.69
C ALA B 212 -18.23 0.56 7.58
N ILE B 213 -19.07 0.79 6.58
CA ILE B 213 -20.32 0.08 6.34
C ILE B 213 -20.01 -1.19 5.59
N PRO B 214 -20.58 -2.34 6.03
CA PRO B 214 -20.37 -3.61 5.32
C PRO B 214 -21.31 -3.71 4.14
N MET B 215 -20.77 -3.84 2.94
CA MET B 215 -21.61 -3.81 1.74
C MET B 215 -21.56 -5.16 1.09
N ARG B 216 -22.66 -5.58 0.48
CA ARG B 216 -22.59 -6.81 -0.31
C ARG B 216 -21.53 -6.61 -1.40
N ALA B 217 -20.65 -7.59 -1.56
CA ALA B 217 -19.55 -7.50 -2.50
C ALA B 217 -19.50 -8.70 -3.42
N GLU B 218 -18.55 -8.59 -4.35
CA GLU B 218 -18.17 -9.61 -5.31
C GLU B 218 -17.93 -10.96 -4.63
N THR B 219 -18.77 -11.95 -5.00
CA THR B 219 -18.63 -13.32 -4.56
C THR B 219 -17.83 -14.08 -5.61
N GLY B 220 -17.52 -15.35 -5.32
CA GLY B 220 -16.86 -16.20 -6.31
C GLY B 220 -17.83 -16.84 -7.28
N PRO B 221 -17.34 -17.76 -8.13
CA PRO B 221 -18.13 -18.56 -9.10
C PRO B 221 -19.41 -19.26 -8.57
N ILE B 222 -19.33 -19.94 -7.41
CA ILE B 222 -20.55 -20.57 -6.84
C ILE B 222 -21.48 -19.56 -6.13
N GLY B 223 -21.16 -18.26 -6.24
CA GLY B 223 -22.00 -17.17 -5.74
C GLY B 223 -22.30 -17.24 -4.25
N GLY B 224 -23.59 -17.30 -3.90
CA GLY B 224 -24.02 -17.28 -2.50
C GLY B 224 -24.04 -15.88 -1.91
N ASP B 225 -23.84 -15.79 -0.61
CA ASP B 225 -23.90 -14.48 0.07
C ASP B 225 -22.81 -14.21 1.11
N LEU B 226 -21.69 -14.91 1.01
CA LEU B 226 -20.66 -14.70 2.02
C LEU B 226 -19.45 -13.89 1.48
N SER B 227 -19.74 -12.64 1.15
CA SER B 227 -18.75 -11.68 0.72
C SER B 227 -19.29 -10.33 1.03
N HIS B 228 -18.54 -9.60 1.85
CA HIS B 228 -18.85 -8.21 2.17
C HIS B 228 -17.57 -7.44 2.10
N GLU B 229 -17.71 -6.15 1.84
CA GLU B 229 -16.62 -5.20 1.88
C GLU B 229 -16.98 -4.14 2.88
N PHE B 230 -16.03 -3.75 3.70
CA PHE B 230 -16.26 -2.69 4.66
C PHE B 230 -15.70 -1.44 4.07
N ILE B 231 -16.59 -0.49 3.84
CA ILE B 231 -16.35 0.67 2.99
C ILE B 231 -16.63 1.97 3.76
N VAL B 232 -15.61 2.80 3.92
CA VAL B 232 -15.79 4.15 4.51
C VAL B 232 -16.24 5.13 3.41
N LEU B 233 -17.42 5.72 3.58
CA LEU B 233 -17.94 6.67 2.59
C LEU B 233 -16.98 7.83 2.39
N ALA B 234 -16.75 8.17 1.12
CA ALA B 234 -15.79 9.21 0.74
C ALA B 234 -15.88 9.40 -0.76
N GLU B 235 -16.35 10.59 -1.15
CA GLU B 235 -16.26 11.10 -2.53
C GLU B 235 -14.96 10.75 -3.25
N THR B 236 -13.82 10.97 -2.60
CA THR B 236 -12.53 10.58 -3.21
C THR B 236 -12.05 9.12 -2.85
N GLY B 237 -12.98 8.16 -3.08
CA GLY B 237 -12.69 6.72 -3.03
C GLY B 237 -12.97 6.01 -4.34
N GLU B 238 -12.35 4.86 -4.55
CA GLU B 238 -12.40 4.13 -5.83
C GLU B 238 -13.58 3.19 -5.99
N SER B 239 -14.24 2.86 -4.88
CA SER B 239 -15.38 1.93 -4.86
C SER B 239 -16.67 2.67 -5.08
N GLY B 240 -17.47 2.24 -6.05
CA GLY B 240 -18.80 2.79 -6.27
C GLY B 240 -19.82 2.01 -5.46
N VAL B 241 -20.69 2.73 -4.75
CA VAL B 241 -21.51 2.12 -3.71
C VAL B 241 -22.93 2.66 -3.70
N TYR B 242 -23.86 1.79 -3.33
CA TYR B 242 -25.28 2.05 -3.39
C TYR B 242 -25.89 1.57 -2.09
N ILE B 243 -26.37 2.50 -1.28
CA ILE B 243 -26.88 2.18 0.06
C ILE B 243 -28.25 2.79 0.36
N ASP B 244 -28.92 2.20 1.35
CA ASP B 244 -30.00 2.82 2.09
C ASP B 244 -29.35 3.51 3.30
N ARG B 245 -29.62 4.80 3.48
CA ARG B 245 -28.98 5.65 4.51
C ARG B 245 -29.21 5.10 5.92
N ASP B 246 -30.23 4.26 6.08
CA ASP B 246 -30.54 3.63 7.38
C ASP B 246 -29.36 2.85 7.94
N VAL B 247 -28.49 2.36 7.04
CA VAL B 247 -27.31 1.57 7.39
C VAL B 247 -26.29 2.36 8.24
N LEU B 248 -26.25 3.67 8.03
CA LEU B 248 -25.30 4.59 8.65
C LEU B 248 -25.63 4.92 10.12
N ASN B 249 -26.70 4.31 10.63
CA ASN B 249 -27.18 4.56 11.99
C ASN B 249 -27.36 3.32 12.84
N LEU B 250 -26.95 2.18 12.30
CA LEU B 250 -27.06 0.89 12.99
C LEU B 250 -26.11 0.80 14.21
N PRO B 251 -26.54 0.12 15.29
CA PRO B 251 -25.68 0.06 16.46
C PRO B 251 -24.63 -1.04 16.36
N VAL B 252 -23.46 -0.73 16.91
CA VAL B 252 -22.29 -1.58 16.87
C VAL B 252 -22.20 -2.34 18.19
N PRO B 253 -22.00 -3.67 18.11
CA PRO B 253 -21.90 -4.49 19.33
C PRO B 253 -20.84 -3.98 20.32
N ASP B 254 -21.16 -4.02 21.61
CA ASP B 254 -20.18 -3.64 22.64
C ASP B 254 -19.15 -4.74 22.84
N GLU B 255 -18.21 -4.53 23.76
CA GLU B 255 -17.09 -5.45 23.98
C GLU B 255 -17.52 -6.79 24.57
N ASN B 256 -18.74 -6.84 25.10
CA ASN B 256 -19.28 -8.01 25.80
C ASN B 256 -20.11 -8.95 24.93
N VAL B 257 -20.21 -8.62 23.64
CA VAL B 257 -20.88 -9.47 22.67
C VAL B 257 -20.34 -10.91 22.83
N ASP B 258 -21.23 -11.88 22.89
CA ASP B 258 -20.83 -13.26 23.15
C ASP B 258 -20.58 -14.00 21.83
N TYR B 259 -19.29 -14.24 21.53
CA TYR B 259 -18.86 -14.75 20.23
C TYR B 259 -19.13 -16.26 19.97
N ASP B 260 -19.51 -16.98 21.03
CA ASP B 260 -19.94 -18.38 20.92
C ASP B 260 -21.45 -18.59 20.69
N GLY B 261 -22.24 -17.52 20.87
CA GLY B 261 -23.67 -17.57 20.68
C GLY B 261 -24.12 -17.43 19.25
N ASP B 262 -25.44 -17.25 19.09
CA ASP B 262 -26.10 -16.94 17.81
C ASP B 262 -25.73 -15.51 17.48
N LEU B 263 -24.96 -15.32 16.40
CA LEU B 263 -24.65 -13.96 15.98
C LEU B 263 -25.62 -13.46 14.92
N THR B 264 -26.42 -14.37 14.38
CA THR B 264 -27.45 -14.06 13.37
C THR B 264 -28.28 -12.79 13.63
N PRO B 265 -28.96 -12.67 14.79
CA PRO B 265 -29.73 -11.44 14.97
C PRO B 265 -28.94 -10.14 14.77
N ILE B 266 -27.64 -10.14 15.10
CA ILE B 266 -26.76 -8.97 14.83
C ILE B 266 -26.53 -8.81 13.32
N ILE B 267 -26.00 -9.84 12.66
CA ILE B 267 -25.72 -9.79 11.22
C ILE B 267 -26.98 -9.31 10.47
N LYS B 268 -28.13 -9.92 10.78
CA LYS B 268 -29.43 -9.59 10.15
C LYS B 268 -29.82 -8.09 10.27
N GLN B 269 -29.47 -7.46 11.39
CA GLN B 269 -29.60 -6.02 11.53
C GLN B 269 -28.85 -5.27 10.42
N TRP B 270 -27.68 -5.79 10.08
CA TRP B 270 -26.79 -5.06 9.18
C TRP B 270 -27.06 -5.39 7.74
N THR B 271 -27.46 -6.63 7.49
CA THR B 271 -27.67 -7.14 6.16
C THR B 271 -29.11 -7.01 5.70
N SER B 272 -29.96 -6.38 6.51
CA SER B 272 -31.38 -6.23 6.18
C SER B 272 -31.64 -4.96 5.37
N VAL B 273 -30.85 -3.92 5.62
CA VAL B 273 -30.84 -2.74 4.76
C VAL B 273 -29.94 -2.91 3.54
N TYR B 274 -30.44 -2.52 2.37
CA TYR B 274 -29.67 -2.55 1.10
C TYR B 274 -28.33 -1.82 1.18
N ALA B 275 -27.26 -2.53 0.86
CA ALA B 275 -25.95 -1.92 0.74
C ALA B 275 -25.07 -2.81 -0.14
N ALA B 276 -24.95 -2.45 -1.41
CA ALA B 276 -24.17 -3.19 -2.41
C ALA B 276 -23.08 -2.31 -3.04
N THR B 277 -21.92 -2.90 -3.32
CA THR B 277 -20.88 -2.22 -4.10
C THR B 277 -21.35 -2.20 -5.56
N GLU B 278 -20.65 -1.43 -6.43
CA GLU B 278 -21.00 -1.39 -7.86
C GLU B 278 -20.83 -2.75 -8.51
N ASP B 279 -19.95 -3.60 -7.96
CA ASP B 279 -19.73 -4.95 -8.51
C ASP B 279 -21.01 -5.86 -8.44
N VAL B 280 -21.85 -5.67 -7.42
CA VAL B 280 -23.02 -6.57 -7.19
C VAL B 280 -24.39 -5.86 -7.12
N HIS B 281 -24.39 -4.54 -7.22
CA HIS B 281 -25.58 -3.69 -7.30
C HIS B 281 -26.62 -4.17 -8.31
N GLU B 282 -27.89 -4.06 -7.93
CA GLU B 282 -29.00 -4.47 -8.78
C GLU B 282 -30.03 -3.37 -8.76
N PRO B 283 -30.12 -2.58 -9.85
CA PRO B 283 -30.92 -1.34 -9.84
C PRO B 283 -32.41 -1.60 -9.69
N ALA B 284 -32.90 -2.69 -10.27
CA ALA B 284 -34.27 -3.15 -10.02
C ALA B 284 -34.52 -3.39 -8.53
N ARG B 285 -33.68 -4.23 -7.91
CA ARG B 285 -33.77 -4.60 -6.50
C ARG B 285 -33.58 -3.42 -5.54
N TYR B 286 -32.73 -2.48 -5.93
CA TYR B 286 -32.49 -1.21 -5.22
C TYR B 286 -33.75 -0.35 -5.02
N GLU B 287 -34.48 -0.12 -6.11
CA GLU B 287 -35.71 0.67 -6.06
C GLU B 287 -36.77 -0.03 -5.22
N SER B 288 -37.01 -1.30 -5.55
CA SER B 288 -38.03 -2.12 -4.92
C SER B 288 -37.69 -2.57 -3.49
N GLU B 289 -36.74 -1.88 -2.86
CA GLU B 289 -36.27 -2.21 -1.51
C GLU B 289 -35.85 -0.97 -0.71
N VAL B 290 -35.23 -0.01 -1.39
CA VAL B 290 -34.92 1.29 -0.77
C VAL B 290 -35.96 2.34 -1.19
N PRO B 291 -36.53 3.08 -0.22
CA PRO B 291 -37.32 4.26 -0.53
C PRO B 291 -36.43 5.32 -1.14
N GLU B 292 -36.92 6.01 -2.18
CA GLU B 292 -36.14 7.07 -2.79
C GLU B 292 -35.59 8.02 -1.72
N ALA B 293 -36.32 8.13 -0.61
CA ALA B 293 -35.94 8.96 0.56
C ALA B 293 -34.55 8.63 1.12
N ASN B 294 -34.24 7.32 1.19
CA ASN B 294 -33.01 6.80 1.81
C ASN B 294 -31.92 6.37 0.81
N ARG B 295 -32.18 6.46 -0.49
CA ARG B 295 -31.17 6.09 -1.52
C ARG B 295 -29.99 7.03 -1.61
N LEU B 296 -28.78 6.52 -1.34
CA LEU B 296 -27.54 7.28 -1.53
C LEU B 296 -26.58 6.50 -2.43
N ASN B 297 -26.37 7.03 -3.63
CA ASN B 297 -25.42 6.50 -4.59
C ASN B 297 -24.27 7.45 -4.42
N THR B 298 -23.19 6.96 -3.85
CA THR B 298 -22.01 7.77 -3.61
C THR B 298 -20.83 6.84 -3.86
N ARG B 299 -19.64 7.21 -3.38
CA ARG B 299 -18.55 6.25 -3.32
C ARG B 299 -17.75 6.17 -1.99
N GLY B 300 -16.81 5.24 -1.91
CA GLY B 300 -16.02 5.07 -0.69
C GLY B 300 -14.67 4.41 -0.82
N ILE B 301 -14.04 4.21 0.33
CA ILE B 301 -12.71 3.61 0.47
C ILE B 301 -12.89 2.28 1.18
N GLU B 302 -12.46 1.19 0.53
CA GLU B 302 -12.53 -0.17 1.10
C GLU B 302 -11.47 -0.44 2.15
N VAL B 303 -11.91 -0.70 3.39
CA VAL B 303 -10.94 -0.83 4.47
C VAL B 303 -10.78 -2.26 4.94
N GLY B 304 -11.67 -3.14 4.47
CA GLY B 304 -11.57 -4.55 4.78
C GLY B 304 -12.49 -5.35 3.91
N GLN B 305 -12.33 -6.67 3.95
CA GLN B 305 -13.19 -7.56 3.21
C GLN B 305 -13.22 -8.93 3.85
N ILE B 306 -14.43 -9.43 4.07
CA ILE B 306 -14.63 -10.78 4.53
C ILE B 306 -15.19 -11.62 3.38
N PHE B 307 -14.66 -12.84 3.23
CA PHE B 307 -14.88 -13.66 2.03
C PHE B 307 -14.82 -15.16 2.34
N TYR B 308 -15.93 -15.86 2.12
CA TYR B 308 -16.01 -17.32 2.17
C TYR B 308 -15.59 -17.96 0.85
N PHE B 309 -14.55 -18.84 0.90
CA PHE B 309 -14.05 -19.48 -0.33
C PHE B 309 -14.24 -21.00 -0.41
N GLY B 310 -14.70 -21.59 0.69
CA GLY B 310 -15.05 -23.01 0.72
C GLY B 310 -13.85 -23.92 0.64
N THR B 311 -13.91 -24.86 -0.29
CA THR B 311 -12.87 -25.85 -0.47
C THR B 311 -11.95 -25.51 -1.65
N LYS B 312 -11.83 -24.23 -1.98
CA LYS B 312 -10.94 -23.82 -3.07
C LYS B 312 -9.47 -24.20 -2.88
N TYR B 313 -8.95 -24.16 -1.65
CA TYR B 313 -7.54 -24.51 -1.40
C TYR B 313 -7.39 -25.88 -0.77
N SER B 314 -8.39 -26.28 0.02
CA SER B 314 -8.38 -27.57 0.69
C SER B 314 -8.62 -28.72 -0.27
N ASP B 315 -9.28 -28.45 -1.40
CA ASP B 315 -9.40 -29.39 -2.52
C ASP B 315 -8.07 -29.66 -3.24
N SER B 316 -7.36 -28.61 -3.65
CA SER B 316 -6.18 -28.81 -4.49
C SER B 316 -4.92 -29.09 -3.68
N MET B 317 -4.94 -28.70 -2.41
CA MET B 317 -3.80 -28.87 -1.51
C MET B 317 -3.98 -29.97 -0.48
N LYS B 318 -5.19 -30.56 -0.51
CA LYS B 318 -5.54 -31.74 0.25
C LYS B 318 -5.45 -31.47 1.75
N ALA B 319 -6.26 -30.54 2.20
CA ALA B 319 -6.37 -30.25 3.61
C ALA B 319 -7.69 -30.82 4.08
N ASN B 320 -7.63 -32.08 4.53
CA ASN B 320 -8.83 -32.77 5.02
C ASN B 320 -8.78 -33.01 6.52
N VAL B 321 -9.95 -33.20 7.11
CA VAL B 321 -10.03 -33.65 8.49
C VAL B 321 -11.08 -34.75 8.57
N THR B 322 -10.99 -35.55 9.63
CA THR B 322 -11.98 -36.57 9.90
C THR B 322 -13.21 -35.91 10.54
N GLY B 323 -14.38 -36.19 9.96
CA GLY B 323 -15.64 -35.59 10.41
C GLY B 323 -16.26 -36.36 11.55
N PRO B 324 -17.39 -35.83 12.09
CA PRO B 324 -18.10 -36.43 13.22
C PRO B 324 -18.88 -37.69 12.83
N ASP B 325 -18.53 -38.28 11.68
CA ASP B 325 -18.95 -39.64 11.34
C ASP B 325 -17.81 -40.39 10.67
N GLY B 326 -16.61 -40.30 11.25
CA GLY B 326 -15.42 -41.07 10.81
C GLY B 326 -14.98 -40.83 9.37
N THR B 327 -15.64 -39.87 8.72
CA THR B 327 -15.47 -39.59 7.29
C THR B 327 -14.50 -38.41 7.05
N ASP B 328 -13.60 -38.56 6.07
CA ASP B 328 -12.60 -37.52 5.67
C ASP B 328 -13.13 -36.61 4.55
N ALA B 329 -13.15 -35.30 4.80
CA ALA B 329 -13.56 -34.32 3.78
C ALA B 329 -12.70 -33.04 3.79
N PRO B 330 -12.62 -32.33 2.64
CA PRO B 330 -11.87 -31.09 2.64
C PRO B 330 -12.52 -30.09 3.58
N ILE B 331 -11.70 -29.29 4.24
CA ILE B 331 -12.20 -28.26 5.13
C ILE B 331 -12.81 -27.14 4.29
N HIS B 332 -13.64 -26.34 4.92
CA HIS B 332 -14.22 -25.15 4.31
C HIS B 332 -13.52 -23.91 4.87
N GLY B 333 -13.11 -23.04 3.97
CA GLY B 333 -12.37 -21.84 4.35
C GLY B 333 -13.04 -20.51 4.13
N GLY B 334 -12.59 -19.52 4.88
CA GLY B 334 -12.91 -18.11 4.67
C GLY B 334 -11.64 -17.30 4.86
N SER B 335 -11.58 -16.11 4.26
CA SER B 335 -10.48 -15.17 4.51
C SER B 335 -11.00 -13.78 4.90
N TYR B 336 -10.20 -13.09 5.68
CA TYR B 336 -10.68 -11.87 6.26
C TYR B 336 -9.49 -10.95 6.29
N GLY B 337 -9.61 -9.79 5.65
CA GLY B 337 -8.51 -8.83 5.55
C GLY B 337 -8.86 -7.40 5.97
N VAL B 338 -7.97 -6.79 6.76
CA VAL B 338 -8.07 -5.39 7.10
C VAL B 338 -6.85 -4.62 6.54
N GLY B 339 -7.13 -3.52 5.85
CA GLY B 339 -6.06 -2.69 5.29
C GLY B 339 -5.55 -1.75 6.34
N VAL B 340 -4.61 -2.22 7.15
CA VAL B 340 -4.07 -1.51 8.33
C VAL B 340 -3.40 -0.14 8.00
N SER B 341 -2.46 -0.16 7.02
CA SER B 341 -1.85 1.05 6.53
C SER B 341 -2.82 1.91 5.68
N ARG B 342 -3.57 1.30 4.76
CA ARG B 342 -4.63 2.05 4.07
C ARG B 342 -5.42 2.89 5.06
N LEU B 343 -5.65 2.34 6.25
CA LEU B 343 -6.49 3.00 7.28
C LEU B 343 -6.00 4.36 7.73
N LEU B 344 -4.70 4.59 7.73
CA LEU B 344 -4.22 5.94 8.03
C LEU B 344 -4.74 6.94 6.98
N GLY B 345 -4.67 6.57 5.71
CA GLY B 345 -5.28 7.37 4.68
C GLY B 345 -6.78 7.56 4.85
N ALA B 346 -7.51 6.46 5.01
CA ALA B 346 -8.95 6.50 5.21
C ALA B 346 -9.33 7.38 6.38
N ILE B 347 -8.70 7.20 7.56
CA ILE B 347 -9.01 7.99 8.77
C ILE B 347 -8.81 9.49 8.54
N ILE B 348 -7.74 9.87 7.85
CA ILE B 348 -7.49 11.30 7.62
C ILE B 348 -8.53 11.92 6.67
N GLU B 349 -8.97 11.15 5.67
CA GLU B 349 -10.03 11.61 4.77
C GLU B 349 -11.31 12.01 5.53
N ALA B 350 -11.68 11.19 6.49
CA ALA B 350 -12.88 11.36 7.26
C ALA B 350 -12.68 12.33 8.42
N CYS B 351 -11.43 12.57 8.80
CA CYS B 351 -11.15 13.37 10.01
C CYS B 351 -10.10 14.42 9.79
N HIS B 352 -10.49 15.51 9.14
CA HIS B 352 -9.58 16.62 8.88
C HIS B 352 -10.39 17.88 8.71
N ASP B 353 -9.68 19.01 8.73
CA ASP B 353 -10.24 20.32 8.39
C ASP B 353 -9.20 21.20 7.72
N ASP B 354 -9.54 22.49 7.58
CA ASP B 354 -8.70 23.43 6.83
C ASP B 354 -7.32 23.55 7.45
N ASN B 355 -7.22 23.30 8.75
CA ASN B 355 -5.95 23.36 9.50
C ASN B 355 -5.18 22.05 9.72
N GLY B 356 -5.74 20.91 9.29
CA GLY B 356 -4.97 19.66 9.26
C GLY B 356 -5.70 18.43 9.71
N ILE B 357 -4.99 17.52 10.37
CA ILE B 357 -5.60 16.29 10.84
C ILE B 357 -6.37 16.54 12.14
N ILE B 358 -7.43 15.74 12.37
CA ILE B 358 -8.13 15.69 13.64
C ILE B 358 -8.26 14.23 14.00
N TRP B 359 -7.24 13.68 14.67
CA TRP B 359 -7.23 12.26 15.06
C TRP B 359 -8.35 11.88 16.05
N PRO B 360 -9.03 10.74 15.79
CA PRO B 360 -9.73 10.12 16.93
C PRO B 360 -8.74 9.75 18.05
N GLU B 361 -9.16 9.93 19.30
CA GLU B 361 -8.28 9.75 20.46
C GLU B 361 -7.60 8.37 20.53
N ALA B 362 -8.31 7.32 20.14
CA ALA B 362 -7.82 5.94 20.17
C ALA B 362 -6.68 5.63 19.20
N VAL B 363 -6.48 6.50 18.21
CA VAL B 363 -5.42 6.29 17.20
C VAL B 363 -4.39 7.42 17.15
N ALA B 364 -4.61 8.51 17.90
CA ALA B 364 -3.72 9.66 17.88
C ALA B 364 -2.31 9.26 18.34
N PRO B 365 -1.25 9.87 17.78
CA PRO B 365 0.08 9.44 18.19
C PRO B 365 0.39 9.93 19.61
N PHE B 366 -0.24 11.03 20.00
CA PHE B 366 -0.22 11.55 21.37
C PHE B 366 -1.64 11.98 21.73
N ARG B 367 -1.99 11.96 23.02
CA ARG B 367 -3.31 12.44 23.46
C ARG B 367 -3.34 13.95 23.75
N VAL B 368 -2.19 14.49 24.13
CA VAL B 368 -2.06 15.90 24.54
C VAL B 368 -0.70 16.46 24.11
N THR B 369 -0.71 17.68 23.61
CA THR B 369 0.55 18.41 23.41
C THR B 369 0.60 19.66 24.27
N ILE B 370 1.76 19.90 24.87
CA ILE B 370 2.00 21.08 25.72
C ILE B 370 2.72 22.13 24.89
N LEU B 371 2.11 23.29 24.73
CA LEU B 371 2.74 24.34 23.91
C LEU B 371 3.33 25.44 24.80
N ASN B 372 4.66 25.43 24.95
CA ASN B 372 5.34 26.54 25.63
C ASN B 372 5.35 27.80 24.74
N LEU B 373 4.56 28.80 25.13
CA LEU B 373 4.37 30.03 24.33
C LEU B 373 5.40 31.14 24.62
N LYS B 374 6.38 30.86 25.48
CA LYS B 374 7.56 31.71 25.64
C LYS B 374 8.74 30.83 26.10
N GLN B 375 9.37 30.15 25.14
CA GLN B 375 10.38 29.13 25.44
C GLN B 375 11.60 29.77 26.12
N GLY B 376 12.19 29.09 27.11
CA GLY B 376 13.36 29.61 27.83
C GLY B 376 13.05 30.31 29.16
N ASP B 377 12.18 31.31 29.07
CA ASP B 377 11.45 31.91 30.20
C ASP B 377 11.23 30.92 31.34
N ALA B 378 11.80 31.22 32.49
CA ALA B 378 11.87 30.30 33.63
C ALA B 378 10.51 29.89 34.24
N ALA B 379 9.54 30.80 34.26
CA ALA B 379 8.19 30.48 34.76
C ALA B 379 7.43 29.49 33.86
N THR B 380 7.47 29.70 32.54
CA THR B 380 6.77 28.80 31.61
C THR B 380 7.48 27.45 31.45
N ASP B 381 8.80 27.47 31.24
CA ASP B 381 9.61 26.24 31.26
C ASP B 381 9.37 25.39 32.49
N ALA B 382 9.38 26.02 33.68
CA ALA B 382 9.16 25.32 34.95
C ALA B 382 7.73 24.76 35.10
N ALA B 383 6.75 25.46 34.52
CA ALA B 383 5.37 24.97 34.51
C ALA B 383 5.17 23.84 33.49
N CYS B 384 5.82 23.96 32.34
CA CYS B 384 5.71 22.96 31.28
C CYS B 384 6.41 21.64 31.62
N ASP B 385 7.56 21.72 32.29
CA ASP B 385 8.24 20.55 32.87
C ASP B 385 7.33 19.84 33.85
N GLN B 386 6.77 20.61 34.79
CA GLN B 386 5.84 20.12 35.80
C GLN B 386 4.62 19.41 35.19
N LEU B 387 3.99 20.04 34.21
CA LEU B 387 2.81 19.45 33.55
C LEU B 387 3.14 18.19 32.75
N TYR B 388 4.32 18.20 32.13
CA TYR B 388 4.85 17.10 31.33
C TYR B 388 4.98 15.82 32.17
N ARG B 389 5.91 15.81 33.14
CA ARG B 389 6.16 14.61 33.96
C ARG B 389 4.96 14.16 34.79
N GLU B 390 4.10 15.10 35.17
CA GLU B 390 2.89 14.74 35.88
C GLU B 390 1.92 13.93 35.01
N LEU B 391 1.53 14.47 33.85
CA LEU B 391 0.71 13.74 32.85
C LEU B 391 1.41 12.46 32.35
N SER B 392 2.70 12.59 32.08
CA SER B 392 3.54 11.46 31.69
C SER B 392 3.42 10.29 32.69
N ALA B 393 3.57 10.62 33.99
CA ALA B 393 3.48 9.65 35.10
C ALA B 393 2.08 9.11 35.35
N LYS B 394 1.06 9.80 34.83
CA LYS B 394 -0.33 9.41 35.05
C LYS B 394 -0.87 8.49 33.96
N GLY B 395 -0.01 8.17 32.99
CA GLY B 395 -0.37 7.26 31.90
C GLY B 395 -0.66 7.92 30.55
N VAL B 396 -0.77 9.26 30.53
CA VAL B 396 -1.13 10.03 29.31
C VAL B 396 0.01 10.13 28.30
N ASP B 397 -0.29 9.83 27.03
CA ASP B 397 0.63 10.09 25.91
C ASP B 397 0.80 11.59 25.65
N VAL B 398 1.94 12.16 26.03
CA VAL B 398 2.15 13.61 25.98
C VAL B 398 3.34 14.04 25.13
N LEU B 399 3.10 15.02 24.26
CA LEU B 399 4.18 15.68 23.52
C LEU B 399 4.38 17.10 24.07
N TYR B 400 5.59 17.39 24.51
CA TYR B 400 5.92 18.73 25.00
C TYR B 400 6.67 19.46 23.89
N ASP B 401 6.03 20.48 23.33
CA ASP B 401 6.64 21.33 22.30
C ASP B 401 7.59 22.32 22.98
N ASP B 402 8.78 21.83 23.33
CA ASP B 402 9.83 22.65 23.93
C ASP B 402 10.80 23.28 22.90
N THR B 403 10.36 23.44 21.66
CA THR B 403 11.20 24.03 20.62
C THR B 403 11.25 25.57 20.70
N ASP B 404 12.27 26.12 20.04
CA ASP B 404 12.50 27.56 19.97
C ASP B 404 11.40 28.34 19.23
N GLN B 405 10.49 27.62 18.55
CA GLN B 405 9.46 28.25 17.73
C GLN B 405 8.62 29.31 18.44
N ARG B 406 8.18 30.28 17.66
CA ARG B 406 7.23 31.27 18.15
C ARG B 406 5.83 30.68 18.24
N ALA B 407 5.02 31.26 19.12
CA ALA B 407 3.70 30.74 19.50
C ALA B 407 2.85 30.30 18.32
N GLY B 408 2.73 31.19 17.33
CA GLY B 408 1.89 30.97 16.15
C GLY B 408 2.29 29.74 15.35
N ALA B 409 3.59 29.46 15.32
CA ALA B 409 4.14 28.24 14.72
C ALA B 409 3.80 26.98 15.55
N LYS B 410 3.98 27.07 16.86
CA LYS B 410 3.56 26.01 17.79
C LYS B 410 2.07 25.63 17.64
N PHE B 411 1.19 26.64 17.53
CA PHE B 411 -0.25 26.44 17.24
C PHE B 411 -0.46 25.75 15.90
N ALA B 412 0.22 26.23 14.85
CA ALA B 412 -0.03 25.75 13.50
C ALA B 412 0.37 24.29 13.36
N THR B 413 1.62 23.98 13.72
CA THR B 413 2.12 22.60 13.85
C THR B 413 1.16 21.69 14.63
N ALA B 414 0.70 22.16 15.79
CA ALA B 414 -0.15 21.36 16.69
C ALA B 414 -1.50 21.05 16.07
N ASP B 415 -2.15 22.06 15.49
CA ASP B 415 -3.39 21.87 14.73
C ASP B 415 -3.18 20.86 13.60
N LEU B 416 -2.06 20.99 12.91
CA LEU B 416 -1.71 20.18 11.74
C LEU B 416 -1.52 18.68 12.02
N ILE B 417 -0.78 18.35 13.09
CA ILE B 417 -0.49 16.96 13.43
C ILE B 417 -1.66 16.28 14.17
N GLY B 418 -2.67 17.08 14.54
CA GLY B 418 -3.99 16.53 14.90
C GLY B 418 -4.17 15.93 16.28
N ILE B 419 -3.26 16.29 17.18
CA ILE B 419 -3.26 15.85 18.58
C ILE B 419 -4.53 16.34 19.25
N PRO B 420 -5.35 15.43 19.80
CA PRO B 420 -6.68 15.72 20.36
C PRO B 420 -6.85 16.99 21.25
N TRP B 421 -5.88 17.23 22.13
CA TRP B 421 -5.96 18.27 23.15
C TRP B 421 -4.65 19.05 23.19
N GLN B 422 -4.73 20.36 23.40
CA GLN B 422 -3.51 21.18 23.56
C GLN B 422 -3.53 21.86 24.93
N ILE B 423 -2.36 22.03 25.54
CA ILE B 423 -2.27 22.86 26.73
C ILE B 423 -1.40 24.07 26.42
N HIS B 424 -2.01 25.24 26.38
CA HIS B 424 -1.31 26.49 26.11
C HIS B 424 -0.76 27.11 27.40
N VAL B 425 0.56 27.23 27.43
CA VAL B 425 1.29 27.70 28.59
C VAL B 425 2.13 28.91 28.18
N GLY B 426 1.95 30.00 28.91
CA GLY B 426 2.69 31.24 28.65
C GLY B 426 2.57 32.25 29.76
N PRO B 427 3.39 33.31 29.72
CA PRO B 427 3.48 34.39 30.73
C PRO B 427 2.15 35.07 31.13
N ARG B 428 1.26 35.32 30.16
CA ARG B 428 -0.04 35.96 30.44
C ARG B 428 -0.91 35.20 31.47
N GLY B 429 -1.36 34.01 31.09
CA GLY B 429 -2.21 33.18 31.95
C GLY B 429 -1.47 32.49 33.10
N LEU B 430 -0.26 32.02 32.83
CA LEU B 430 0.55 31.25 33.80
C LEU B 430 1.11 32.06 34.98
N ALA B 431 1.74 33.20 34.70
CA ALA B 431 2.05 34.16 35.75
C ALA B 431 0.73 34.84 36.21
N GLU B 432 -0.26 33.98 36.48
CA GLU B 432 -1.55 34.32 37.07
C GLU B 432 -2.27 33.01 37.45
N GLY B 433 -1.62 31.88 37.15
CA GLY B 433 -2.03 30.56 37.66
C GLY B 433 -3.00 29.79 36.79
N LYS B 434 -3.04 30.12 35.49
CA LYS B 434 -3.97 29.51 34.56
C LYS B 434 -3.29 29.00 33.27
N VAL B 435 -3.83 27.91 32.74
CA VAL B 435 -3.41 27.36 31.45
C VAL B 435 -4.65 27.29 30.58
N GLU B 436 -4.46 27.12 29.27
CA GLU B 436 -5.59 26.98 28.37
C GLU B 436 -5.65 25.55 27.80
N LEU B 437 -6.85 25.00 27.76
CA LEU B 437 -7.07 23.67 27.21
C LEU B 437 -7.92 23.82 25.98
N LYS B 438 -7.34 23.43 24.83
CA LYS B 438 -7.99 23.58 23.52
C LYS B 438 -8.23 22.21 22.91
N ARG B 439 -9.50 21.91 22.68
CA ARG B 439 -9.93 20.69 22.02
C ARG B 439 -9.77 20.87 20.52
N ARG B 440 -9.11 19.92 19.86
CA ARG B 440 -8.79 20.04 18.43
C ARG B 440 -10.01 19.87 17.54
N SER B 441 -10.94 19.02 17.97
CA SER B 441 -12.10 18.64 17.19
C SER B 441 -13.03 19.81 16.83
N ASP B 442 -13.22 20.75 17.76
CA ASP B 442 -14.11 21.87 17.52
C ASP B 442 -13.51 23.23 17.87
N GLY B 443 -12.32 23.20 18.47
CA GLY B 443 -11.61 24.41 18.86
C GLY B 443 -12.04 24.97 20.21
N ALA B 444 -12.76 24.16 20.99
CA ALA B 444 -13.26 24.58 22.28
C ALA B 444 -12.10 25.01 23.18
N ARG B 445 -12.15 26.26 23.61
CA ARG B 445 -11.16 26.83 24.53
C ARG B 445 -11.67 26.76 25.97
N GLU B 446 -10.75 26.64 26.94
CA GLU B 446 -11.09 26.77 28.36
C GLU B 446 -9.86 27.15 29.19
N ASN B 447 -10.08 28.00 30.20
CA ASN B 447 -9.03 28.34 31.16
C ASN B 447 -9.18 27.58 32.47
N LEU B 448 -8.07 27.04 32.94
CA LEU B 448 -8.01 26.20 34.13
C LEU B 448 -6.78 26.58 34.95
N ALA B 449 -6.88 26.51 36.28
CA ALA B 449 -5.68 26.61 37.10
C ALA B 449 -4.80 25.41 36.76
N LEU B 450 -3.49 25.63 36.66
CA LEU B 450 -2.57 24.59 36.17
C LEU B 450 -2.47 23.39 37.09
N ALA B 451 -3.04 23.50 38.28
CA ALA B 451 -3.09 22.39 39.22
C ALA B 451 -4.27 21.47 38.91
N ASP B 452 -5.34 22.04 38.34
CA ASP B 452 -6.59 21.31 38.10
C ASP B 452 -6.63 20.54 36.77
N VAL B 453 -5.75 20.92 35.84
CA VAL B 453 -5.80 20.42 34.46
C VAL B 453 -5.43 18.93 34.32
N VAL B 454 -4.42 18.48 35.07
CA VAL B 454 -4.01 17.07 35.09
C VAL B 454 -5.21 16.18 35.39
N ALA B 455 -6.04 16.62 36.34
CA ALA B 455 -7.25 15.93 36.75
C ALA B 455 -8.28 15.87 35.63
N ARG B 456 -8.39 16.97 34.88
CA ARG B 456 -9.31 17.09 33.74
C ARG B 456 -9.07 16.04 32.64
N LEU B 457 -7.82 15.62 32.51
CA LEU B 457 -7.38 14.75 31.40
C LEU B 457 -7.23 13.28 31.78
N THR B 458 -7.03 13.00 33.07
CA THR B 458 -7.00 11.64 33.61
C THR B 458 -8.36 11.24 34.18
N GLY C 18 -23.45 20.97 -46.59
CA GLY C 18 -23.02 20.47 -45.26
C GLY C 18 -24.27 20.11 -44.48
N SER C 19 -24.15 19.16 -43.53
CA SER C 19 -25.29 18.71 -42.69
C SER C 19 -26.03 19.91 -42.16
N HIS C 20 -27.31 19.74 -41.84
CA HIS C 20 -28.10 20.85 -41.40
C HIS C 20 -29.29 20.29 -40.67
N MET C 21 -29.69 20.98 -39.60
CA MET C 21 -30.78 20.53 -38.79
C MET C 21 -31.53 21.73 -38.24
N ARG C 22 -32.85 21.64 -38.18
CA ARG C 22 -33.67 22.52 -37.37
C ARG C 22 -33.87 21.82 -36.01
N LEU C 23 -33.44 22.45 -34.94
CA LEU C 23 -33.55 21.85 -33.59
C LEU C 23 -34.88 21.22 -33.31
N SER C 24 -35.98 21.82 -33.76
CA SER C 24 -37.33 21.28 -33.50
C SER C 24 -37.54 19.91 -34.14
N ARG C 25 -36.71 19.57 -35.13
CA ARG C 25 -36.83 18.32 -35.86
C ARG C 25 -35.69 17.36 -35.48
N PHE C 26 -35.25 17.45 -34.22
CA PHE C 26 -34.00 16.87 -33.75
C PHE C 26 -34.23 16.24 -32.37
N PHE C 27 -33.23 15.51 -31.89
CA PHE C 27 -33.35 14.88 -30.60
C PHE C 27 -32.13 15.28 -29.83
N LEU C 28 -32.28 16.25 -28.96
CA LEU C 28 -31.16 16.75 -28.18
C LEU C 28 -31.62 16.98 -26.73
N PRO C 29 -31.63 15.91 -25.90
CA PRO C 29 -32.18 16.06 -24.54
C PRO C 29 -31.20 16.67 -23.52
N ILE C 30 -31.39 17.97 -23.29
CA ILE C 30 -30.54 18.78 -22.45
C ILE C 30 -30.97 18.54 -21.01
N LEU C 31 -30.00 18.36 -20.13
CA LEU C 31 -30.24 18.21 -18.69
C LEU C 31 -30.07 19.55 -17.99
N LYS C 32 -31.06 19.93 -17.19
CA LYS C 32 -30.98 21.15 -16.36
C LYS C 32 -29.85 21.14 -15.31
N GLU C 33 -29.68 20.00 -14.62
CA GLU C 33 -28.71 19.86 -13.49
C GLU C 33 -27.45 19.06 -13.80
N ASN C 34 -26.44 19.20 -12.94
CA ASN C 34 -25.26 18.32 -12.98
C ASN C 34 -25.65 16.94 -12.49
N PRO C 35 -25.52 15.90 -13.35
CA PRO C 35 -25.86 14.56 -12.85
C PRO C 35 -24.84 14.10 -11.80
N LYS C 36 -25.33 13.54 -10.70
CA LYS C 36 -24.45 13.13 -9.59
C LYS C 36 -23.45 12.02 -9.93
N GLU C 37 -23.88 11.11 -10.79
CA GLU C 37 -23.05 9.97 -11.20
C GLU C 37 -21.73 10.39 -11.89
N ALA C 38 -21.70 11.65 -12.36
CA ALA C 38 -20.58 12.20 -13.14
C ALA C 38 -19.60 12.96 -12.28
N GLU C 39 -18.34 12.54 -12.29
CA GLU C 39 -17.31 13.08 -11.40
C GLU C 39 -16.37 14.08 -12.07
N ILE C 40 -16.07 13.90 -13.36
CA ILE C 40 -15.25 14.84 -14.14
C ILE C 40 -16.09 15.67 -15.13
N VAL C 41 -15.54 16.78 -15.65
CA VAL C 41 -16.32 17.76 -16.46
C VAL C 41 -16.80 17.19 -17.78
N SER C 42 -15.92 16.48 -18.48
CA SER C 42 -16.28 15.84 -19.73
C SER C 42 -17.48 14.91 -19.59
N HIS C 43 -17.54 14.12 -18.52
CA HIS C 43 -18.65 13.18 -18.32
C HIS C 43 -19.91 13.96 -18.01
N ARG C 44 -19.77 14.92 -17.13
CA ARG C 44 -20.82 15.85 -16.76
C ARG C 44 -21.35 16.57 -18.00
N LEU C 45 -20.46 17.15 -18.78
CA LEU C 45 -20.85 17.95 -19.95
C LEU C 45 -21.51 17.15 -21.07
N MET C 46 -21.00 15.94 -21.32
CA MET C 46 -21.57 15.03 -22.32
C MET C 46 -22.98 14.61 -21.97
N LEU C 47 -23.24 14.36 -20.69
CA LEU C 47 -24.61 14.08 -20.22
C LEU C 47 -25.54 15.31 -20.24
N ARG C 48 -25.04 16.46 -19.79
CA ARG C 48 -25.84 17.69 -19.79
C ARG C 48 -26.19 18.19 -21.19
N ALA C 49 -25.26 18.00 -22.14
CA ALA C 49 -25.38 18.45 -23.52
C ALA C 49 -26.12 17.50 -24.47
N GLY C 50 -26.84 16.51 -23.91
CA GLY C 50 -27.57 15.49 -24.67
C GLY C 50 -26.77 14.68 -25.68
N MET C 51 -25.57 14.26 -25.30
CA MET C 51 -24.67 13.55 -26.21
C MET C 51 -24.57 12.05 -25.87
N LEU C 52 -24.82 11.74 -24.59
CA LEU C 52 -24.51 10.44 -24.03
C LEU C 52 -25.66 10.01 -23.13
N ARG C 53 -26.07 8.74 -23.23
CA ARG C 53 -26.90 8.02 -22.23
C ARG C 53 -26.21 6.71 -21.75
N GLN C 54 -26.23 6.41 -20.46
CA GLN C 54 -25.66 5.12 -20.01
C GLN C 54 -26.66 3.99 -20.10
N GLU C 55 -26.24 2.84 -20.62
CA GLU C 55 -27.15 1.70 -20.75
C GLU C 55 -26.81 0.55 -19.78
N ALA C 56 -25.54 0.49 -19.37
CA ALA C 56 -25.00 -0.39 -18.32
C ALA C 56 -23.65 0.20 -17.95
N ALA C 57 -23.04 -0.26 -16.86
CA ALA C 57 -21.72 0.18 -16.49
C ALA C 57 -20.76 0.02 -17.67
N GLY C 58 -20.07 1.11 -17.99
CA GLY C 58 -19.12 1.20 -19.10
C GLY C 58 -19.67 1.02 -20.51
N ILE C 59 -20.99 1.02 -20.66
CA ILE C 59 -21.65 0.77 -21.97
C ILE C 59 -22.71 1.85 -22.23
N TYR C 60 -22.67 2.50 -23.41
CA TYR C 60 -23.45 3.73 -23.73
C TYR C 60 -24.10 3.78 -25.10
N ALA C 61 -25.18 4.54 -25.18
CA ALA C 61 -25.80 4.96 -26.44
C ALA C 61 -25.24 6.35 -26.73
N TRP C 62 -24.93 6.57 -27.99
CA TRP C 62 -24.45 7.85 -28.50
C TRP C 62 -25.61 8.59 -29.08
N LEU C 63 -26.10 9.58 -28.33
CA LEU C 63 -27.32 10.32 -28.73
C LEU C 63 -26.93 11.20 -29.94
N PRO C 64 -27.92 11.70 -30.71
CA PRO C 64 -27.52 12.31 -32.00
C PRO C 64 -26.36 13.29 -31.98
N LEU C 65 -26.30 14.18 -30.99
CA LEU C 65 -25.27 15.19 -30.97
C LEU C 65 -23.92 14.53 -30.65
N GLY C 66 -23.94 13.44 -29.89
CA GLY C 66 -22.68 12.77 -29.49
C GLY C 66 -22.11 11.94 -30.63
N HIS C 67 -23.01 11.33 -31.38
CA HIS C 67 -22.66 10.51 -32.51
C HIS C 67 -21.97 11.27 -33.64
N ARG C 68 -22.52 12.44 -33.95
CA ARG C 68 -21.92 13.38 -34.91
C ARG C 68 -20.47 13.71 -34.64
N VAL C 69 -20.14 13.92 -33.38
CA VAL C 69 -18.76 14.19 -32.97
C VAL C 69 -17.90 12.96 -33.11
N LEU C 70 -18.38 11.83 -32.61
CA LEU C 70 -17.70 10.55 -32.78
C LEU C 70 -17.32 10.32 -34.25
N LYS C 71 -18.28 10.55 -35.16
CA LYS C 71 -18.04 10.43 -36.58
C LYS C 71 -16.99 11.38 -37.14
N LYS C 72 -17.04 12.66 -36.74
CA LYS C 72 -16.04 13.64 -37.15
C LYS C 72 -14.66 13.17 -36.75
N ILE C 73 -14.51 12.81 -35.48
CA ILE C 73 -13.26 12.27 -34.94
C ILE C 73 -12.80 11.05 -35.74
N GLU C 74 -13.72 10.11 -35.95
CA GLU C 74 -13.49 8.92 -36.75
C GLU C 74 -12.90 9.23 -38.15
N GLN C 75 -13.58 10.08 -38.93
CA GLN C 75 -13.09 10.54 -40.27
C GLN C 75 -11.68 11.18 -40.27
N ILE C 76 -11.37 12.01 -39.28
CA ILE C 76 -10.04 12.57 -39.13
C ILE C 76 -9.01 11.45 -38.96
N VAL C 77 -9.32 10.48 -38.10
CA VAL C 77 -8.40 9.40 -37.81
C VAL C 77 -8.20 8.59 -39.08
N ARG C 78 -9.30 8.20 -39.73
CA ARG C 78 -9.26 7.52 -41.05
C ARG C 78 -8.41 8.31 -42.05
N GLU C 79 -8.67 9.60 -42.21
CA GLU C 79 -7.88 10.38 -43.18
C GLU C 79 -6.39 10.35 -42.96
N GLU C 80 -5.96 10.48 -41.70
CA GLU C 80 -4.52 10.44 -41.42
C GLU C 80 -3.88 9.04 -41.47
N GLN C 81 -4.66 8.00 -41.22
CA GLN C 81 -4.20 6.61 -41.48
C GLN C 81 -4.00 6.38 -42.96
N ASN C 82 -5.00 6.78 -43.76
CA ASN C 82 -4.93 6.69 -45.22
C ASN C 82 -3.72 7.44 -45.81
N ARG C 83 -3.55 8.70 -45.39
CA ARG C 83 -2.38 9.51 -45.78
C ARG C 83 -1.03 8.81 -45.53
N ALA C 84 -0.91 8.09 -44.42
CA ALA C 84 0.33 7.39 -44.04
C ALA C 84 0.54 6.05 -44.73
N GLY C 85 -0.42 5.59 -45.53
CA GLY C 85 -0.25 4.33 -46.28
C GLY C 85 -0.99 3.11 -45.77
N ALA C 86 -1.80 3.27 -44.71
CA ALA C 86 -2.53 2.16 -44.13
C ALA C 86 -3.88 1.95 -44.79
N ILE C 87 -4.21 0.66 -44.94
CA ILE C 87 -5.36 0.17 -45.67
C ILE C 87 -6.45 -0.31 -44.71
N GLU C 88 -7.66 0.22 -44.88
CA GLU C 88 -8.77 -0.06 -43.98
C GLU C 88 -9.51 -1.37 -44.31
N LEU C 89 -9.88 -2.08 -43.25
CA LEU C 89 -10.79 -3.21 -43.36
C LEU C 89 -11.78 -3.20 -42.16
N LEU C 90 -12.48 -4.30 -41.92
CA LEU C 90 -13.30 -4.46 -40.71
C LEU C 90 -13.26 -5.90 -40.24
N MET C 91 -12.68 -6.10 -39.06
CA MET C 91 -12.74 -7.37 -38.39
C MET C 91 -13.99 -7.42 -37.53
N PRO C 92 -14.61 -8.63 -37.40
CA PRO C 92 -15.82 -8.76 -36.62
C PRO C 92 -15.60 -8.57 -35.11
N THR C 93 -16.67 -8.20 -34.40
CA THR C 93 -16.56 -7.98 -32.96
C THR C 93 -16.36 -9.28 -32.21
N LEU C 94 -16.88 -10.38 -32.77
CA LEU C 94 -16.81 -11.69 -32.15
C LEU C 94 -15.65 -12.53 -32.70
N GLN C 95 -14.83 -13.05 -31.78
CA GLN C 95 -13.69 -13.91 -32.14
C GLN C 95 -13.73 -15.31 -31.53
N LEU C 96 -13.00 -16.24 -32.13
CA LEU C 96 -12.95 -17.62 -31.66
C LEU C 96 -11.87 -17.75 -30.63
N ALA C 97 -12.17 -18.50 -29.56
CA ALA C 97 -11.20 -18.80 -28.49
C ALA C 97 -10.04 -19.63 -28.98
N ASP C 98 -10.28 -20.46 -30.00
CA ASP C 98 -9.21 -21.29 -30.57
C ASP C 98 -8.11 -20.49 -31.25
N LEU C 99 -8.50 -19.39 -31.86
CA LEU C 99 -7.56 -18.46 -32.42
C LEU C 99 -6.63 -17.89 -31.34
N TRP C 100 -7.16 -17.66 -30.15
CA TRP C 100 -6.40 -17.08 -29.05
C TRP C 100 -5.52 -18.13 -28.34
N ARG C 101 -5.91 -19.40 -28.45
CA ARG C 101 -5.12 -20.52 -27.95
C ARG C 101 -3.83 -20.71 -28.74
N GLU C 102 -3.92 -20.62 -30.07
CA GLU C 102 -2.75 -20.55 -30.93
C GLU C 102 -1.62 -19.65 -30.38
N SER C 103 -1.94 -18.40 -30.05
CA SER C 103 -0.97 -17.43 -29.58
C SER C 103 -0.72 -17.52 -28.08
N GLY C 104 -1.49 -18.36 -27.40
CA GLY C 104 -1.39 -18.55 -25.96
C GLY C 104 -1.92 -17.42 -25.12
N ARG C 105 -2.72 -16.53 -25.70
CA ARG C 105 -3.27 -15.37 -24.96
C ARG C 105 -4.67 -15.64 -24.40
N TYR C 106 -5.29 -16.71 -24.86
CA TYR C 106 -6.61 -17.01 -24.39
C TYR C 106 -6.61 -17.08 -22.88
N ASP C 107 -5.62 -17.75 -22.31
CA ASP C 107 -5.64 -17.95 -20.86
C ASP C 107 -4.89 -16.88 -20.07
N ALA C 108 -3.91 -16.23 -20.72
CA ALA C 108 -3.14 -15.14 -20.15
C ALA C 108 -3.75 -13.74 -20.33
N TYR C 109 -4.80 -13.60 -21.13
CA TYR C 109 -5.34 -12.26 -21.28
C TYR C 109 -5.79 -11.68 -19.95
N GLY C 110 -6.59 -12.44 -19.21
CA GLY C 110 -7.11 -12.02 -17.90
C GLY C 110 -8.60 -11.73 -17.94
N PRO C 111 -9.19 -11.34 -16.80
CA PRO C 111 -10.64 -11.18 -16.69
C PRO C 111 -11.23 -10.02 -17.50
N GLU C 112 -10.40 -9.27 -18.23
CA GLU C 112 -10.92 -8.28 -19.16
C GLU C 112 -11.52 -8.85 -20.44
N MET C 113 -11.17 -10.08 -20.77
CA MET C 113 -11.79 -10.75 -21.89
C MET C 113 -13.20 -11.20 -21.53
N LEU C 114 -14.17 -10.78 -22.35
CA LEU C 114 -15.55 -11.19 -22.18
C LEU C 114 -15.72 -12.46 -22.99
N ARG C 115 -15.92 -13.57 -22.28
CA ARG C 115 -16.04 -14.88 -22.90
C ARG C 115 -17.50 -15.15 -23.14
N ILE C 116 -17.78 -15.88 -24.21
CA ILE C 116 -19.14 -16.08 -24.71
C ILE C 116 -19.23 -17.50 -25.26
N ALA C 117 -20.28 -18.21 -24.92
CA ALA C 117 -20.55 -19.49 -25.57
C ALA C 117 -21.83 -19.33 -26.38
N ASP C 118 -21.82 -19.86 -27.60
CA ASP C 118 -23.01 -19.80 -28.48
C ASP C 118 -23.97 -21.01 -28.30
N ARG C 119 -24.94 -21.15 -29.19
CA ARG C 119 -25.99 -22.17 -29.04
C ARG C 119 -25.49 -23.60 -29.28
N HIS C 120 -24.37 -23.70 -29.96
CA HIS C 120 -23.73 -24.98 -30.24
C HIS C 120 -22.58 -25.25 -29.30
N LYS C 121 -22.44 -24.38 -28.29
CA LYS C 121 -21.46 -24.46 -27.20
C LYS C 121 -20.03 -24.04 -27.56
N ARG C 122 -19.91 -23.44 -28.73
CA ARG C 122 -18.63 -22.97 -29.21
C ARG C 122 -18.13 -21.77 -28.42
N GLU C 123 -16.83 -21.72 -28.24
CA GLU C 123 -16.23 -20.72 -27.41
C GLU C 123 -15.79 -19.48 -28.20
N LEU C 124 -16.46 -18.37 -27.92
CA LEU C 124 -16.24 -17.09 -28.59
C LEU C 124 -15.75 -16.06 -27.57
N LEU C 125 -15.54 -14.84 -28.03
CA LEU C 125 -15.15 -13.73 -27.15
C LEU C 125 -15.41 -12.48 -27.94
N TYR C 126 -15.85 -11.44 -27.24
CA TYR C 126 -15.91 -10.13 -27.84
C TYR C 126 -14.49 -9.60 -27.85
N GLY C 127 -13.95 -9.30 -29.03
CA GLY C 127 -12.58 -8.77 -29.17
C GLY C 127 -12.19 -7.56 -28.34
N PRO C 128 -11.12 -7.70 -27.52
CA PRO C 128 -10.54 -6.57 -26.80
C PRO C 128 -9.37 -5.88 -27.55
N THR C 129 -8.86 -6.59 -28.54
CA THR C 129 -7.82 -6.14 -29.49
C THR C 129 -7.79 -7.25 -30.58
N ASN C 130 -6.92 -7.12 -31.58
CA ASN C 130 -7.02 -7.95 -32.81
C ASN C 130 -5.70 -8.45 -33.44
N GLU C 131 -4.66 -8.63 -32.63
CA GLU C 131 -3.35 -9.03 -33.17
C GLU C 131 -3.37 -10.46 -33.70
N GLU C 132 -4.06 -11.36 -33.01
CA GLU C 132 -4.21 -12.74 -33.49
C GLU C 132 -5.02 -12.74 -34.80
N MET C 133 -6.09 -11.98 -34.85
CA MET C 133 -6.92 -12.09 -36.04
C MET C 133 -6.26 -11.46 -37.27
N ILE C 134 -5.62 -10.31 -37.10
CA ILE C 134 -4.95 -9.68 -38.23
C ILE C 134 -3.86 -10.60 -38.79
N THR C 135 -3.08 -11.23 -37.91
CA THR C 135 -2.11 -12.25 -38.29
C THR C 135 -2.77 -13.47 -38.99
N GLU C 136 -3.92 -13.92 -38.51
CA GLU C 136 -4.67 -14.98 -39.16
C GLU C 136 -5.06 -14.58 -40.60
N ILE C 137 -5.58 -13.37 -40.78
CA ILE C 137 -5.91 -12.82 -42.11
C ILE C 137 -4.65 -12.70 -42.97
N PHE C 138 -3.58 -12.15 -42.40
CA PHE C 138 -2.34 -11.93 -43.13
C PHE C 138 -1.71 -13.23 -43.66
N ARG C 139 -1.53 -14.21 -42.78
CA ARG C 139 -0.95 -15.52 -43.18
C ARG C 139 -1.75 -16.33 -44.22
N ALA C 140 -3.02 -16.03 -44.42
CA ALA C 140 -3.77 -16.75 -45.41
C ALA C 140 -3.38 -16.32 -46.82
N TYR C 141 -2.88 -15.09 -46.95
CA TYR C 141 -2.75 -14.48 -48.28
C TYR C 141 -1.35 -14.06 -48.66
N ILE C 142 -0.57 -13.60 -47.69
CA ILE C 142 0.70 -12.95 -47.99
C ILE C 142 1.84 -13.90 -47.66
N LYS C 143 2.62 -14.23 -48.70
CA LYS C 143 3.66 -15.24 -48.58
C LYS C 143 5.04 -14.72 -49.02
N SER C 144 5.08 -13.52 -49.60
CA SER C 144 6.32 -12.96 -50.13
C SER C 144 6.63 -11.56 -49.63
N TYR C 145 7.92 -11.31 -49.45
CA TYR C 145 8.44 -10.05 -48.97
C TYR C 145 8.07 -8.88 -49.88
N LYS C 146 7.74 -9.16 -51.14
CA LYS C 146 7.34 -8.12 -52.09
C LYS C 146 6.05 -7.42 -51.70
N SER C 147 5.22 -8.13 -50.92
CA SER C 147 3.95 -7.59 -50.42
C SER C 147 4.13 -6.54 -49.34
N LEU C 148 5.31 -6.48 -48.72
CA LEU C 148 5.57 -5.62 -47.55
C LEU C 148 6.47 -4.38 -47.78
N PRO C 149 6.34 -3.32 -46.95
CA PRO C 149 5.48 -3.09 -45.77
C PRO C 149 3.98 -3.12 -46.06
N LEU C 150 3.20 -3.44 -45.04
CA LEU C 150 1.74 -3.48 -45.15
C LEU C 150 1.17 -3.04 -43.80
N ASN C 151 0.26 -2.08 -43.85
CA ASN C 151 -0.47 -1.69 -42.66
C ASN C 151 -1.97 -1.86 -42.86
N LEU C 152 -2.53 -2.75 -42.07
CA LEU C 152 -3.97 -3.04 -42.12
C LEU C 152 -4.62 -2.53 -40.86
N TYR C 153 -5.72 -1.80 -41.01
CA TYR C 153 -6.36 -1.19 -39.85
C TYR C 153 -7.86 -1.31 -39.93
N HIS C 154 -8.53 -1.27 -38.77
CA HIS C 154 -9.99 -1.03 -38.72
C HIS C 154 -10.37 -0.09 -37.58
N ILE C 155 -11.56 0.52 -37.65
CA ILE C 155 -12.11 1.26 -36.52
C ILE C 155 -13.34 0.44 -36.10
N GLN C 156 -13.27 -0.17 -34.92
CA GLN C 156 -14.27 -1.17 -34.56
C GLN C 156 -14.41 -1.18 -33.05
N TRP C 157 -15.62 -1.48 -32.58
CA TRP C 157 -15.93 -1.55 -31.15
C TRP C 157 -15.16 -2.65 -30.45
N LYS C 158 -14.63 -2.31 -29.27
CA LYS C 158 -13.88 -3.29 -28.48
C LYS C 158 -14.68 -3.53 -27.22
N PHE C 159 -14.47 -4.68 -26.58
CA PHE C 159 -14.99 -4.85 -25.23
C PHE C 159 -13.86 -5.26 -24.31
N ARG C 160 -13.65 -4.49 -23.27
CA ARG C 160 -12.77 -4.87 -22.20
C ARG C 160 -13.60 -4.79 -20.93
N ASP C 161 -13.66 -5.89 -20.22
CA ASP C 161 -14.47 -5.97 -19.03
C ASP C 161 -13.66 -5.30 -17.92
N GLU C 162 -13.48 -3.98 -18.05
CA GLU C 162 -12.80 -3.17 -17.05
C GLU C 162 -13.26 -3.49 -15.64
N GLN C 163 -12.32 -3.65 -14.73
CA GLN C 163 -12.68 -3.99 -13.36
C GLN C 163 -13.70 -3.03 -12.77
N ARG C 164 -13.36 -1.74 -12.79
CA ARG C 164 -14.33 -0.68 -12.44
C ARG C 164 -14.38 0.38 -13.55
N PRO C 165 -15.44 0.34 -14.37
CA PRO C 165 -15.63 1.36 -15.39
C PRO C 165 -15.85 2.69 -14.70
N ARG C 166 -15.21 3.75 -15.21
CA ARG C 166 -15.25 5.04 -14.56
C ARG C 166 -15.10 6.16 -15.56
N PHE C 167 -15.54 7.37 -15.20
CA PHE C 167 -15.26 8.57 -16.02
C PHE C 167 -15.89 8.53 -17.44
N GLY C 168 -17.07 7.95 -17.53
CA GLY C 168 -17.85 7.95 -18.78
C GLY C 168 -17.08 7.29 -19.88
N VAL C 169 -16.94 7.99 -21.01
CA VAL C 169 -16.23 7.43 -22.16
C VAL C 169 -14.72 7.16 -21.93
N MET C 170 -14.11 7.72 -20.88
CA MET C 170 -12.66 7.58 -20.72
C MET C 170 -12.22 6.17 -20.35
N ARG C 171 -13.03 5.52 -19.51
CA ARG C 171 -12.82 4.09 -19.19
C ARG C 171 -14.13 3.34 -19.14
N GLY C 172 -14.65 3.01 -20.31
CA GLY C 172 -15.85 2.22 -20.46
C GLY C 172 -15.49 0.79 -20.83
N ARG C 173 -16.52 -0.04 -20.95
CA ARG C 173 -16.31 -1.43 -21.35
C ARG C 173 -16.44 -1.63 -22.85
N GLU C 174 -17.53 -1.14 -23.45
CA GLU C 174 -17.72 -1.11 -24.92
C GLU C 174 -17.27 0.26 -25.39
N PHE C 175 -16.15 0.31 -26.10
CA PHE C 175 -15.50 1.57 -26.50
C PHE C 175 -14.98 1.46 -27.94
N LEU C 176 -14.76 2.59 -28.61
CA LEU C 176 -14.29 2.56 -30.02
C LEU C 176 -12.81 2.87 -30.14
N MET C 177 -12.11 1.99 -30.85
CA MET C 177 -10.70 2.14 -31.07
C MET C 177 -10.46 1.97 -32.59
N LYS C 178 -9.53 2.76 -33.13
CA LYS C 178 -8.89 2.44 -34.37
C LYS C 178 -7.60 1.69 -34.02
N ASP C 179 -7.47 0.47 -34.53
CA ASP C 179 -6.27 -0.30 -34.30
C ASP C 179 -5.66 -0.77 -35.64
N ALA C 180 -4.37 -0.44 -35.84
CA ALA C 180 -3.66 -0.80 -37.05
C ALA C 180 -2.52 -1.69 -36.66
N TYR C 181 -2.12 -2.53 -37.60
CA TYR C 181 -1.10 -3.56 -37.37
C TYR C 181 -0.19 -3.58 -38.61
N SER C 182 1.10 -3.39 -38.40
CA SER C 182 2.00 -3.42 -39.57
C SER C 182 2.74 -4.75 -39.72
N PHE C 183 3.01 -5.10 -40.99
CA PHE C 183 3.80 -6.27 -41.33
C PHE C 183 5.06 -5.92 -42.17
N ASP C 184 6.22 -6.35 -41.66
CA ASP C 184 7.52 -6.08 -42.26
C ASP C 184 8.40 -7.33 -42.20
N VAL C 185 9.38 -7.40 -43.12
CA VAL C 185 10.32 -8.51 -43.27
C VAL C 185 11.16 -8.63 -42.01
N ASP C 186 11.54 -7.47 -41.47
CA ASP C 186 12.44 -7.40 -40.34
C ASP C 186 12.27 -6.14 -39.45
N GLU C 187 13.10 -6.05 -38.41
CA GLU C 187 13.01 -4.96 -37.47
C GLU C 187 13.26 -3.59 -38.11
N ALA C 188 14.24 -3.56 -39.04
CA ALA C 188 14.55 -2.35 -39.79
C ALA C 188 13.35 -1.87 -40.62
N GLY C 189 12.67 -2.81 -41.26
CA GLY C 189 11.42 -2.49 -41.94
C GLY C 189 10.36 -2.02 -40.96
N ALA C 190 10.36 -2.61 -39.76
CA ALA C 190 9.28 -2.38 -38.81
C ALA C 190 9.38 -0.98 -38.22
N ARG C 191 10.61 -0.52 -38.03
CA ARG C 191 10.88 0.77 -37.42
C ARG C 191 10.39 1.91 -38.32
N LYS C 192 10.46 1.68 -39.63
CA LYS C 192 9.91 2.57 -40.64
C LYS C 192 8.39 2.68 -40.58
N SER C 193 7.72 1.52 -40.51
CA SER C 193 6.28 1.48 -40.37
C SER C 193 5.81 2.22 -39.15
N TYR C 194 6.57 2.09 -38.07
CA TYR C 194 6.39 2.78 -36.79
C TYR C 194 6.51 4.29 -36.91
N ASN C 195 7.55 4.76 -37.61
CA ASN C 195 7.78 6.20 -37.78
C ASN C 195 6.63 6.86 -38.55
N LYS C 196 6.02 6.10 -39.47
CA LYS C 196 4.90 6.60 -40.26
C LYS C 196 3.67 6.83 -39.39
N MET C 197 3.50 5.98 -38.38
CA MET C 197 2.35 6.06 -37.49
C MET C 197 2.58 7.12 -36.42
N PHE C 198 3.85 7.25 -36.05
CA PHE C 198 4.29 8.30 -35.13
C PHE C 198 3.88 9.68 -35.70
N VAL C 199 4.13 9.87 -37.00
CA VAL C 199 3.81 11.10 -37.73
C VAL C 199 2.29 11.23 -38.00
N ALA C 200 1.66 10.13 -38.41
CA ALA C 200 0.21 10.10 -38.60
C ALA C 200 -0.51 10.53 -37.31
N TYR C 201 0.00 10.07 -36.18
CA TYR C 201 -0.57 10.41 -34.87
C TYR C 201 -0.38 11.85 -34.45
N LEU C 202 0.80 12.43 -34.67
CA LEU C 202 0.97 13.86 -34.37
C LEU C 202 -0.06 14.64 -35.17
N ARG C 203 -0.16 14.36 -36.46
CA ARG C 203 -1.12 15.02 -37.34
C ARG C 203 -2.59 14.82 -36.92
N THR C 204 -2.95 13.58 -36.59
CA THR C 204 -4.27 13.23 -36.06
C THR C 204 -4.69 14.08 -34.85
N PHE C 205 -3.90 14.11 -33.80
CA PHE C 205 -4.37 14.80 -32.58
C PHE C 205 -4.29 16.33 -32.64
N ALA C 206 -3.31 16.87 -33.36
CA ALA C 206 -3.28 18.30 -33.71
C ALA C 206 -4.56 18.73 -34.43
N ARG C 207 -5.01 17.92 -35.40
CA ARG C 207 -6.27 18.22 -36.11
C ARG C 207 -7.52 18.28 -35.23
N MET C 208 -7.38 17.82 -33.99
CA MET C 208 -8.51 17.81 -33.06
C MET C 208 -8.40 18.91 -32.07
N GLY C 209 -7.33 19.70 -32.19
CA GLY C 209 -7.07 20.85 -31.31
C GLY C 209 -6.40 20.42 -30.01
N LEU C 210 -5.68 19.30 -30.06
CA LEU C 210 -5.03 18.75 -28.89
C LEU C 210 -3.54 18.78 -29.04
N LYS C 211 -2.87 18.89 -27.89
CA LYS C 211 -1.45 18.63 -27.80
C LYS C 211 -1.27 17.30 -27.10
N ALA C 212 -1.17 16.23 -27.89
CA ALA C 212 -0.85 14.88 -27.37
C ALA C 212 0.62 14.60 -27.56
N ILE C 213 1.40 14.65 -26.48
CA ILE C 213 2.85 14.37 -26.55
C ILE C 213 3.09 12.87 -26.65
N PRO C 214 3.99 12.44 -27.56
CA PRO C 214 4.49 11.06 -27.59
C PRO C 214 5.54 10.82 -26.48
N MET C 215 5.14 10.17 -25.41
CA MET C 215 6.04 9.96 -24.30
C MET C 215 6.56 8.55 -24.33
N ARG C 216 7.87 8.40 -24.25
CA ARG C 216 8.46 7.09 -24.05
C ARG C 216 7.63 6.31 -23.03
N ALA C 217 7.24 5.09 -23.40
CA ALA C 217 6.43 4.23 -22.58
C ALA C 217 7.09 2.86 -22.33
N GLU C 218 6.41 2.07 -21.49
CA GLU C 218 6.75 0.68 -21.16
C GLU C 218 6.94 -0.16 -22.41
N THR C 219 8.06 -0.86 -22.48
CA THR C 219 8.30 -1.82 -23.54
C THR C 219 8.08 -3.26 -23.03
N GLY C 220 8.28 -4.25 -23.90
CA GLY C 220 8.20 -5.64 -23.46
C GLY C 220 9.46 -5.99 -22.69
N PRO C 221 9.66 -7.30 -22.41
CA PRO C 221 10.89 -7.91 -21.82
C PRO C 221 12.18 -7.61 -22.58
N ILE C 222 12.10 -7.58 -23.90
CA ILE C 222 13.25 -7.28 -24.78
C ILE C 222 13.70 -5.78 -24.82
N GLY C 223 12.92 -4.90 -24.16
CA GLY C 223 13.21 -3.46 -24.10
C GLY C 223 13.25 -2.79 -25.46
N GLY C 224 14.10 -1.76 -25.58
CA GLY C 224 14.25 -0.99 -26.83
C GLY C 224 13.52 0.34 -26.79
N ASP C 225 13.28 0.92 -27.97
CA ASP C 225 12.86 2.32 -28.07
C ASP C 225 11.59 2.55 -28.88
N LEU C 226 10.84 1.47 -29.05
CA LEU C 226 9.65 1.50 -29.86
C LEU C 226 8.39 1.30 -29.02
N SER C 227 8.25 2.12 -27.99
CA SER C 227 6.95 2.26 -27.35
C SER C 227 6.73 3.69 -26.91
N HIS C 228 5.72 4.33 -27.50
CA HIS C 228 5.37 5.68 -27.13
C HIS C 228 3.88 5.70 -26.92
N GLU C 229 3.45 6.28 -25.80
CA GLU C 229 2.05 6.59 -25.55
C GLU C 229 1.89 8.06 -25.87
N PHE C 230 0.76 8.43 -26.48
CA PHE C 230 0.44 9.80 -26.82
C PHE C 230 -0.54 10.31 -25.80
N ILE C 231 -0.12 11.31 -25.05
CA ILE C 231 -0.83 11.73 -23.84
C ILE C 231 -1.19 13.21 -23.87
N VAL C 232 -2.42 13.49 -23.46
CA VAL C 232 -2.99 14.82 -23.41
C VAL C 232 -2.94 15.30 -21.95
N LEU C 233 -2.25 16.40 -21.69
CA LEU C 233 -2.11 16.84 -20.31
C LEU C 233 -3.47 17.15 -19.68
N ALA C 234 -3.64 16.63 -18.47
CA ALA C 234 -4.79 16.92 -17.62
C ALA C 234 -4.44 16.58 -16.16
N GLU C 235 -5.31 16.95 -15.21
CA GLU C 235 -5.27 16.49 -13.80
C GLU C 235 -6.37 15.45 -13.54
N THR C 236 -7.30 15.33 -14.49
CA THR C 236 -8.26 14.21 -14.54
C THR C 236 -7.67 13.04 -15.36
N GLY C 237 -6.35 12.86 -15.22
CA GLY C 237 -5.57 11.90 -16.00
C GLY C 237 -4.86 10.89 -15.14
N GLU C 238 -4.89 9.64 -15.58
CA GLU C 238 -4.36 8.53 -14.81
C GLU C 238 -2.88 8.24 -15.05
N SER C 239 -2.36 8.68 -16.19
CA SER C 239 -0.96 8.53 -16.51
C SER C 239 -0.19 9.63 -15.78
N GLY C 240 0.90 9.25 -15.12
CA GLY C 240 1.79 10.20 -14.47
C GLY C 240 2.92 10.44 -15.42
N VAL C 241 3.25 11.72 -15.67
CA VAL C 241 4.18 12.06 -16.75
C VAL C 241 5.25 13.05 -16.27
N TYR C 242 6.44 12.97 -16.84
CA TYR C 242 7.51 13.92 -16.58
C TYR C 242 7.95 14.39 -17.94
N ILE C 243 7.80 15.69 -18.20
CA ILE C 243 8.17 16.30 -19.48
C ILE C 243 9.03 17.54 -19.31
N ASP C 244 9.74 17.89 -20.37
CA ASP C 244 10.34 19.18 -20.57
C ASP C 244 9.25 20.05 -21.22
N ARG C 245 8.95 21.23 -20.66
CA ARG C 245 7.83 22.04 -21.17
C ARG C 245 7.97 22.39 -22.66
N ASP C 246 9.19 22.32 -23.17
CA ASP C 246 9.47 22.68 -24.57
C ASP C 246 8.70 21.82 -25.57
N VAL C 247 8.42 20.58 -25.18
CA VAL C 247 7.69 19.61 -26.00
C VAL C 247 6.31 20.13 -26.44
N LEU C 248 5.75 21.06 -25.64
CA LEU C 248 4.43 21.65 -25.90
C LEU C 248 4.40 22.62 -27.09
N ASN C 249 5.56 22.89 -27.68
CA ASN C 249 5.62 23.71 -28.88
C ASN C 249 6.56 23.25 -30.01
N LEU C 250 6.62 21.94 -30.27
CA LEU C 250 7.34 21.43 -31.42
C LEU C 250 6.43 21.52 -32.66
N PRO C 251 7.03 21.61 -33.87
CA PRO C 251 6.17 21.75 -35.07
C PRO C 251 5.54 20.42 -35.49
N VAL C 252 4.24 20.42 -35.78
CA VAL C 252 3.57 19.22 -36.32
C VAL C 252 3.66 19.25 -37.85
N PRO C 253 4.13 18.14 -38.46
CA PRO C 253 4.22 18.09 -39.92
C PRO C 253 2.88 18.37 -40.60
N ASP C 254 2.94 18.98 -41.79
CA ASP C 254 1.74 19.35 -42.55
C ASP C 254 1.31 18.20 -43.48
N GLU C 255 0.20 18.39 -44.18
CA GLU C 255 -0.38 17.35 -45.04
C GLU C 255 0.53 16.80 -46.15
N ASN C 256 1.68 17.46 -46.39
CA ASN C 256 2.56 17.16 -47.53
C ASN C 256 3.84 16.40 -47.19
N VAL C 257 3.94 15.95 -45.93
CA VAL C 257 5.06 15.15 -45.46
C VAL C 257 5.20 13.91 -46.33
N ASP C 258 6.42 13.55 -46.70
CA ASP C 258 6.63 12.39 -47.57
C ASP C 258 6.83 11.08 -46.79
N TYR C 259 5.73 10.30 -46.70
CA TYR C 259 5.68 9.04 -45.96
C TYR C 259 6.49 7.92 -46.58
N ASP C 260 6.82 8.10 -47.86
CA ASP C 260 7.70 7.19 -48.57
C ASP C 260 9.19 7.48 -48.35
N GLY C 261 9.50 8.53 -47.58
CA GLY C 261 10.88 8.95 -47.32
C GLY C 261 11.48 8.67 -45.96
N ASP C 262 12.51 9.44 -45.62
CA ASP C 262 13.19 9.36 -44.33
C ASP C 262 12.42 10.21 -43.33
N LEU C 263 11.86 9.60 -42.30
CA LEU C 263 11.07 10.36 -41.33
C LEU C 263 11.84 10.58 -40.06
N THR C 264 13.05 10.02 -40.00
CA THR C 264 13.94 10.16 -38.85
C THR C 264 14.15 11.59 -38.36
N PRO C 265 14.26 12.58 -39.28
CA PRO C 265 14.47 13.91 -38.72
C PRO C 265 13.21 14.49 -38.03
N ILE C 266 12.03 14.15 -38.50
CA ILE C 266 10.80 14.54 -37.81
C ILE C 266 10.73 13.90 -36.41
N ILE C 267 10.85 12.57 -36.36
CA ILE C 267 10.82 11.82 -35.09
C ILE C 267 11.85 12.37 -34.13
N LYS C 268 13.09 12.44 -34.63
CA LYS C 268 14.28 12.87 -33.88
C LYS C 268 14.07 14.23 -33.18
N GLN C 269 13.24 15.08 -33.78
CA GLN C 269 12.87 16.36 -33.17
C GLN C 269 12.04 16.17 -31.91
N TRP C 270 11.17 15.15 -31.91
CA TRP C 270 10.21 14.93 -30.83
C TRP C 270 10.76 14.07 -29.69
N THR C 271 11.77 13.28 -30.01
CA THR C 271 12.44 12.44 -29.04
C THR C 271 13.68 13.15 -28.50
N SER C 272 14.11 14.23 -29.16
CA SER C 272 15.22 15.05 -28.67
C SER C 272 14.87 15.73 -27.34
N VAL C 273 13.58 15.76 -27.02
CA VAL C 273 13.07 16.39 -25.79
C VAL C 273 12.48 15.34 -24.85
N TYR C 274 12.84 15.44 -23.57
CA TYR C 274 12.40 14.47 -22.56
C TYR C 274 10.88 14.45 -22.33
N ALA C 275 10.31 13.26 -22.53
CA ALA C 275 8.90 12.98 -22.25
C ALA C 275 8.83 11.51 -21.92
N ALA C 276 8.42 11.20 -20.71
CA ALA C 276 8.37 9.84 -20.23
C ALA C 276 7.14 9.62 -19.36
N THR C 277 6.52 8.45 -19.48
CA THR C 277 5.44 8.07 -18.57
C THR C 277 6.04 7.67 -17.22
N GLU C 278 5.23 7.71 -16.16
CA GLU C 278 5.66 7.24 -14.83
C GLU C 278 6.39 5.89 -14.86
N ASP C 279 5.89 4.95 -15.68
CA ASP C 279 6.47 3.61 -15.86
C ASP C 279 7.92 3.53 -16.35
N VAL C 280 8.45 4.59 -16.97
CA VAL C 280 9.83 4.56 -17.57
C VAL C 280 10.70 5.80 -17.26
N HIS C 281 10.13 6.73 -16.50
CA HIS C 281 10.83 7.91 -15.99
C HIS C 281 12.01 7.52 -15.11
N GLU C 282 13.14 8.21 -15.31
CA GLU C 282 14.33 8.00 -14.50
C GLU C 282 15.00 9.35 -14.19
N PRO C 283 14.96 9.78 -12.90
CA PRO C 283 15.45 11.08 -12.40
C PRO C 283 16.86 11.55 -12.82
N ALA C 284 17.84 10.65 -12.91
CA ALA C 284 19.19 11.04 -13.35
C ALA C 284 19.15 11.72 -14.69
N ARG C 285 18.36 11.15 -15.60
CA ARG C 285 18.22 11.62 -16.97
C ARG C 285 17.39 12.90 -17.01
N TYR C 286 16.36 12.99 -16.16
CA TYR C 286 15.47 14.15 -16.07
C TYR C 286 16.30 15.40 -15.82
N GLU C 287 17.02 15.42 -14.69
CA GLU C 287 17.86 16.56 -14.31
C GLU C 287 19.04 16.76 -15.24
N SER C 288 19.65 15.66 -15.68
CA SER C 288 20.77 15.74 -16.62
C SER C 288 20.48 16.51 -17.92
N GLU C 289 19.21 16.56 -18.35
CA GLU C 289 18.88 17.20 -19.63
C GLU C 289 17.66 18.14 -19.67
N VAL C 290 16.86 18.20 -18.61
CA VAL C 290 15.77 19.18 -18.55
C VAL C 290 16.11 20.28 -17.54
N PRO C 291 16.34 21.52 -18.03
CA PRO C 291 16.63 22.66 -17.16
C PRO C 291 15.48 22.86 -16.20
N GLU C 292 15.85 23.15 -14.95
CA GLU C 292 14.94 23.19 -13.82
C GLU C 292 13.57 23.86 -14.07
N ALA C 293 13.54 24.90 -14.90
CA ALA C 293 12.32 25.69 -15.14
C ALA C 293 11.35 25.06 -16.16
N ASN C 294 11.90 24.18 -17.00
CA ASN C 294 11.15 23.41 -18.01
C ASN C 294 10.55 22.10 -17.50
N ARG C 295 11.02 21.63 -16.36
CA ARG C 295 10.55 20.36 -15.78
C ARG C 295 9.11 20.46 -15.36
N LEU C 296 8.32 19.47 -15.79
CA LEU C 296 6.92 19.37 -15.38
C LEU C 296 6.52 17.89 -15.16
N ASN C 297 6.18 17.57 -13.90
CA ASN C 297 5.53 16.32 -13.54
C ASN C 297 4.10 16.73 -13.47
N THR C 298 3.24 15.99 -14.17
CA THR C 298 1.80 16.22 -14.13
C THR C 298 1.05 14.89 -14.50
N ARG C 299 -0.28 14.91 -14.61
CA ARG C 299 -1.02 13.74 -15.10
C ARG C 299 -1.35 13.88 -16.60
N GLY C 300 -2.24 13.04 -17.13
CA GLY C 300 -2.63 13.08 -18.54
C GLY C 300 -3.48 11.92 -18.97
N ILE C 301 -4.16 12.07 -20.10
CA ILE C 301 -5.01 11.04 -20.68
C ILE C 301 -4.32 10.47 -21.90
N GLU C 302 -4.21 9.13 -21.92
CA GLU C 302 -3.61 8.36 -22.97
C GLU C 302 -4.61 8.26 -24.07
N VAL C 303 -4.34 8.92 -25.20
CA VAL C 303 -5.29 8.90 -26.33
C VAL C 303 -4.84 8.00 -27.48
N GLY C 304 -3.58 7.62 -27.48
CA GLY C 304 -3.03 6.69 -28.46
C GLY C 304 -1.84 5.93 -27.90
N GLN C 305 -1.50 4.81 -28.51
CA GLN C 305 -0.22 4.18 -28.27
C GLN C 305 0.29 3.55 -29.54
N ILE C 306 1.61 3.60 -29.76
CA ILE C 306 2.23 2.85 -30.85
C ILE C 306 3.22 1.87 -30.23
N PHE C 307 3.33 0.66 -30.78
CA PHE C 307 4.10 -0.40 -30.12
C PHE C 307 4.60 -1.49 -31.09
N TYR C 308 5.92 -1.66 -31.13
CA TYR C 308 6.60 -2.73 -31.88
C TYR C 308 6.56 -4.03 -31.09
N PHE C 309 6.07 -5.11 -31.67
CA PHE C 309 6.00 -6.36 -30.93
C PHE C 309 6.77 -7.48 -31.60
N GLY C 310 7.52 -7.15 -32.65
CA GLY C 310 8.39 -8.09 -33.31
C GLY C 310 7.66 -9.32 -33.81
N THR C 311 8.27 -10.47 -33.58
CA THR C 311 7.70 -11.73 -34.03
C THR C 311 6.75 -12.37 -33.00
N LYS C 312 6.31 -11.60 -32.01
CA LYS C 312 5.46 -12.11 -30.94
C LYS C 312 4.35 -13.03 -31.46
N TYR C 313 3.63 -12.59 -32.49
CA TYR C 313 2.50 -13.33 -33.06
C TYR C 313 2.86 -14.16 -34.28
N SER C 314 3.85 -13.71 -35.06
CA SER C 314 4.24 -14.45 -36.27
C SER C 314 4.93 -15.77 -35.95
N ASP C 315 5.60 -15.83 -34.78
CA ASP C 315 6.13 -17.08 -34.23
C ASP C 315 5.10 -18.13 -33.81
N SER C 316 4.26 -17.79 -32.85
CA SER C 316 3.21 -18.76 -32.42
C SER C 316 2.26 -19.14 -33.55
N MET C 317 2.13 -18.26 -34.53
CA MET C 317 1.06 -18.38 -35.50
C MET C 317 1.56 -18.64 -36.89
N LYS C 318 2.89 -18.87 -36.98
CA LYS C 318 3.57 -19.22 -38.23
C LYS C 318 3.15 -18.33 -39.40
N ALA C 319 3.36 -17.03 -39.22
CA ALA C 319 3.13 -16.07 -40.25
C ALA C 319 4.49 -15.66 -40.79
N ASN C 320 4.98 -16.43 -41.76
CA ASN C 320 6.25 -16.18 -42.43
C ASN C 320 6.08 -15.65 -43.85
N VAL C 321 7.08 -14.90 -44.31
CA VAL C 321 7.18 -14.53 -45.72
C VAL C 321 8.54 -15.01 -46.31
N THR C 322 8.55 -15.27 -47.62
CA THR C 322 9.81 -15.54 -48.31
C THR C 322 10.56 -14.23 -48.46
N GLY C 323 11.74 -14.16 -47.84
CA GLY C 323 12.59 -12.96 -47.85
C GLY C 323 13.38 -12.76 -49.14
N PRO C 324 14.06 -11.61 -49.26
CA PRO C 324 14.84 -11.24 -50.44
C PRO C 324 16.06 -12.14 -50.63
N ASP C 325 16.43 -12.85 -49.58
CA ASP C 325 17.53 -13.84 -49.62
C ASP C 325 17.03 -15.26 -49.97
N GLY C 326 15.81 -15.36 -50.50
CA GLY C 326 15.15 -16.66 -50.77
C GLY C 326 14.66 -17.40 -49.53
N THR C 327 15.07 -16.86 -48.37
CA THR C 327 14.80 -17.37 -47.00
C THR C 327 13.31 -17.31 -46.56
N ASP C 328 12.91 -18.13 -45.58
CA ASP C 328 11.61 -18.00 -44.88
C ASP C 328 11.80 -17.62 -43.40
N ALA C 329 11.29 -16.46 -43.05
CA ALA C 329 11.46 -15.96 -41.70
C ALA C 329 10.12 -15.39 -41.25
N PRO C 330 9.82 -15.43 -39.94
CA PRO C 330 8.60 -14.82 -39.41
C PRO C 330 8.63 -13.30 -39.58
N ILE C 331 7.48 -12.72 -39.94
CA ILE C 331 7.36 -11.27 -40.08
C ILE C 331 7.52 -10.52 -38.77
N HIS C 332 7.82 -9.22 -38.89
CA HIS C 332 7.88 -8.28 -37.78
C HIS C 332 6.73 -7.28 -37.82
N GLY C 333 6.04 -7.17 -36.66
CA GLY C 333 4.82 -6.38 -36.54
C GLY C 333 4.87 -5.29 -35.49
N GLY C 334 3.93 -4.37 -35.60
CA GLY C 334 3.67 -3.36 -34.60
C GLY C 334 2.19 -3.04 -34.53
N SER C 335 1.70 -2.62 -33.37
CA SER C 335 0.31 -2.21 -33.27
C SER C 335 0.23 -0.73 -32.94
N TYR C 336 -0.83 -0.10 -33.43
CA TYR C 336 -1.06 1.34 -33.23
C TYR C 336 -2.55 1.53 -32.92
N GLY C 337 -2.83 2.07 -31.72
CA GLY C 337 -4.22 2.25 -31.28
C GLY C 337 -4.58 3.69 -31.01
N VAL C 338 -5.73 4.12 -31.53
CA VAL C 338 -6.27 5.42 -31.17
C VAL C 338 -7.59 5.18 -30.44
N GLY C 339 -7.75 5.80 -29.27
CA GLY C 339 -8.98 5.72 -28.54
C GLY C 339 -9.98 6.71 -29.05
N VAL C 340 -10.78 6.32 -30.04
CA VAL C 340 -11.70 7.22 -30.71
C VAL C 340 -12.82 7.68 -29.81
N SER C 341 -13.40 6.78 -29.04
CA SER C 341 -14.51 7.21 -28.18
C SER C 341 -13.98 7.92 -26.93
N ARG C 342 -12.81 7.50 -26.43
CA ARG C 342 -12.14 8.18 -25.32
C ARG C 342 -11.82 9.63 -25.71
N LEU C 343 -11.51 9.87 -26.98
CA LEU C 343 -11.13 11.22 -27.43
C LEU C 343 -12.22 12.27 -27.16
N LEU C 344 -13.50 11.88 -27.05
CA LEU C 344 -14.54 12.90 -26.86
C LEU C 344 -14.45 13.38 -25.43
N GLY C 345 -14.20 12.47 -24.50
CA GLY C 345 -13.82 12.84 -23.15
C GLY C 345 -12.58 13.75 -23.05
N ALA C 346 -11.46 13.36 -23.66
CA ALA C 346 -10.21 14.16 -23.61
C ALA C 346 -10.30 15.53 -24.27
N ILE C 347 -11.01 15.61 -25.40
CA ILE C 347 -11.28 16.92 -26.01
C ILE C 347 -12.04 17.79 -25.04
N ILE C 348 -13.10 17.28 -24.43
CA ILE C 348 -13.79 18.15 -23.48
C ILE C 348 -12.94 18.55 -22.25
N GLU C 349 -12.08 17.67 -21.75
CA GLU C 349 -11.17 18.04 -20.65
C GLU C 349 -10.29 19.23 -21.02
N ALA C 350 -9.69 19.16 -22.22
CA ALA C 350 -8.86 20.21 -22.78
C ALA C 350 -9.64 21.50 -23.12
N CYS C 351 -10.93 21.37 -23.46
CA CYS C 351 -11.69 22.45 -24.14
C CYS C 351 -13.11 22.71 -23.56
N HIS C 352 -13.19 23.61 -22.59
CA HIS C 352 -14.46 23.94 -21.94
C HIS C 352 -14.26 25.18 -21.11
N ASP C 353 -15.34 25.68 -20.54
CA ASP C 353 -15.27 26.78 -19.59
C ASP C 353 -16.43 26.64 -18.63
N ASP C 354 -16.79 27.71 -17.93
CA ASP C 354 -17.87 27.57 -16.95
C ASP C 354 -19.22 27.45 -17.61
N ASN C 355 -19.27 27.75 -18.91
CA ASN C 355 -20.51 27.70 -19.69
C ASN C 355 -20.65 26.47 -20.59
N GLY C 356 -19.68 25.55 -20.54
CA GLY C 356 -19.80 24.29 -21.26
C GLY C 356 -18.64 23.99 -22.20
N ILE C 357 -18.92 23.14 -23.18
CA ILE C 357 -17.96 22.69 -24.17
C ILE C 357 -17.53 23.83 -25.09
N ILE C 358 -16.26 23.80 -25.51
CA ILE C 358 -15.77 24.63 -26.62
C ILE C 358 -15.10 23.73 -27.68
N TRP C 359 -15.89 23.19 -28.61
CA TRP C 359 -15.38 22.23 -29.58
C TRP C 359 -14.35 22.88 -30.52
N PRO C 360 -13.19 22.24 -30.74
CA PRO C 360 -12.41 22.67 -31.89
C PRO C 360 -13.24 22.46 -33.16
N GLU C 361 -13.01 23.32 -34.16
CA GLU C 361 -13.88 23.45 -35.32
C GLU C 361 -14.01 22.13 -36.08
N ALA C 362 -12.94 21.34 -36.09
CA ALA C 362 -12.88 20.09 -36.87
C ALA C 362 -13.70 18.92 -36.34
N VAL C 363 -14.09 18.99 -35.08
CA VAL C 363 -14.81 17.90 -34.42
C VAL C 363 -16.19 18.33 -33.93
N ALA C 364 -16.48 19.63 -34.03
CA ALA C 364 -17.77 20.18 -33.66
C ALA C 364 -18.94 19.49 -34.38
N PRO C 365 -20.11 19.29 -33.72
CA PRO C 365 -21.21 18.58 -34.36
C PRO C 365 -21.89 19.37 -35.51
N PHE C 366 -22.00 20.69 -35.30
CA PHE C 366 -22.34 21.71 -36.28
C PHE C 366 -21.27 22.81 -36.15
N ARG C 367 -21.10 23.67 -37.16
CA ARG C 367 -20.04 24.68 -37.14
C ARG C 367 -20.54 26.06 -36.67
N VAL C 368 -21.82 26.31 -36.95
CA VAL C 368 -22.53 27.51 -36.56
C VAL C 368 -23.95 27.12 -36.19
N THR C 369 -24.47 27.69 -35.12
CA THR C 369 -25.90 27.60 -34.84
C THR C 369 -26.56 28.97 -35.00
N ILE C 370 -27.86 28.96 -35.26
CA ILE C 370 -28.62 30.19 -35.50
C ILE C 370 -29.64 30.31 -34.36
N LEU C 371 -29.55 31.38 -33.58
CA LEU C 371 -30.55 31.59 -32.53
C LEU C 371 -31.62 32.64 -32.91
N ASN C 372 -32.86 32.20 -33.09
CA ASN C 372 -33.96 33.11 -33.30
C ASN C 372 -34.42 33.58 -31.92
N LEU C 373 -34.18 34.85 -31.63
CA LEU C 373 -34.47 35.42 -30.32
C LEU C 373 -35.91 35.87 -30.13
N LYS C 374 -36.75 35.64 -31.14
CA LYS C 374 -38.22 35.80 -31.06
C LYS C 374 -39.04 34.80 -31.93
N GLN C 375 -38.93 33.51 -31.64
CA GLN C 375 -39.62 32.49 -32.40
C GLN C 375 -41.11 32.81 -32.71
N GLY C 376 -41.46 32.77 -34.00
CA GLY C 376 -42.83 33.05 -34.45
C GLY C 376 -43.07 34.52 -34.78
N ASP C 377 -42.03 35.34 -34.71
CA ASP C 377 -42.06 36.67 -35.32
C ASP C 377 -41.80 36.46 -36.82
N ALA C 378 -42.79 36.83 -37.64
CA ALA C 378 -42.74 36.61 -39.09
C ALA C 378 -41.46 37.13 -39.74
N ALA C 379 -40.93 38.23 -39.18
CA ALA C 379 -39.63 38.80 -39.59
C ALA C 379 -38.44 37.89 -39.27
N THR C 380 -38.14 37.66 -37.98
CA THR C 380 -37.05 36.75 -37.55
C THR C 380 -37.13 35.35 -38.17
N ASP C 381 -38.30 34.72 -38.10
CA ASP C 381 -38.53 33.44 -38.79
C ASP C 381 -38.04 33.46 -40.25
N ALA C 382 -38.44 34.46 -41.02
CA ALA C 382 -38.03 34.61 -42.42
C ALA C 382 -36.53 34.80 -42.60
N ALA C 383 -35.94 35.72 -41.82
CA ALA C 383 -34.50 35.93 -41.92
C ALA C 383 -33.72 34.69 -41.45
N CYS C 384 -34.24 33.96 -40.47
CA CYS C 384 -33.60 32.75 -40.00
C CYS C 384 -33.71 31.60 -40.99
N ASP C 385 -34.86 31.46 -41.64
CA ASP C 385 -35.03 30.50 -42.73
C ASP C 385 -34.07 30.78 -43.87
N GLN C 386 -33.95 32.05 -44.23
CA GLN C 386 -33.00 32.53 -45.21
C GLN C 386 -31.56 32.15 -44.85
N LEU C 387 -31.06 32.60 -43.72
CA LEU C 387 -29.70 32.23 -43.25
C LEU C 387 -29.50 30.71 -43.21
N TYR C 388 -30.47 30.02 -42.64
CA TYR C 388 -30.47 28.55 -42.61
C TYR C 388 -30.29 27.96 -44.02
N ARG C 389 -31.21 28.32 -44.92
CA ARG C 389 -31.20 27.87 -46.31
C ARG C 389 -29.94 28.27 -47.08
N GLU C 390 -29.47 29.51 -46.91
CA GLU C 390 -28.22 29.94 -47.54
C GLU C 390 -26.96 29.23 -47.04
N LEU C 391 -26.86 29.01 -45.72
CA LEU C 391 -25.68 28.38 -45.11
C LEU C 391 -25.47 26.90 -45.47
N SER C 392 -26.56 26.14 -45.53
CA SER C 392 -26.50 24.75 -45.99
C SER C 392 -26.00 24.66 -47.44
N ALA C 393 -26.53 25.55 -48.29
CA ALA C 393 -26.23 25.55 -49.71
C ALA C 393 -24.74 25.77 -49.94
N LYS C 394 -24.08 26.50 -49.05
CA LYS C 394 -22.64 26.71 -49.11
C LYS C 394 -21.83 25.63 -48.37
N GLY C 395 -22.49 24.54 -47.96
CA GLY C 395 -21.86 23.44 -47.26
C GLY C 395 -21.43 23.66 -45.80
N VAL C 396 -22.13 24.54 -45.07
CA VAL C 396 -21.85 24.75 -43.65
C VAL C 396 -22.76 23.87 -42.78
N ASP C 397 -22.17 23.11 -41.86
CA ASP C 397 -22.95 22.36 -40.86
C ASP C 397 -23.68 23.37 -40.02
N VAL C 398 -24.99 23.50 -40.22
CA VAL C 398 -25.74 24.56 -39.55
C VAL C 398 -26.90 23.97 -38.76
N LEU C 399 -26.97 24.33 -37.50
CA LEU C 399 -28.12 24.03 -36.66
C LEU C 399 -28.99 25.27 -36.56
N TYR C 400 -30.28 25.12 -36.78
CA TYR C 400 -31.16 26.24 -36.51
C TYR C 400 -31.96 26.03 -35.24
N ASP C 401 -31.62 26.75 -34.17
CA ASP C 401 -32.45 26.69 -32.96
C ASP C 401 -33.78 27.42 -33.21
N ASP C 402 -34.74 26.65 -33.72
CA ASP C 402 -36.04 27.20 -34.11
C ASP C 402 -37.14 26.87 -33.10
N THR C 403 -36.75 26.80 -31.81
CA THR C 403 -37.65 26.32 -30.78
C THR C 403 -38.31 27.46 -30.03
N ASP C 404 -39.50 27.17 -29.54
CA ASP C 404 -40.33 28.09 -28.79
C ASP C 404 -39.79 28.23 -27.36
N GLN C 405 -38.49 28.50 -27.23
CA GLN C 405 -37.93 28.77 -25.91
C GLN C 405 -37.34 30.17 -25.85
N ARG C 406 -37.37 30.77 -24.66
CA ARG C 406 -36.93 32.15 -24.46
C ARG C 406 -35.44 32.32 -24.77
N ALA C 407 -35.07 33.54 -25.21
CA ALA C 407 -33.71 33.82 -25.66
C ALA C 407 -32.64 33.36 -24.68
N GLY C 408 -32.89 33.52 -23.39
CA GLY C 408 -31.89 33.23 -22.38
C GLY C 408 -31.55 31.75 -22.27
N ALA C 409 -32.49 30.90 -22.72
CA ALA C 409 -32.35 29.45 -22.71
C ALA C 409 -31.63 29.01 -23.96
N LYS C 410 -31.91 29.68 -25.08
CA LYS C 410 -31.19 29.44 -26.34
C LYS C 410 -29.68 29.70 -26.17
N PHE C 411 -29.32 30.79 -25.49
CA PHE C 411 -27.90 31.18 -25.30
C PHE C 411 -27.19 30.13 -24.47
N ALA C 412 -27.85 29.68 -23.41
CA ALA C 412 -27.25 28.69 -22.48
C ALA C 412 -26.98 27.34 -23.16
N THR C 413 -27.98 26.82 -23.88
CA THR C 413 -27.86 25.59 -24.67
C THR C 413 -26.79 25.70 -25.77
N ALA C 414 -26.69 26.86 -26.40
CA ALA C 414 -25.72 27.05 -27.46
C ALA C 414 -24.31 27.03 -26.89
N ASP C 415 -24.13 27.60 -25.70
CA ASP C 415 -22.83 27.65 -25.00
C ASP C 415 -22.40 26.28 -24.52
N LEU C 416 -23.32 25.63 -23.82
CA LEU C 416 -23.23 24.24 -23.37
C LEU C 416 -22.80 23.26 -24.45
N ILE C 417 -23.59 23.16 -25.53
CA ILE C 417 -23.24 22.20 -26.59
C ILE C 417 -21.97 22.53 -27.40
N GLY C 418 -21.38 23.72 -27.21
CA GLY C 418 -20.05 24.02 -27.77
C GLY C 418 -19.82 24.40 -29.23
N ILE C 419 -20.90 24.63 -29.99
CA ILE C 419 -20.80 24.97 -31.43
C ILE C 419 -19.91 26.20 -31.62
N PRO C 420 -18.87 26.12 -32.47
CA PRO C 420 -17.90 27.23 -32.58
C PRO C 420 -18.44 28.68 -32.74
N TRP C 421 -19.53 28.87 -33.48
CA TRP C 421 -20.12 30.20 -33.75
C TRP C 421 -21.61 30.21 -33.48
N GLN C 422 -22.12 31.38 -33.07
CA GLN C 422 -23.56 31.56 -32.98
C GLN C 422 -23.95 32.84 -33.72
N ILE C 423 -25.18 32.87 -34.19
CA ILE C 423 -25.75 34.01 -34.90
C ILE C 423 -27.04 34.35 -34.17
N HIS C 424 -27.18 35.59 -33.74
CA HIS C 424 -28.33 35.99 -32.93
C HIS C 424 -29.22 36.91 -33.76
N VAL C 425 -30.42 36.42 -34.06
CA VAL C 425 -31.40 37.11 -34.90
C VAL C 425 -32.57 37.50 -34.00
N GLY C 426 -32.60 38.79 -33.65
CA GLY C 426 -33.75 39.38 -32.98
C GLY C 426 -34.30 40.62 -33.71
N PRO C 427 -35.58 40.97 -33.44
CA PRO C 427 -36.33 42.07 -34.04
C PRO C 427 -35.60 43.41 -34.22
N ARG C 428 -34.95 43.90 -33.16
CA ARG C 428 -34.36 45.25 -33.18
C ARG C 428 -33.12 45.39 -34.08
N GLY C 429 -32.35 44.30 -34.21
CA GLY C 429 -31.13 44.33 -35.00
C GLY C 429 -31.46 44.06 -36.45
N LEU C 430 -32.47 43.24 -36.70
CA LEU C 430 -32.83 42.83 -38.05
C LEU C 430 -33.56 43.99 -38.77
N ALA C 431 -34.42 44.71 -38.02
CA ALA C 431 -34.99 45.99 -38.43
C ALA C 431 -33.93 46.97 -38.91
N GLU C 432 -32.78 46.93 -38.26
CA GLU C 432 -31.62 47.74 -38.65
C GLU C 432 -30.74 46.95 -39.62
N GLY C 433 -31.26 45.81 -40.10
CA GLY C 433 -30.53 44.94 -41.03
C GLY C 433 -29.28 44.27 -40.49
N LYS C 434 -29.21 44.05 -39.18
CA LYS C 434 -28.02 43.46 -38.53
C LYS C 434 -28.25 42.20 -37.66
N VAL C 435 -27.41 41.18 -37.81
CA VAL C 435 -27.35 40.02 -36.89
C VAL C 435 -26.03 40.00 -36.13
N GLU C 436 -26.02 39.43 -34.92
CA GLU C 436 -24.79 39.32 -34.13
C GLU C 436 -24.09 37.98 -34.34
N LEU C 437 -22.78 38.03 -34.65
CA LEU C 437 -21.96 36.83 -34.73
C LEU C 437 -21.16 36.68 -33.45
N LYS C 438 -21.52 35.66 -32.65
CA LYS C 438 -20.74 35.34 -31.46
C LYS C 438 -19.74 34.18 -31.67
N ARG C 439 -18.48 34.42 -31.33
CA ARG C 439 -17.48 33.34 -31.30
C ARG C 439 -17.40 32.64 -29.92
N ARG C 440 -17.62 31.32 -29.90
CA ARG C 440 -17.62 30.52 -28.66
C ARG C 440 -16.28 30.49 -27.94
N SER C 441 -15.18 30.36 -28.66
CA SER C 441 -13.86 30.25 -28.06
C SER C 441 -13.73 31.29 -26.97
N ASP C 442 -13.92 32.56 -27.36
CA ASP C 442 -13.58 33.67 -26.45
C ASP C 442 -14.71 34.65 -26.11
N GLY C 443 -15.91 34.39 -26.62
CA GLY C 443 -17.06 35.24 -26.35
C GLY C 443 -17.09 36.53 -27.16
N ALA C 444 -16.18 36.66 -28.13
CA ALA C 444 -16.07 37.83 -28.99
C ALA C 444 -17.32 38.02 -29.84
N ARG C 445 -17.93 39.19 -29.69
CA ARG C 445 -19.16 39.54 -30.40
C ARG C 445 -18.91 40.62 -31.46
N GLU C 446 -19.80 40.69 -32.45
CA GLU C 446 -19.76 41.75 -33.46
C GLU C 446 -21.03 41.83 -34.32
N ASN C 447 -21.42 43.06 -34.68
CA ASN C 447 -22.58 43.28 -35.56
C ASN C 447 -22.24 43.28 -37.05
N LEU C 448 -23.10 42.64 -37.83
CA LEU C 448 -22.89 42.42 -39.26
C LEU C 448 -24.25 42.38 -39.93
N ALA C 449 -24.33 42.84 -41.17
CA ALA C 449 -25.56 42.71 -41.92
C ALA C 449 -25.75 41.27 -42.39
N LEU C 450 -27.00 40.84 -42.56
CA LEU C 450 -27.30 39.55 -43.19
C LEU C 450 -26.41 39.29 -44.40
N ALA C 451 -26.00 40.40 -45.03
CA ALA C 451 -25.16 40.40 -46.22
C ALA C 451 -23.86 39.63 -45.99
N ASP C 452 -22.97 40.19 -45.16
CA ASP C 452 -21.64 39.59 -44.97
C ASP C 452 -21.46 38.55 -43.86
N VAL C 453 -22.56 38.10 -43.25
CA VAL C 453 -22.49 37.00 -42.27
C VAL C 453 -22.32 35.62 -42.95
N VAL C 454 -23.07 35.38 -44.03
CA VAL C 454 -22.93 34.14 -44.83
C VAL C 454 -21.57 34.12 -45.51
N ALA C 455 -21.12 35.29 -45.95
CA ALA C 455 -19.85 35.45 -46.66
C ALA C 455 -18.63 35.29 -45.76
N ARG C 456 -18.82 35.50 -44.45
CA ARG C 456 -17.71 35.36 -43.49
C ARG C 456 -17.51 33.90 -43.11
N LEU C 457 -18.61 33.15 -43.00
CA LEU C 457 -18.57 31.77 -42.49
C LEU C 457 -18.39 30.76 -43.61
N THR C 458 -18.18 31.24 -44.82
CA THR C 458 -17.89 30.38 -45.95
C THR C 458 -16.52 30.72 -46.56
#